data_8WRY
#
_entry.id   8WRY
#
_cell.length_a   1.00
_cell.length_b   1.00
_cell.length_c   1.00
_cell.angle_alpha   90.00
_cell.angle_beta   90.00
_cell.angle_gamma   90.00
#
_symmetry.space_group_name_H-M   'P 1'
#
loop_
_entity.id
_entity.type
_entity.pdbx_description
1 polymer 'Lymphocyte antigen 96'
2 polymer 'Toll-like receptor 4'
3 branched 2-acetamido-2-deoxy-beta-D-glucopyranose-(1-4)-2-acetamido-2-deoxy-beta-D-glucopyranose
4 non-polymer '(3R)-3-(dodecanoyloxy)tetradecanoic acid'
5 non-polymer '(3R)-3-(tetradecanoyloxy)tetradecanoic acid'
6 non-polymer 2-acetamido-2-deoxy-beta-D-glucopyranose
7 non-polymer 2-amino-2-deoxy-4-O-phosphono-alpha-D-glucopyranose
8 non-polymer 2-(hydroxymethyl)-5-methoxy-3,6-bis(oxidanyl)pyran-4-one
#
loop_
_entity_poly.entity_id
_entity_poly.type
_entity_poly.pdbx_seq_one_letter_code
_entity_poly.pdbx_strand_id
1 'polypeptide(L)'
;EKQQWFCNSSDAIISYSYCDHLKFPISISSEPCIRLRGTNGFVHVEFIPRGNLKYLYFNLFISVNSIELPKRKEVLCHGH
DDDYSFCRALKGETVNTSIPFSFEGILFPKGHYRCVAEAIAGDTEEKLFCLNFTIIHRRDVN
;
C,D
2 'polypeptide(L)'
;NPCIEVVPNITYQCMDQKLSKVPDDIPSSTKNIDLSFNPLKILKSYSFSNFSELQWLDLSRCEIETIEDKAWHGLHHLSN
LILTGNPIQSFSPGSFSGLTSLENLVAVETKLASLESFPIGQLITLKKLNVAHNFIHSCKLPAYFSNLTNLVHVDLSYNY
IQTITVNDLQFLRENPQVNLSLDMSLNPIDFIQDQAFQGIKLHELTLRGNFNSSNIMKTCLQNLAGLHVHRLILGEFKDE
RNLEIFEPSIMEGLCDVTIDEFRLTYTNDFSDDIVKFHCLANVSAMSLAGVSIKYLEDVPKHFKWQSLSIIRCQLKQFPT
LDLPFLKSLTLTMNKGSISFKKVALPSLSYLDLSRNALSFSGCCSYSDLGTNSLRHLDLSFNGAIIMSANFMGLEELQHL
DFQHSTLKRVTEFSAFLSLEKLLYLDISYTNTKIDFDGIFLGLTSLNTLKMAGNSFKDNTLSNVFANTTNLTFLDLSKCQ
LEQISWGVFDTLHRLQLLNMSHNNLLFLDSSHYNQLYSLSTLDCSFNRIETSKGILQHFPKSLAFFNLTNNSVACICEHQ
KFLQWVKEQKQFLVNVEQMTCATPVEMNTSLVLDFNNSTCYMYK
;
B,A
#
# COMPACT_ATOMS: atom_id res chain seq x y z
N GLN A 3 42.68 -15.23 3.57
CA GLN A 3 43.90 -15.47 4.32
C GLN A 3 43.82 -14.89 5.72
N GLN A 4 43.18 -13.72 5.84
CA GLN A 4 43.08 -13.09 7.16
C GLN A 4 42.46 -14.03 8.17
N TRP A 5 41.24 -14.51 7.94
CA TRP A 5 40.59 -15.38 8.97
C TRP A 5 39.54 -16.28 8.32
N PHE A 6 39.42 -17.52 8.80
CA PHE A 6 38.49 -18.47 8.21
C PHE A 6 38.04 -19.48 9.24
N CYS A 7 36.78 -19.88 9.15
CA CYS A 7 36.19 -20.89 10.01
C CYS A 7 35.36 -21.86 9.19
N ASN A 8 35.40 -23.12 9.59
CA ASN A 8 34.63 -24.20 8.97
C ASN A 8 33.51 -24.61 9.90
N SER A 9 32.28 -24.27 9.54
CA SER A 9 31.13 -24.68 10.29
C SER A 9 30.62 -26.00 9.78
N SER A 10 29.47 -26.44 10.28
CA SER A 10 28.94 -27.74 9.86
C SER A 10 28.68 -27.77 8.36
N ASP A 11 28.11 -26.72 7.81
CA ASP A 11 27.71 -26.70 6.42
C ASP A 11 28.22 -25.50 5.64
N ALA A 12 29.13 -24.71 6.20
CA ALA A 12 29.60 -23.50 5.56
C ALA A 12 31.11 -23.43 5.71
N ILE A 13 31.74 -22.71 4.81
CA ILE A 13 33.15 -22.35 4.93
C ILE A 13 33.24 -20.84 4.74
N ILE A 14 33.63 -20.12 5.79
CA ILE A 14 33.68 -18.67 5.75
C ILE A 14 35.13 -18.22 5.83
N SER A 15 35.47 -17.21 5.04
CA SER A 15 36.81 -16.66 5.04
C SER A 15 36.73 -15.18 4.72
N TYR A 16 37.73 -14.43 5.17
CA TYR A 16 37.80 -13.03 4.82
C TYR A 16 39.26 -12.68 4.62
N SER A 17 39.47 -11.55 3.96
CA SER A 17 40.76 -11.01 3.61
C SER A 17 40.57 -9.49 3.48
N TYR A 18 41.68 -8.77 3.41
CA TYR A 18 41.57 -7.33 3.27
C TYR A 18 41.14 -6.96 1.85
N CYS A 19 40.80 -5.70 1.68
CA CYS A 19 40.34 -5.20 0.40
C CYS A 19 41.60 -4.90 -0.42
N ASP A 20 41.47 -4.37 -1.63
CA ASP A 20 42.64 -4.02 -2.41
C ASP A 20 43.10 -2.58 -2.38
N HIS A 21 42.17 -1.62 -2.39
CA HIS A 21 42.52 -0.21 -2.33
C HIS A 21 42.40 0.36 -0.92
N LEU A 22 42.32 -0.49 0.09
CA LEU A 22 42.32 -0.05 1.49
C LEU A 22 42.83 -1.19 2.34
N LYS A 23 43.85 -0.93 3.14
CA LYS A 23 44.36 -1.91 4.08
C LYS A 23 44.50 -1.23 5.43
N PHE A 24 43.40 -1.18 6.17
CA PHE A 24 43.37 -0.66 7.52
C PHE A 24 43.09 -1.80 8.47
N PRO A 25 43.94 -2.08 9.44
CA PRO A 25 43.79 -3.31 10.22
C PRO A 25 42.48 -3.33 10.98
N ILE A 26 41.91 -4.52 11.12
CA ILE A 26 40.77 -4.75 11.98
C ILE A 26 40.68 -6.24 12.27
N SER A 27 40.47 -6.60 13.53
CA SER A 27 40.30 -8.00 13.90
C SER A 27 38.83 -8.25 14.18
N ILE A 28 38.32 -9.35 13.65
CA ILE A 28 36.89 -9.66 13.73
C ILE A 28 36.74 -11.16 13.67
N SER A 29 35.85 -11.70 14.49
CA SER A 29 35.60 -13.14 14.50
C SER A 29 34.19 -13.38 15.03
N SER A 30 33.83 -14.65 15.15
CA SER A 30 32.49 -15.03 15.59
C SER A 30 32.55 -16.33 16.38
N GLU A 31 31.49 -16.57 17.14
CA GLU A 31 31.35 -17.75 17.98
C GLU A 31 29.88 -18.16 18.07
N PRO A 32 29.53 -19.36 17.62
CA PRO A 32 30.45 -20.26 16.93
C PRO A 32 30.43 -20.01 15.43
N CYS A 33 31.26 -20.71 14.67
CA CYS A 33 31.27 -20.52 13.22
C CYS A 33 29.85 -20.66 12.68
N ILE A 34 29.40 -19.63 11.96
CA ILE A 34 28.00 -19.54 11.57
C ILE A 34 27.59 -20.76 10.76
N ARG A 35 26.36 -21.22 10.98
CA ARG A 35 25.72 -22.22 10.15
C ARG A 35 24.60 -21.57 9.36
N LEU A 36 24.73 -21.53 8.04
CA LEU A 36 23.72 -20.85 7.17
C LEU A 36 22.34 -21.48 7.38
N ARG A 37 22.26 -22.54 8.19
CA ARG A 37 20.96 -23.17 8.51
C ARG A 37 20.37 -22.54 9.78
N GLY A 38 20.70 -21.27 10.04
CA GLY A 38 20.21 -20.58 11.26
C GLY A 38 21.22 -20.68 12.39
N THR A 39 21.49 -19.57 13.09
CA THR A 39 22.50 -19.59 14.14
C THR A 39 22.16 -18.55 15.19
N ASN A 40 22.88 -18.61 16.31
CA ASN A 40 22.68 -17.70 17.43
C ASN A 40 23.96 -17.63 18.23
N GLY A 41 24.60 -16.46 18.26
CA GLY A 41 25.89 -16.35 18.92
C GLY A 41 26.42 -14.94 19.05
N PHE A 42 27.75 -14.82 19.04
CA PHE A 42 28.43 -13.55 19.26
C PHE A 42 29.43 -13.28 18.15
N VAL A 43 29.74 -12.00 17.96
CA VAL A 43 30.74 -11.56 17.00
C VAL A 43 31.67 -10.59 17.71
N HIS A 44 32.95 -10.92 17.74
CA HIS A 44 33.95 -10.15 18.48
C HIS A 44 34.69 -9.22 17.55
N VAL A 45 34.89 -7.97 17.98
CA VAL A 45 35.54 -6.94 17.19
C VAL A 45 36.64 -6.31 18.01
N GLU A 46 37.74 -5.95 17.35
CA GLU A 46 38.86 -5.26 17.99
C GLU A 46 39.60 -4.44 16.94
N PHE A 47 39.68 -3.14 17.12
CA PHE A 47 40.44 -2.32 16.18
C PHE A 47 40.58 -0.91 16.74
N ILE A 48 41.09 -0.01 15.91
CA ILE A 48 41.37 1.38 16.27
C ILE A 48 40.86 2.29 15.17
N PRO A 49 39.71 2.89 15.34
CA PRO A 49 39.09 3.62 14.22
C PRO A 49 40.01 4.64 13.59
N ARG A 50 39.73 5.00 12.34
CA ARG A 50 40.30 6.16 11.69
C ARG A 50 39.23 7.19 11.35
N GLY A 51 38.05 7.03 11.93
CA GLY A 51 37.00 8.02 11.85
C GLY A 51 36.22 7.99 13.14
N ASN A 52 35.15 8.75 13.18
CA ASN A 52 34.47 8.99 14.45
C ASN A 52 33.44 7.93 14.82
N LEU A 53 33.13 6.99 13.94
CA LEU A 53 32.21 5.90 14.26
C LEU A 53 30.86 6.37 14.77
N LYS A 54 30.50 7.64 14.59
CA LYS A 54 29.22 8.09 15.10
C LYS A 54 28.10 7.92 14.09
N TYR A 55 28.38 8.11 12.80
CA TYR A 55 27.47 7.77 11.72
C TYR A 55 28.10 6.68 10.87
N LEU A 56 28.05 5.46 11.36
CA LEU A 56 28.68 4.33 10.72
C LEU A 56 27.66 3.51 9.96
N TYR A 57 27.91 3.25 8.68
CA TYR A 57 27.04 2.34 7.96
C TYR A 57 27.88 1.50 7.01
N PHE A 58 27.24 0.53 6.39
CA PHE A 58 27.93 -0.42 5.53
C PHE A 58 27.33 -0.40 4.14
N ASN A 59 28.21 -0.48 3.14
CA ASN A 59 27.83 -0.77 1.76
C ASN A 59 28.23 -2.20 1.48
N LEU A 60 27.26 -3.03 1.13
CA LEU A 60 27.48 -4.43 0.84
C LEU A 60 27.23 -4.69 -0.63
N PHE A 61 28.22 -5.27 -1.30
CA PHE A 61 28.11 -5.71 -2.69
C PHE A 61 28.22 -7.22 -2.69
N ILE A 62 27.09 -7.89 -2.90
CA ILE A 62 27.00 -9.35 -2.77
C ILE A 62 26.87 -9.96 -4.15
N SER A 63 27.30 -11.21 -4.27
CA SER A 63 27.33 -11.92 -5.54
C SER A 63 27.09 -13.40 -5.28
N VAL A 64 26.02 -13.94 -5.85
CA VAL A 64 25.64 -15.33 -5.67
C VAL A 64 25.98 -16.06 -6.96
N ASN A 65 26.91 -16.99 -6.90
CA ASN A 65 27.25 -17.81 -8.05
C ASN A 65 27.45 -16.90 -9.25
N SER A 66 28.17 -15.79 -9.03
CA SER A 66 28.44 -14.81 -10.07
C SER A 66 27.25 -14.03 -10.64
N ILE A 67 26.19 -13.85 -9.87
CA ILE A 67 25.04 -13.04 -10.27
C ILE A 67 24.88 -11.88 -9.29
N GLU A 68 25.37 -10.72 -9.66
CA GLU A 68 25.36 -9.58 -8.75
C GLU A 68 23.94 -9.24 -8.32
N LEU A 69 23.69 -9.28 -7.02
CA LEU A 69 22.49 -8.69 -6.48
C LEU A 69 22.62 -7.18 -6.56
N PRO A 70 21.57 -6.45 -6.22
CA PRO A 70 21.71 -5.00 -6.04
C PRO A 70 22.59 -4.71 -4.83
N LYS A 71 22.85 -3.43 -4.61
CA LYS A 71 23.72 -3.00 -3.53
C LYS A 71 22.91 -2.75 -2.27
N ARG A 72 23.44 -3.22 -1.12
CA ARG A 72 22.76 -3.03 0.15
C ARG A 72 23.44 -1.95 0.98
N LYS A 73 22.64 -1.23 1.76
CA LYS A 73 23.15 -0.23 2.69
C LYS A 73 22.54 -0.50 4.06
N GLU A 74 23.38 -0.82 5.04
CA GLU A 74 22.92 -1.14 6.38
C GLU A 74 23.41 -0.09 7.37
N VAL A 75 22.47 0.56 8.05
CA VAL A 75 22.81 1.57 9.03
C VAL A 75 23.01 0.91 10.39
N LEU A 76 24.13 1.21 11.05
CA LEU A 76 24.47 0.61 12.32
C LEU A 76 24.41 1.60 13.47
N CYS A 77 24.95 2.80 13.28
CA CYS A 77 24.75 3.90 14.20
C CYS A 77 24.14 5.07 13.44
N HIS A 78 23.39 5.90 14.14
CA HIS A 78 22.76 7.05 13.49
C HIS A 78 22.83 8.33 14.32
N GLY A 79 23.48 8.32 15.47
CA GLY A 79 23.69 9.54 16.21
C GLY A 79 22.85 9.74 17.45
N HIS A 80 21.57 9.38 17.39
CA HIS A 80 20.64 9.69 18.48
C HIS A 80 20.40 8.46 19.33
N ASP A 81 21.08 8.39 20.47
CA ASP A 81 20.83 7.36 21.47
C ASP A 81 20.86 5.97 20.82
N ASP A 82 22.01 5.63 20.27
CA ASP A 82 22.17 4.35 19.61
C ASP A 82 22.23 3.23 20.64
N ASP A 83 21.99 2.01 20.17
CA ASP A 83 21.88 0.87 21.05
C ASP A 83 23.21 0.22 21.38
N TYR A 84 24.28 0.56 20.58
CA TYR A 84 25.56 -0.10 20.76
C TYR A 84 26.54 0.82 21.46
N SER A 85 27.43 0.27 22.39
CA SER A 85 28.39 1.04 23.16
C SER A 85 29.49 1.66 22.32
N PHE A 86 29.85 1.03 21.21
CA PHE A 86 30.94 1.53 20.37
C PHE A 86 30.52 2.66 19.44
N CYS A 87 29.25 2.99 19.37
CA CYS A 87 28.89 4.14 18.53
C CYS A 87 29.49 5.38 19.02
N ARG A 88 30.08 5.33 20.21
CA ARG A 88 30.60 6.58 20.85
C ARG A 88 32.13 6.63 20.84
N ALA A 89 32.79 5.74 20.12
CA ALA A 89 34.24 5.79 20.03
C ALA A 89 34.67 6.93 19.11
N LEU A 90 35.95 7.30 19.25
CA LEU A 90 36.55 8.37 18.46
C LEU A 90 37.80 7.84 17.78
N LYS A 91 38.21 8.55 16.72
CA LYS A 91 39.40 8.13 15.94
C LYS A 91 40.62 8.07 16.87
N GLY A 92 41.27 6.92 16.91
CA GLY A 92 42.44 6.73 17.75
C GLY A 92 42.15 5.99 19.03
N GLU A 93 40.89 5.73 19.33
CA GLU A 93 40.49 5.12 20.59
C GLU A 93 40.23 3.64 20.38
N THR A 94 40.92 2.80 21.14
CA THR A 94 40.76 1.35 20.99
C THR A 94 39.32 0.94 21.20
N VAL A 95 38.77 0.18 20.25
CA VAL A 95 37.46 -0.43 20.37
C VAL A 95 37.64 -1.93 20.49
N ASN A 96 36.95 -2.54 21.46
CA ASN A 96 37.08 -3.97 21.70
C ASN A 96 35.77 -4.44 22.32
N THR A 97 34.96 -5.16 21.54
CA THR A 97 33.60 -5.45 21.96
C THR A 97 33.15 -6.80 21.42
N SER A 98 31.93 -7.19 21.81
CA SER A 98 31.32 -8.43 21.36
C SER A 98 29.82 -8.20 21.23
N ILE A 99 29.30 -8.42 20.02
CA ILE A 99 27.91 -8.11 19.70
C ILE A 99 27.11 -9.41 19.53
N PRO A 100 25.92 -9.50 20.10
CA PRO A 100 25.12 -10.72 19.97
C PRO A 100 24.21 -10.65 18.76
N PHE A 101 24.01 -11.81 18.14
CA PHE A 101 23.16 -11.89 16.95
C PHE A 101 22.51 -13.25 16.88
N SER A 102 21.45 -13.31 16.05
CA SER A 102 20.67 -14.57 15.85
C SER A 102 20.11 -14.41 14.43
N PHE A 103 19.81 -15.52 13.74
CA PHE A 103 19.16 -15.44 12.40
C PHE A 103 18.61 -16.86 12.19
N GLU A 104 17.47 -17.00 11.49
CA GLU A 104 16.85 -18.33 11.22
C GLU A 104 15.61 -18.17 10.35
N GLY A 105 15.36 -19.13 9.44
CA GLY A 105 14.09 -19.08 8.68
C GLY A 105 14.24 -18.94 7.17
N ILE A 106 15.47 -18.77 6.65
CA ILE A 106 15.61 -18.52 5.22
C ILE A 106 16.33 -19.70 4.60
N LEU A 107 16.02 -19.96 3.33
CA LEU A 107 16.72 -20.99 2.56
C LEU A 107 17.72 -20.29 1.64
N PHE A 108 18.93 -20.84 1.57
CA PHE A 108 20.00 -20.22 0.82
C PHE A 108 20.46 -21.15 -0.29
N PRO A 109 20.52 -20.68 -1.53
CA PRO A 109 20.99 -21.53 -2.62
C PRO A 109 22.41 -21.98 -2.35
N LYS A 110 22.67 -23.26 -2.61
CA LYS A 110 24.02 -23.74 -2.48
C LYS A 110 24.90 -23.11 -3.55
N GLY A 111 26.21 -23.17 -3.33
CA GLY A 111 27.13 -22.60 -4.28
C GLY A 111 28.29 -21.86 -3.68
N HIS A 112 28.44 -20.58 -4.04
CA HIS A 112 29.65 -19.84 -3.72
C HIS A 112 29.10 -18.42 -3.66
N TYR A 113 29.45 -17.67 -2.62
CA TYR A 113 28.93 -16.33 -2.49
C TYR A 113 30.19 -15.49 -2.33
N ARG A 114 30.05 -14.21 -2.61
CA ARG A 114 31.09 -13.24 -2.32
C ARG A 114 30.43 -11.96 -1.83
N CYS A 115 31.08 -11.28 -0.90
CA CYS A 115 30.55 -10.02 -0.40
C CYS A 115 31.69 -9.08 -0.10
N VAL A 116 31.65 -7.91 -0.73
CA VAL A 116 32.56 -6.82 -0.41
C VAL A 116 31.81 -5.87 0.49
N ALA A 117 32.26 -5.76 1.74
CA ALA A 117 31.59 -4.98 2.77
C ALA A 117 32.50 -3.83 3.16
N GLU A 118 32.11 -2.60 2.83
CA GLU A 118 32.93 -1.44 3.12
C GLU A 118 32.19 -0.55 4.10
N ALA A 119 32.88 -0.18 5.18
CA ALA A 119 32.31 0.64 6.24
C ALA A 119 32.58 2.11 5.96
N ILE A 120 31.52 2.91 5.99
CA ILE A 120 31.60 4.32 5.67
C ILE A 120 31.22 5.12 6.90
N ALA A 121 31.98 6.18 7.16
CA ALA A 121 31.68 7.14 8.21
C ALA A 121 30.74 8.07 7.45
N GLY A 122 29.51 8.19 7.96
CA GLY A 122 28.44 8.80 7.20
C GLY A 122 28.70 10.30 7.19
N ASP A 123 29.21 10.85 8.28
CA ASP A 123 29.38 12.29 8.34
C ASP A 123 30.36 12.92 7.36
N THR A 124 31.46 12.22 7.06
CA THR A 124 32.45 12.72 6.12
C THR A 124 32.63 11.86 4.89
N GLU A 125 31.86 10.78 4.75
CA GLU A 125 31.97 9.87 3.60
C GLU A 125 33.33 9.23 3.37
N GLU A 126 34.07 8.96 4.43
CA GLU A 126 35.35 8.27 4.31
C GLU A 126 35.19 6.79 4.64
N LYS A 127 36.03 5.98 4.02
CA LYS A 127 35.98 4.54 4.21
C LYS A 127 36.88 4.15 5.35
N LEU A 128 36.29 3.62 6.41
CA LEU A 128 37.07 3.16 7.55
C LEU A 128 37.82 1.87 7.26
N PHE A 129 37.24 0.99 6.45
CA PHE A 129 37.93 -0.22 6.03
C PHE A 129 37.06 -0.92 4.99
N CYS A 130 37.64 -1.94 4.37
CA CYS A 130 37.01 -2.67 3.28
C CYS A 130 37.45 -4.11 3.46
N LEU A 131 36.50 -5.03 3.44
CA LEU A 131 36.78 -6.44 3.66
C LEU A 131 36.26 -7.23 2.47
N ASN A 132 36.93 -8.33 2.18
CA ASN A 132 36.65 -9.18 1.03
C ASN A 132 36.29 -10.56 1.59
N PHE A 133 35.01 -10.88 1.59
CA PHE A 133 34.48 -12.09 2.20
C PHE A 133 34.31 -13.19 1.17
N THR A 134 34.21 -14.41 1.65
CA THR A 134 34.03 -15.55 0.75
C THR A 134 33.39 -16.67 1.54
N ILE A 135 32.19 -17.07 1.12
CA ILE A 135 31.41 -18.10 1.79
C ILE A 135 31.14 -19.20 0.79
N ILE A 136 31.33 -20.43 1.20
CA ILE A 136 31.01 -21.59 0.37
C ILE A 136 30.03 -22.45 1.15
N HIS A 137 28.81 -22.57 0.63
CA HIS A 137 27.73 -23.29 1.25
C HIS A 137 27.59 -24.66 0.59
N ARG A 138 27.59 -25.71 1.41
CA ARG A 138 27.61 -27.07 0.88
C ARG A 138 26.47 -27.91 1.44
N GLN B 3 -38.80 18.74 -13.89
CA GLN B 3 -40.25 18.78 -13.97
C GLN B 3 -40.87 17.54 -13.35
N GLN B 4 -40.23 16.38 -13.53
CA GLN B 4 -40.78 15.15 -12.96
C GLN B 4 -41.02 15.29 -11.46
N TRP B 5 -39.99 15.58 -10.67
CA TRP B 5 -40.20 15.65 -9.20
C TRP B 5 -39.15 16.54 -8.55
N PHE B 6 -39.54 17.31 -7.53
CA PHE B 6 -38.62 18.22 -6.87
C PHE B 6 -39.04 18.45 -5.42
N CYS B 7 -38.03 18.60 -4.57
CA CYS B 7 -38.23 18.87 -3.15
C CYS B 7 -37.26 19.95 -2.70
N ASN B 8 -37.75 20.81 -1.80
CA ASN B 8 -36.97 21.88 -1.20
C ASN B 8 -36.68 21.53 0.24
N SER B 9 -35.43 21.21 0.52
CA SER B 9 -34.99 20.93 1.88
C SER B 9 -34.51 22.22 2.53
N SER B 10 -33.95 22.11 3.73
CA SER B 10 -33.52 23.30 4.45
C SER B 10 -32.47 24.06 3.66
N ASP B 11 -31.51 23.36 3.07
CA ASP B 11 -30.39 24.00 2.40
C ASP B 11 -30.15 23.51 0.98
N ALA B 12 -31.06 22.72 0.42
CA ALA B 12 -30.86 22.13 -0.89
C ALA B 12 -32.16 22.29 -1.68
N ILE B 13 -32.03 22.28 -3.00
CA ILE B 13 -33.16 22.16 -3.91
C ILE B 13 -32.86 21.03 -4.87
N ILE B 14 -33.64 19.96 -4.80
CA ILE B 14 -33.40 18.78 -5.61
C ILE B 14 -34.53 18.63 -6.61
N SER B 15 -34.17 18.27 -7.84
CA SER B 15 -35.15 18.07 -8.89
C SER B 15 -34.65 16.99 -9.83
N TYR B 16 -35.58 16.31 -10.50
CA TYR B 16 -35.19 15.34 -11.49
C TYR B 16 -36.20 15.44 -12.63
N SER B 17 -35.78 14.88 -13.77
CA SER B 17 -36.54 14.84 -15.01
C SER B 17 -36.04 13.62 -15.78
N TYR B 18 -36.76 13.26 -16.84
CA TYR B 18 -36.34 12.11 -17.61
C TYR B 18 -35.14 12.46 -18.47
N CYS B 19 -34.53 11.44 -19.04
CA CYS B 19 -33.34 11.62 -19.87
C CYS B 19 -33.85 12.03 -21.24
N ASP B 20 -32.96 12.19 -22.22
CA ASP B 20 -33.39 12.53 -23.57
C ASP B 20 -33.52 11.40 -24.57
N HIS B 21 -32.61 10.43 -24.55
CA HIS B 21 -32.67 9.29 -25.46
C HIS B 21 -33.28 8.06 -24.79
N LEU B 22 -33.94 8.23 -23.65
CA LEU B 22 -34.65 7.13 -23.00
C LEU B 22 -35.74 7.73 -22.13
N LYS B 23 -36.97 7.29 -22.34
CA LYS B 23 -38.10 7.71 -21.52
C LYS B 23 -38.86 6.46 -21.09
N PHE B 24 -38.37 5.82 -20.03
CA PHE B 24 -39.03 4.67 -19.43
C PHE B 24 -39.55 5.08 -18.06
N PRO B 25 -40.83 4.97 -17.79
CA PRO B 25 -41.37 5.55 -16.55
C PRO B 25 -40.74 4.93 -15.32
N ILE B 26 -40.58 5.73 -14.29
CA ILE B 26 -40.20 5.27 -12.97
C ILE B 26 -40.55 6.34 -11.96
N SER B 27 -41.16 5.95 -10.85
CA SER B 27 -41.47 6.88 -9.78
C SER B 27 -40.50 6.67 -8.63
N ILE B 28 -39.97 7.77 -8.12
CA ILE B 28 -38.93 7.71 -7.09
C ILE B 28 -39.04 8.97 -6.25
N SER B 29 -38.89 8.82 -4.94
CA SER B 29 -38.93 9.97 -4.04
C SER B 29 -38.16 9.62 -2.79
N SER B 30 -38.16 10.55 -1.83
CA SER B 30 -37.39 10.40 -0.61
C SER B 30 -38.12 11.07 0.56
N GLU B 31 -37.75 10.68 1.76
CA GLU B 31 -38.31 11.20 3.00
C GLU B 31 -37.27 11.22 4.10
N PRO B 32 -36.93 12.38 4.64
CA PRO B 32 -37.44 13.67 4.16
C PRO B 32 -36.52 14.24 3.09
N CYS B 33 -36.89 15.38 2.49
CA CYS B 33 -36.03 15.97 1.48
C CYS B 33 -34.61 16.10 2.00
N ILE B 34 -33.66 15.54 1.26
CA ILE B 34 -32.29 15.41 1.74
C ILE B 34 -31.72 16.76 2.11
N ARG B 35 -30.94 16.81 3.19
CA ARG B 35 -30.13 17.95 3.54
C ARG B 35 -28.67 17.61 3.34
N LEU B 36 -28.01 18.30 2.40
CA LEU B 36 -26.59 18.01 2.06
C LEU B 36 -25.71 18.16 3.29
N ARG B 37 -26.29 18.59 4.42
CA ARG B 37 -25.53 18.71 5.69
C ARG B 37 -25.67 17.41 6.49
N GLY B 38 -25.86 16.28 5.81
CA GLY B 38 -26.04 14.99 6.49
C GLY B 38 -27.51 14.66 6.70
N THR B 39 -27.93 13.42 6.41
CA THR B 39 -29.34 13.08 6.51
C THR B 39 -29.48 11.60 6.84
N ASN B 40 -30.70 11.20 7.17
CA ASN B 40 -31.02 9.83 7.52
C ASN B 40 -32.50 9.59 7.26
N GLY B 41 -32.82 8.72 6.31
CA GLY B 41 -34.21 8.52 5.94
C GLY B 41 -34.47 7.39 4.98
N PHE B 42 -35.51 7.53 4.16
CA PHE B 42 -35.95 6.49 3.25
C PHE B 42 -36.09 7.03 1.84
N VAL B 43 -35.99 6.12 0.87
CA VAL B 43 -36.17 6.44 -0.54
C VAL B 43 -37.15 5.43 -1.12
N HIS B 44 -38.27 5.93 -1.66
CA HIS B 44 -39.35 5.09 -2.14
C HIS B 44 -39.25 4.94 -3.65
N VAL B 45 -39.43 3.72 -4.14
CA VAL B 45 -39.33 3.40 -5.56
C VAL B 45 -40.58 2.64 -5.99
N GLU B 46 -41.01 2.90 -7.23
CA GLU B 46 -42.16 2.20 -7.80
C GLU B 46 -42.02 2.21 -9.31
N PHE B 47 -41.96 1.04 -9.93
CA PHE B 47 -41.89 0.99 -11.39
C PHE B 47 -42.06 -0.45 -11.86
N ILE B 48 -41.84 -0.66 -13.16
CA ILE B 48 -42.03 -1.96 -13.81
C ILE B 48 -40.84 -2.24 -14.69
N PRO B 49 -39.90 -3.04 -14.25
CA PRO B 49 -38.65 -3.19 -15.00
C PRO B 49 -38.85 -3.53 -16.45
N ARG B 50 -37.84 -3.22 -17.28
CA ARG B 50 -37.73 -3.75 -18.63
C ARG B 50 -36.50 -4.63 -18.79
N GLY B 51 -35.91 -5.01 -17.67
CA GLY B 51 -34.84 -5.98 -17.64
C GLY B 51 -34.95 -6.78 -16.37
N ASN B 52 -33.97 -7.65 -16.14
CA ASN B 52 -34.11 -8.62 -15.08
C ASN B 52 -33.68 -8.13 -13.70
N LEU B 53 -33.09 -6.95 -13.59
CA LEU B 53 -32.73 -6.38 -12.29
C LEU B 53 -31.85 -7.29 -11.46
N LYS B 54 -31.23 -8.31 -12.04
CA LYS B 54 -30.42 -9.20 -11.22
C LYS B 54 -28.97 -8.74 -11.14
N TYR B 55 -28.44 -8.17 -12.22
CA TYR B 55 -27.14 -7.49 -12.22
C TYR B 55 -27.36 -6.03 -12.54
N LEU B 56 -27.81 -5.28 -11.56
CA LEU B 56 -28.15 -3.88 -11.73
C LEU B 56 -27.05 -2.99 -11.20
N TYR B 57 -26.57 -2.06 -12.02
CA TYR B 57 -25.62 -1.09 -11.51
C TYR B 57 -25.91 0.26 -12.14
N PHE B 58 -25.21 1.28 -11.67
CA PHE B 58 -25.44 2.64 -12.10
C PHE B 58 -24.16 3.24 -12.66
N ASN B 59 -24.32 3.98 -13.75
CA ASN B 59 -23.28 4.87 -14.26
C ASN B 59 -23.70 6.29 -13.92
N LEU B 60 -22.86 6.98 -13.16
CA LEU B 60 -23.13 8.34 -12.73
C LEU B 60 -22.13 9.28 -13.38
N PHE B 61 -22.65 10.29 -14.07
CA PHE B 61 -21.85 11.36 -14.66
C PHE B 61 -22.20 12.64 -13.92
N ILE B 62 -21.29 13.11 -13.07
CA ILE B 62 -21.55 14.23 -12.17
C ILE B 62 -20.78 15.43 -12.65
N SER B 63 -21.27 16.62 -12.30
CA SER B 63 -20.70 17.87 -12.77
C SER B 63 -20.91 18.91 -11.68
N VAL B 64 -19.82 19.46 -11.16
CA VAL B 64 -19.86 20.47 -10.10
C VAL B 64 -19.52 21.81 -10.72
N ASN B 65 -20.48 22.72 -10.71
CA ASN B 65 -20.25 24.07 -11.22
C ASN B 65 -19.56 23.97 -12.57
N SER B 66 -20.07 23.07 -13.41
CA SER B 66 -19.53 22.85 -14.76
C SER B 66 -18.11 22.28 -14.85
N ILE B 67 -17.66 21.53 -13.85
CA ILE B 67 -16.38 20.85 -13.89
C ILE B 67 -16.59 19.35 -13.78
N GLU B 68 -16.58 18.66 -14.91
CA GLU B 68 -16.88 17.23 -14.92
C GLU B 68 -15.92 16.46 -14.03
N LEU B 69 -16.46 15.78 -13.04
CA LEU B 69 -15.70 14.78 -12.33
C LEU B 69 -15.50 13.58 -13.25
N PRO B 70 -14.71 12.60 -12.82
CA PRO B 70 -14.68 11.33 -13.54
C PRO B 70 -16.02 10.62 -13.42
N LYS B 71 -16.13 9.49 -14.10
CA LYS B 71 -17.38 8.74 -14.14
C LYS B 71 -17.39 7.72 -13.01
N ARG B 72 -18.54 7.60 -12.33
CA ARG B 72 -18.68 6.65 -11.24
C ARG B 72 -19.52 5.44 -11.67
N LYS B 73 -19.20 4.29 -11.10
CA LYS B 73 -19.95 3.07 -11.31
C LYS B 73 -20.29 2.46 -9.96
N GLU B 74 -21.58 2.38 -9.65
CA GLU B 74 -22.03 1.86 -8.35
C GLU B 74 -22.79 0.56 -8.56
N VAL B 75 -22.31 -0.51 -7.94
CA VAL B 75 -22.97 -1.81 -8.03
C VAL B 75 -24.02 -1.92 -6.93
N LEU B 76 -25.23 -2.31 -7.31
CA LEU B 76 -26.33 -2.41 -6.37
C LEU B 76 -26.76 -3.85 -6.12
N CYS B 77 -26.88 -4.64 -7.18
CA CYS B 77 -27.04 -6.09 -7.07
C CYS B 77 -25.91 -6.76 -7.82
N HIS B 78 -25.56 -7.97 -7.40
CA HIS B 78 -24.49 -8.70 -8.04
C HIS B 78 -24.79 -10.18 -8.23
N GLY B 79 -25.98 -10.66 -7.86
CA GLY B 79 -26.34 -12.03 -8.16
C GLY B 79 -26.34 -12.99 -7.00
N HIS B 80 -25.34 -12.89 -6.12
CA HIS B 80 -25.15 -13.90 -5.07
C HIS B 80 -25.66 -13.35 -3.75
N ASP B 81 -26.86 -13.78 -3.37
CA ASP B 81 -27.42 -13.48 -2.05
C ASP B 81 -27.32 -11.99 -1.75
N ASP B 82 -28.00 -11.20 -2.58
CA ASP B 82 -27.96 -9.76 -2.40
C ASP B 82 -28.80 -9.36 -1.19
N ASP B 83 -28.56 -8.14 -0.72
CA ASP B 83 -29.17 -7.67 0.51
C ASP B 83 -30.53 -7.06 0.30
N TYR B 84 -30.92 -6.76 -0.97
CA TYR B 84 -32.16 -6.07 -1.24
C TYR B 84 -33.18 -7.02 -1.82
N SER B 85 -34.50 -6.84 -1.47
CA SER B 85 -35.57 -7.70 -1.91
C SER B 85 -35.85 -7.57 -3.40
N PHE B 86 -35.64 -6.39 -3.99
CA PHE B 86 -35.95 -6.17 -5.39
C PHE B 86 -34.89 -6.71 -6.34
N CYS B 87 -33.76 -7.19 -5.84
CA CYS B 87 -32.80 -7.77 -6.77
C CYS B 87 -33.34 -8.95 -7.45
N ARG B 88 -34.50 -9.42 -7.00
CA ARG B 88 -35.06 -10.69 -7.55
C ARG B 88 -36.27 -10.44 -8.44
N ALA B 89 -36.55 -9.19 -8.81
CA ALA B 89 -37.65 -8.93 -9.72
C ALA B 89 -37.30 -9.31 -11.14
N LEU B 90 -38.32 -9.46 -11.97
CA LEU B 90 -38.18 -9.82 -13.37
C LEU B 90 -38.88 -8.78 -14.23
N LYS B 91 -38.49 -8.75 -15.52
CA LYS B 91 -39.07 -7.77 -16.46
C LYS B 91 -40.58 -7.98 -16.53
N GLY B 92 -41.34 -6.93 -16.26
CA GLY B 92 -42.78 -6.98 -16.28
C GLY B 92 -43.41 -7.09 -14.91
N GLU B 93 -42.62 -7.27 -13.87
CA GLU B 93 -43.13 -7.49 -12.53
C GLU B 93 -43.05 -6.21 -11.73
N THR B 94 -44.18 -5.77 -11.20
CA THR B 94 -44.23 -4.52 -10.45
C THR B 94 -43.25 -4.54 -9.28
N VAL B 95 -42.41 -3.52 -9.18
CA VAL B 95 -41.54 -3.34 -8.04
C VAL B 95 -42.02 -2.11 -7.28
N ASN B 96 -42.12 -2.23 -5.96
CA ASN B 96 -42.60 -1.14 -5.12
C ASN B 96 -41.99 -1.32 -3.74
N THR B 97 -41.02 -0.46 -3.39
CA THR B 97 -40.21 -0.70 -2.21
C THR B 97 -39.79 0.62 -1.59
N SER B 98 -39.10 0.53 -0.45
CA SER B 98 -38.56 1.67 0.26
C SER B 98 -37.25 1.27 0.90
N ILE B 99 -36.18 1.98 0.55
CA ILE B 99 -34.83 1.63 0.96
C ILE B 99 -34.32 2.65 1.98
N PRO B 100 -33.71 2.21 3.08
CA PRO B 100 -33.19 3.14 4.08
C PRO B 100 -31.76 3.55 3.79
N PHE B 101 -31.46 4.80 4.11
CA PHE B 101 -30.12 5.33 3.88
C PHE B 101 -29.78 6.37 4.93
N SER B 102 -28.48 6.66 5.02
CA SER B 102 -27.95 7.66 6.00
C SER B 102 -26.67 8.17 5.33
N PHE B 103 -26.24 9.40 5.64
CA PHE B 103 -24.94 9.91 5.11
C PHE B 103 -24.63 11.09 6.04
N GLU B 104 -23.34 11.36 6.31
CA GLU B 104 -22.93 12.50 7.19
C GLU B 104 -21.39 12.59 7.24
N GLY B 105 -20.84 13.81 7.32
CA GLY B 105 -19.39 13.94 7.53
C GLY B 105 -18.63 14.64 6.40
N ILE B 106 -19.28 14.99 5.29
CA ILE B 106 -18.54 15.56 4.18
C ILE B 106 -18.98 17.00 3.99
N LEU B 107 -18.06 17.83 3.49
CA LEU B 107 -18.37 19.20 3.15
C LEU B 107 -18.52 19.30 1.64
N PHE B 108 -19.55 20.01 1.20
CA PHE B 108 -19.87 20.10 -0.21
C PHE B 108 -19.78 21.53 -0.69
N PRO B 109 -19.04 21.79 -1.76
CA PRO B 109 -18.95 23.16 -2.27
C PRO B 109 -20.32 23.66 -2.67
N LYS B 110 -20.60 24.91 -2.30
CA LYS B 110 -21.86 25.49 -2.73
C LYS B 110 -21.84 25.69 -4.24
N GLY B 111 -23.03 25.88 -4.80
CA GLY B 111 -23.12 26.07 -6.23
C GLY B 111 -24.28 25.35 -6.90
N HIS B 112 -23.96 24.52 -7.88
CA HIS B 112 -24.99 23.94 -8.76
C HIS B 112 -24.33 22.64 -9.15
N TYR B 113 -25.07 21.54 -9.08
CA TYR B 113 -24.49 20.25 -9.41
C TYR B 113 -25.45 19.70 -10.45
N ARG B 114 -24.95 18.75 -11.22
CA ARG B 114 -25.78 17.98 -12.14
C ARG B 114 -25.30 16.55 -12.13
N CYS B 115 -26.23 15.61 -12.26
CA CYS B 115 -25.87 14.21 -12.30
C CYS B 115 -26.79 13.48 -13.26
N VAL B 116 -26.20 12.84 -14.25
CA VAL B 116 -26.92 11.93 -15.13
C VAL B 116 -26.66 10.52 -14.64
N ALA B 117 -27.70 9.86 -14.15
CA ALA B 117 -27.61 8.55 -13.53
C ALA B 117 -28.37 7.57 -14.40
N GLU B 118 -27.65 6.65 -15.03
CA GLU B 118 -28.28 5.67 -15.92
C GLU B 118 -28.08 4.28 -15.35
N ALA B 119 -29.19 3.54 -15.25
CA ALA B 119 -29.18 2.20 -14.69
C ALA B 119 -28.98 1.18 -15.79
N ILE B 120 -28.01 0.30 -15.59
CA ILE B 120 -27.64 -0.70 -16.58
C ILE B 120 -27.90 -2.08 -16.01
N ALA B 121 -28.46 -2.95 -16.84
CA ALA B 121 -28.65 -4.36 -16.50
C ALA B 121 -27.30 -4.91 -16.93
N GLY B 122 -26.58 -5.50 -15.99
CA GLY B 122 -25.18 -5.81 -16.18
C GLY B 122 -25.12 -7.00 -17.12
N ASP B 123 -26.06 -7.94 -17.01
CA ASP B 123 -25.96 -9.14 -17.82
C ASP B 123 -26.09 -8.96 -19.33
N THR B 124 -26.92 -8.03 -19.78
CA THR B 124 -27.10 -7.76 -21.19
C THR B 124 -26.69 -6.36 -21.62
N GLU B 125 -26.20 -5.54 -20.71
CA GLU B 125 -25.78 -4.18 -21.02
C GLU B 125 -26.85 -3.26 -21.61
N GLU B 126 -28.11 -3.44 -21.21
CA GLU B 126 -29.18 -2.57 -21.64
C GLU B 126 -29.50 -1.55 -20.56
N LYS B 127 -29.96 -0.39 -21.01
CA LYS B 127 -30.28 0.70 -20.11
C LYS B 127 -31.73 0.60 -19.68
N LEU B 128 -31.96 0.37 -18.39
CA LEU B 128 -33.31 0.32 -17.86
C LEU B 128 -33.97 1.68 -17.80
N PHE B 129 -33.20 2.72 -17.52
CA PHE B 129 -33.74 4.08 -17.54
C PHE B 129 -32.58 5.04 -17.35
N CYS B 130 -32.86 6.32 -17.54
CA CYS B 130 -31.87 7.38 -17.48
C CYS B 130 -32.57 8.57 -16.86
N LEU B 131 -31.96 9.16 -15.84
CA LEU B 131 -32.55 10.28 -15.13
C LEU B 131 -31.59 11.46 -15.18
N ASN B 132 -32.16 12.65 -15.16
CA ASN B 132 -31.44 13.91 -15.28
C ASN B 132 -31.71 14.69 -14.00
N PHE B 133 -30.73 14.72 -13.11
CA PHE B 133 -30.86 15.30 -11.79
C PHE B 133 -30.34 16.72 -11.77
N THR B 134 -30.75 17.47 -10.76
CA THR B 134 -30.29 18.85 -10.64
C THR B 134 -30.43 19.27 -9.18
N ILE B 135 -29.30 19.58 -8.56
CA ILE B 135 -29.23 19.95 -7.15
C ILE B 135 -28.63 21.33 -7.06
N ILE B 136 -29.23 22.18 -6.25
CA ILE B 136 -28.72 23.52 -5.99
C ILE B 136 -28.52 23.64 -4.49
N HIS B 137 -27.26 23.79 -4.08
CA HIS B 137 -26.89 23.87 -2.68
C HIS B 137 -26.63 25.32 -2.31
N ARG B 138 -27.28 25.78 -1.25
CA ARG B 138 -27.24 27.18 -0.87
C ARG B 138 -26.78 27.37 0.57
N ASN C 1 -41.93 -7.81 -41.66
CA ASN C 1 -41.47 -7.80 -40.24
C ASN C 1 -41.60 -6.38 -39.68
N PRO C 2 -42.64 -6.08 -38.86
CA PRO C 2 -42.79 -4.76 -38.25
C PRO C 2 -41.85 -4.62 -37.04
N CYS C 3 -40.79 -5.43 -37.03
CA CYS C 3 -39.89 -5.44 -35.85
C CYS C 3 -38.45 -5.64 -36.27
N ILE C 4 -37.52 -5.35 -35.34
CA ILE C 4 -36.06 -5.35 -35.66
C ILE C 4 -35.39 -6.72 -35.56
N GLU C 5 -34.79 -7.19 -36.65
CA GLU C 5 -34.00 -8.40 -36.67
C GLU C 5 -32.64 -8.20 -36.04
N VAL C 6 -32.22 -9.16 -35.22
CA VAL C 6 -30.93 -9.05 -34.56
C VAL C 6 -29.97 -9.82 -35.45
N VAL C 7 -30.29 -11.09 -35.71
CA VAL C 7 -29.44 -11.93 -36.54
C VAL C 7 -30.19 -12.31 -37.81
N PRO C 8 -29.51 -12.47 -38.92
CA PRO C 8 -30.20 -12.86 -40.16
C PRO C 8 -30.99 -14.15 -40.00
N ASN C 9 -32.31 -14.07 -40.15
CA ASN C 9 -33.22 -15.21 -40.10
C ASN C 9 -33.23 -15.85 -38.71
N ILE C 10 -32.70 -15.19 -37.68
CA ILE C 10 -32.69 -15.71 -36.32
C ILE C 10 -32.75 -14.54 -35.35
N THR C 11 -33.38 -14.78 -34.19
CA THR C 11 -33.40 -13.82 -33.10
C THR C 11 -34.08 -12.52 -33.53
N TYR C 12 -35.36 -12.64 -33.83
CA TYR C 12 -36.16 -11.48 -34.27
C TYR C 12 -36.75 -10.78 -33.07
N GLN C 13 -36.01 -9.82 -32.52
CA GLN C 13 -36.46 -9.06 -31.38
C GLN C 13 -37.61 -8.15 -31.78
N CYS C 14 -38.82 -8.46 -31.32
CA CYS C 14 -39.99 -7.68 -31.71
C CYS C 14 -40.68 -7.06 -30.50
N MET C 15 -39.92 -6.43 -29.61
CA MET C 15 -40.47 -5.98 -28.35
C MET C 15 -40.98 -4.55 -28.46
N ASP C 16 -42.20 -4.33 -27.97
CA ASP C 16 -42.78 -3.01 -27.77
C ASP C 16 -43.00 -2.26 -29.09
N GLN C 17 -43.72 -2.91 -29.98
CA GLN C 17 -44.40 -2.25 -31.09
C GLN C 17 -45.89 -2.49 -30.93
N LYS C 18 -46.70 -1.53 -31.36
CA LYS C 18 -48.12 -1.69 -31.14
C LYS C 18 -48.66 -2.80 -32.02
N LEU C 19 -48.70 -4.02 -31.48
CA LEU C 19 -49.17 -5.18 -32.21
C LEU C 19 -50.44 -5.71 -31.56
N SER C 20 -51.15 -6.56 -32.29
CA SER C 20 -52.30 -7.27 -31.74
C SER C 20 -52.36 -8.71 -32.21
N LYS C 21 -51.27 -9.23 -32.78
CA LYS C 21 -51.19 -10.62 -33.20
C LYS C 21 -49.76 -10.89 -33.64
N VAL C 22 -49.31 -12.11 -33.42
CA VAL C 22 -47.96 -12.45 -33.87
C VAL C 22 -47.84 -12.16 -35.35
N PRO C 23 -46.77 -11.51 -35.81
CA PRO C 23 -46.67 -11.17 -37.23
C PRO C 23 -46.66 -12.42 -38.10
N ASP C 24 -47.25 -12.30 -39.29
CA ASP C 24 -47.30 -13.42 -40.23
C ASP C 24 -46.05 -13.51 -41.08
N ASP C 25 -45.34 -12.41 -41.29
CA ASP C 25 -44.20 -12.39 -42.18
C ASP C 25 -42.91 -12.84 -41.53
N ILE C 26 -42.93 -13.18 -40.25
CA ILE C 26 -41.72 -13.62 -39.56
C ILE C 26 -41.30 -14.95 -40.14
N PRO C 27 -40.07 -15.10 -40.61
CA PRO C 27 -39.67 -16.34 -41.27
C PRO C 27 -39.64 -17.50 -40.31
N SER C 28 -39.98 -18.68 -40.81
CA SER C 28 -39.71 -19.90 -40.06
C SER C 28 -38.21 -20.11 -39.99
N SER C 29 -37.80 -21.19 -39.34
CA SER C 29 -36.39 -21.43 -39.04
C SER C 29 -35.82 -20.41 -38.06
N THR C 30 -36.70 -19.52 -37.57
CA THR C 30 -36.27 -18.54 -36.53
C THR C 30 -36.18 -19.31 -35.21
N LYS C 31 -35.47 -18.77 -34.23
CA LYS C 31 -35.29 -19.57 -32.99
C LYS C 31 -35.70 -18.78 -31.74
N ASN C 32 -35.59 -17.44 -31.75
CA ASN C 32 -35.86 -16.67 -30.53
C ASN C 32 -36.73 -15.49 -30.90
N ILE C 33 -37.96 -15.47 -30.37
CA ILE C 33 -38.92 -14.35 -30.63
C ILE C 33 -39.25 -13.69 -29.29
N ASP C 34 -39.37 -12.35 -29.26
CA ASP C 34 -39.65 -11.61 -27.99
C ASP C 34 -40.80 -10.63 -28.21
N LEU C 35 -42.03 -11.00 -27.82
CA LEU C 35 -43.19 -10.12 -27.95
C LEU C 35 -43.57 -9.65 -26.57
N SER C 36 -42.90 -8.61 -26.10
CA SER C 36 -43.09 -8.09 -24.75
C SER C 36 -43.71 -6.70 -24.82
N PHE C 37 -44.68 -6.46 -23.97
CA PHE C 37 -45.34 -5.18 -23.83
C PHE C 37 -46.24 -4.84 -25.02
N ASN C 38 -46.29 -5.71 -26.02
CA ASN C 38 -47.27 -5.50 -27.09
C ASN C 38 -48.68 -5.72 -26.53
N PRO C 39 -49.65 -5.00 -27.03
CA PRO C 39 -51.00 -5.05 -26.45
C PRO C 39 -51.89 -6.17 -26.99
N LEU C 40 -51.33 -7.37 -27.08
CA LEU C 40 -52.18 -8.53 -27.35
C LEU C 40 -53.24 -8.63 -26.26
N LYS C 41 -54.34 -9.31 -26.55
CA LYS C 41 -55.36 -9.50 -25.55
C LYS C 41 -55.96 -10.90 -25.53
N ILE C 42 -55.60 -11.75 -26.47
CA ILE C 42 -56.08 -13.13 -26.49
C ILE C 42 -55.24 -13.91 -27.47
N LEU C 43 -54.90 -15.14 -27.09
CA LEU C 43 -54.22 -16.04 -27.99
C LEU C 43 -55.24 -16.86 -28.76
N LYS C 44 -54.93 -17.16 -30.02
CA LYS C 44 -55.88 -17.81 -30.90
C LYS C 44 -55.27 -19.08 -31.49
N SER C 45 -56.14 -20.02 -31.82
CA SER C 45 -55.71 -21.34 -32.22
C SER C 45 -54.72 -21.29 -33.38
N TYR C 46 -53.72 -22.16 -33.33
CA TYR C 46 -52.77 -22.38 -34.42
C TYR C 46 -51.94 -21.15 -34.75
N SER C 47 -52.10 -20.05 -34.00
CA SER C 47 -51.42 -18.81 -34.35
C SER C 47 -49.92 -18.99 -34.51
N PHE C 48 -49.34 -19.95 -33.81
CA PHE C 48 -47.90 -20.21 -33.92
C PHE C 48 -47.60 -21.43 -34.79
N SER C 49 -48.54 -21.88 -35.62
CA SER C 49 -48.36 -23.14 -36.39
C SER C 49 -47.01 -23.28 -37.12
N ASN C 50 -46.63 -22.30 -37.96
CA ASN C 50 -45.41 -22.47 -38.80
C ASN C 50 -44.11 -22.41 -38.02
N PHE C 51 -44.12 -21.91 -36.79
CA PHE C 51 -42.84 -21.76 -36.05
C PHE C 51 -42.42 -23.13 -35.49
N SER C 52 -42.29 -24.14 -36.36
CA SER C 52 -41.82 -25.42 -35.85
C SER C 52 -40.30 -25.43 -35.86
N GLU C 53 -39.70 -24.35 -35.38
CA GLU C 53 -38.30 -24.33 -35.03
C GLU C 53 -38.01 -23.44 -33.83
N LEU C 54 -39.04 -22.84 -33.24
CA LEU C 54 -38.85 -21.85 -32.18
C LEU C 54 -38.51 -22.56 -30.89
N GLN C 55 -37.59 -21.99 -30.11
CA GLN C 55 -37.19 -22.61 -28.86
C GLN C 55 -36.99 -21.60 -27.74
N TRP C 56 -37.48 -20.38 -27.89
CA TRP C 56 -37.44 -19.41 -26.81
C TRP C 56 -38.47 -18.33 -27.10
N LEU C 57 -39.58 -18.35 -26.38
CA LEU C 57 -40.67 -17.41 -26.60
C LEU C 57 -40.94 -16.66 -25.31
N ASP C 58 -41.15 -15.35 -25.42
CA ASP C 58 -41.35 -14.48 -24.27
C ASP C 58 -42.59 -13.62 -24.50
N LEU C 59 -43.56 -13.72 -23.60
CA LEU C 59 -44.77 -12.90 -23.66
C LEU C 59 -45.00 -12.26 -22.30
N SER C 60 -44.33 -11.14 -22.05
CA SER C 60 -44.38 -10.48 -20.76
C SER C 60 -45.14 -9.17 -20.87
N ARG C 61 -46.04 -8.93 -19.92
CA ARG C 61 -46.81 -7.65 -19.87
C ARG C 61 -47.72 -7.51 -21.09
N CYS C 62 -47.91 -8.56 -21.90
CA CYS C 62 -48.91 -8.44 -22.93
C CYS C 62 -50.17 -8.60 -22.10
N GLU C 63 -51.27 -8.05 -22.58
CA GLU C 63 -52.47 -8.01 -21.75
C GLU C 63 -53.28 -9.22 -22.20
N ILE C 64 -52.67 -10.39 -22.29
CA ILE C 64 -53.32 -11.68 -22.37
C ILE C 64 -54.26 -11.93 -21.21
N GLU C 65 -55.53 -12.15 -21.51
CA GLU C 65 -56.55 -12.35 -20.49
C GLU C 65 -57.31 -13.65 -20.63
N THR C 66 -57.17 -14.33 -21.76
CA THR C 66 -57.74 -15.64 -21.99
C THR C 66 -56.86 -16.38 -22.98
N ILE C 67 -57.14 -17.66 -23.17
CA ILE C 67 -56.38 -18.48 -24.10
C ILE C 67 -57.31 -19.44 -24.83
N GLU C 68 -57.14 -19.54 -26.14
CA GLU C 68 -57.91 -20.49 -26.91
C GLU C 68 -57.39 -21.90 -26.68
N ASP C 69 -58.22 -22.89 -26.99
CA ASP C 69 -57.90 -24.27 -26.66
C ASP C 69 -56.56 -24.67 -27.27
N LYS C 70 -56.45 -24.65 -28.59
CA LYS C 70 -55.23 -25.07 -29.27
C LYS C 70 -54.30 -23.88 -29.51
N ALA C 71 -54.00 -23.14 -28.45
CA ALA C 71 -53.18 -21.95 -28.60
C ALA C 71 -51.79 -22.30 -29.08
N TRP C 72 -51.04 -23.07 -28.29
CA TRP C 72 -49.66 -23.39 -28.62
C TRP C 72 -49.58 -24.68 -29.43
N HIS C 73 -50.32 -24.74 -30.53
CA HIS C 73 -50.48 -25.99 -31.25
C HIS C 73 -49.17 -26.48 -31.85
N GLY C 74 -48.63 -25.73 -32.81
CA GLY C 74 -47.53 -26.24 -33.58
C GLY C 74 -46.16 -26.17 -32.95
N LEU C 75 -46.05 -25.79 -31.68
CA LEU C 75 -44.75 -25.62 -31.05
C LEU C 75 -44.23 -26.98 -30.59
N HIS C 76 -43.12 -27.42 -31.17
CA HIS C 76 -42.58 -28.74 -30.89
C HIS C 76 -41.24 -28.73 -30.20
N HIS C 77 -40.47 -27.65 -30.30
CA HIS C 77 -39.15 -27.59 -29.71
C HIS C 77 -39.01 -26.45 -28.72
N LEU C 78 -40.12 -25.82 -28.33
CA LEU C 78 -40.10 -24.71 -27.40
C LEU C 78 -39.62 -25.20 -26.04
N SER C 79 -38.55 -24.60 -25.54
CA SER C 79 -38.07 -24.99 -24.22
C SER C 79 -38.41 -24.00 -23.11
N ASN C 80 -38.28 -22.71 -23.37
CA ASN C 80 -38.48 -21.68 -22.35
C ASN C 80 -39.69 -20.86 -22.75
N LEU C 81 -40.71 -20.87 -21.91
CA LEU C 81 -41.90 -20.06 -22.11
C LEU C 81 -42.10 -19.18 -20.89
N ILE C 82 -42.12 -17.87 -21.10
CA ILE C 82 -42.28 -16.89 -20.02
C ILE C 82 -43.65 -16.26 -20.17
N LEU C 83 -44.31 -15.99 -19.04
CA LEU C 83 -45.66 -15.43 -19.07
C LEU C 83 -45.88 -14.37 -18.01
N THR C 84 -44.81 -13.75 -17.53
CA THR C 84 -44.93 -12.81 -16.43
C THR C 84 -45.89 -11.68 -16.77
N GLY C 85 -46.71 -11.29 -15.80
CA GLY C 85 -47.51 -10.09 -15.90
C GLY C 85 -48.92 -10.28 -16.41
N ASN C 86 -49.15 -11.24 -17.30
CA ASN C 86 -50.46 -11.39 -17.93
C ASN C 86 -51.50 -11.81 -16.91
N PRO C 87 -52.64 -11.13 -16.82
CA PRO C 87 -53.66 -11.46 -15.81
C PRO C 87 -54.55 -12.62 -16.23
N ILE C 88 -53.94 -13.78 -16.47
CA ILE C 88 -54.68 -15.01 -16.77
C ILE C 88 -55.16 -15.60 -15.46
N GLN C 89 -56.35 -15.22 -15.01
CA GLN C 89 -56.75 -15.60 -13.66
C GLN C 89 -56.95 -17.10 -13.53
N SER C 90 -57.71 -17.71 -14.44
CA SER C 90 -58.06 -19.12 -14.36
C SER C 90 -57.51 -19.84 -15.58
N PHE C 91 -56.68 -20.86 -15.35
CA PHE C 91 -56.14 -21.68 -16.42
C PHE C 91 -57.07 -22.86 -16.61
N SER C 92 -58.06 -22.70 -17.49
CA SER C 92 -58.97 -23.80 -17.77
C SER C 92 -58.22 -24.99 -18.33
N PRO C 93 -58.74 -26.20 -18.16
CA PRO C 93 -58.01 -27.39 -18.61
C PRO C 93 -57.63 -27.29 -20.08
N GLY C 94 -56.79 -28.23 -20.50
CA GLY C 94 -56.37 -28.32 -21.88
C GLY C 94 -55.47 -27.22 -22.38
N SER C 95 -54.94 -26.38 -21.50
CA SER C 95 -54.03 -25.33 -21.94
C SER C 95 -52.70 -26.03 -21.72
N PHE C 96 -51.65 -25.48 -22.33
CA PHE C 96 -50.33 -26.12 -22.30
C PHE C 96 -50.36 -27.47 -22.98
N SER C 97 -51.39 -27.74 -23.78
CA SER C 97 -51.53 -29.05 -24.40
C SER C 97 -50.45 -29.29 -25.44
N GLY C 98 -50.43 -28.48 -26.50
CA GLY C 98 -49.51 -28.72 -27.59
C GLY C 98 -48.05 -28.80 -27.18
N LEU C 99 -47.67 -28.10 -26.12
CA LEU C 99 -46.27 -28.07 -25.70
C LEU C 99 -45.82 -29.47 -25.31
N THR C 100 -44.70 -29.91 -25.85
CA THR C 100 -44.22 -31.25 -25.60
C THR C 100 -42.75 -31.33 -25.24
N SER C 101 -42.06 -30.20 -25.13
CA SER C 101 -40.68 -30.23 -24.65
C SER C 101 -40.37 -29.08 -23.72
N LEU C 102 -41.38 -28.43 -23.16
CA LEU C 102 -41.18 -27.29 -22.28
C LEU C 102 -40.30 -27.69 -21.10
N GLU C 103 -39.26 -26.90 -20.85
CA GLU C 103 -38.34 -27.18 -19.77
C GLU C 103 -38.34 -26.13 -18.67
N ASN C 104 -38.97 -24.98 -18.88
CA ASN C 104 -38.90 -23.91 -17.90
C ASN C 104 -40.13 -23.03 -18.08
N LEU C 105 -41.13 -23.23 -17.24
CA LEU C 105 -42.34 -22.42 -17.28
C LEU C 105 -42.27 -21.36 -16.20
N VAL C 106 -42.51 -20.11 -16.58
CA VAL C 106 -42.49 -18.98 -15.66
C VAL C 106 -43.86 -18.33 -15.68
N ALA C 107 -44.56 -18.36 -14.55
CA ALA C 107 -45.91 -17.83 -14.46
C ALA C 107 -46.03 -16.87 -13.30
N VAL C 108 -45.11 -15.93 -13.22
CA VAL C 108 -45.08 -14.97 -12.13
C VAL C 108 -46.16 -13.92 -12.33
N GLU C 109 -46.89 -13.62 -11.27
CA GLU C 109 -47.85 -12.52 -11.24
C GLU C 109 -48.95 -12.69 -12.30
N THR C 110 -49.52 -13.88 -12.37
CA THR C 110 -50.66 -14.14 -13.24
C THR C 110 -51.94 -14.34 -12.43
N LYS C 111 -52.08 -13.59 -11.34
CA LYS C 111 -53.30 -13.66 -10.51
C LYS C 111 -53.73 -15.12 -10.37
N LEU C 112 -52.77 -16.00 -10.04
CA LEU C 112 -53.10 -17.44 -9.80
C LEU C 112 -53.89 -17.51 -8.50
N ALA C 113 -54.39 -18.69 -8.12
CA ALA C 113 -55.07 -18.78 -6.82
C ALA C 113 -54.64 -20.04 -6.08
N SER C 114 -54.22 -21.08 -6.82
CA SER C 114 -53.96 -22.34 -6.15
C SER C 114 -53.16 -23.21 -7.11
N LEU C 115 -52.43 -24.16 -6.53
CA LEU C 115 -51.54 -24.98 -7.34
C LEU C 115 -52.18 -26.29 -7.79
N GLU C 116 -53.42 -26.55 -7.38
CA GLU C 116 -54.12 -27.75 -7.81
C GLU C 116 -54.88 -27.52 -9.12
N SER C 117 -55.54 -26.38 -9.25
CA SER C 117 -56.20 -26.01 -10.49
C SER C 117 -55.17 -25.39 -11.45
N PHE C 118 -54.18 -26.19 -11.80
CA PHE C 118 -53.09 -25.75 -12.68
C PHE C 118 -52.79 -26.87 -13.64
N PRO C 119 -53.39 -26.84 -14.83
CA PRO C 119 -53.35 -28.01 -15.71
C PRO C 119 -51.99 -28.25 -16.33
N ILE C 120 -51.02 -28.68 -15.53
CA ILE C 120 -49.69 -28.98 -16.05
C ILE C 120 -49.36 -30.47 -15.87
N GLY C 121 -50.37 -31.30 -15.60
CA GLY C 121 -50.12 -32.68 -15.27
C GLY C 121 -49.29 -33.44 -16.27
N GLN C 122 -49.39 -33.11 -17.54
CA GLN C 122 -48.75 -33.91 -18.58
C GLN C 122 -47.42 -33.35 -19.05
N LEU C 123 -47.02 -32.18 -18.60
CA LEU C 123 -45.74 -31.63 -19.02
C LEU C 123 -44.62 -32.39 -18.34
N ILE C 124 -44.21 -33.51 -18.93
CA ILE C 124 -43.38 -34.47 -18.22
C ILE C 124 -41.91 -34.18 -18.43
N THR C 125 -41.59 -32.98 -18.90
CA THR C 125 -40.20 -32.59 -19.08
C THR C 125 -39.83 -31.36 -18.25
N LEU C 126 -40.80 -30.78 -17.54
CA LEU C 126 -40.61 -29.50 -16.87
C LEU C 126 -39.52 -29.62 -15.81
N LYS C 127 -38.45 -28.85 -15.97
CA LYS C 127 -37.40 -28.81 -14.96
C LYS C 127 -37.76 -27.84 -13.85
N LYS C 128 -37.90 -26.56 -14.18
CA LYS C 128 -38.18 -25.52 -13.21
C LYS C 128 -39.64 -25.14 -13.25
N LEU C 129 -40.07 -24.46 -12.19
CA LEU C 129 -41.42 -23.90 -12.12
C LEU C 129 -41.37 -22.71 -11.19
N ASN C 130 -41.93 -21.59 -11.62
CA ASN C 130 -41.84 -20.34 -10.87
C ASN C 130 -43.22 -19.72 -10.80
N VAL C 131 -43.81 -19.66 -9.61
CA VAL C 131 -45.14 -19.10 -9.45
C VAL C 131 -45.11 -18.10 -8.31
N ALA C 132 -44.06 -17.30 -8.23
CA ALA C 132 -43.95 -16.33 -7.15
C ALA C 132 -44.92 -15.20 -7.44
N HIS C 133 -45.38 -14.56 -6.37
CA HIS C 133 -46.18 -13.34 -6.48
C HIS C 133 -47.51 -13.72 -7.11
N ASN C 134 -48.23 -14.66 -6.49
CA ASN C 134 -49.33 -15.33 -7.18
C ASN C 134 -50.47 -15.70 -6.25
N PHE C 135 -50.71 -14.94 -5.18
CA PHE C 135 -51.96 -15.12 -4.46
C PHE C 135 -52.14 -16.49 -3.80
N ILE C 136 -51.17 -17.39 -3.93
CA ILE C 136 -51.36 -18.73 -3.41
C ILE C 136 -51.49 -18.69 -1.89
N HIS C 137 -52.19 -19.69 -1.34
CA HIS C 137 -52.52 -19.69 0.07
C HIS C 137 -52.09 -20.93 0.82
N SER C 138 -51.66 -21.99 0.14
CA SER C 138 -51.36 -23.24 0.79
C SER C 138 -50.15 -23.90 0.14
N CYS C 139 -49.18 -24.30 0.96
CA CYS C 139 -48.00 -25.01 0.49
C CYS C 139 -48.30 -26.41 0.00
N LYS C 140 -49.55 -26.85 0.09
CA LYS C 140 -49.91 -28.21 -0.29
C LYS C 140 -49.41 -28.52 -1.69
N LEU C 141 -48.52 -29.50 -1.79
CA LEU C 141 -48.08 -29.97 -3.09
C LEU C 141 -49.16 -30.87 -3.67
N PRO C 142 -49.55 -30.69 -4.93
CA PRO C 142 -50.61 -31.51 -5.50
C PRO C 142 -50.10 -32.88 -5.92
N ALA C 143 -51.03 -33.82 -6.03
CA ALA C 143 -50.65 -35.20 -6.28
C ALA C 143 -50.02 -35.39 -7.64
N TYR C 144 -50.53 -34.71 -8.68
CA TYR C 144 -50.04 -34.95 -10.03
C TYR C 144 -48.54 -34.75 -10.15
N PHE C 145 -47.89 -34.18 -9.15
CA PHE C 145 -46.44 -34.08 -9.18
C PHE C 145 -45.78 -35.42 -9.42
N SER C 146 -46.45 -36.52 -9.04
CA SER C 146 -45.87 -37.84 -9.27
C SER C 146 -45.58 -38.07 -10.75
N ASN C 147 -46.28 -37.35 -11.63
CA ASN C 147 -46.05 -37.49 -13.06
C ASN C 147 -44.88 -36.68 -13.60
N LEU C 148 -44.54 -35.58 -12.93
CA LEU C 148 -43.56 -34.62 -13.43
C LEU C 148 -42.25 -35.13 -12.87
N THR C 149 -41.77 -36.25 -13.42
CA THR C 149 -40.65 -36.94 -12.80
C THR C 149 -39.43 -36.05 -12.66
N ASN C 150 -39.09 -35.31 -13.71
CA ASN C 150 -37.84 -34.55 -13.72
C ASN C 150 -38.10 -33.08 -13.37
N LEU C 151 -38.57 -32.84 -12.15
CA LEU C 151 -38.79 -31.50 -11.63
C LEU C 151 -37.89 -31.30 -10.43
N VAL C 152 -37.03 -30.28 -10.49
CA VAL C 152 -35.99 -30.09 -9.48
C VAL C 152 -35.96 -28.69 -8.91
N HIS C 153 -37.05 -27.94 -9.01
CA HIS C 153 -37.08 -26.65 -8.34
C HIS C 153 -38.50 -26.10 -8.39
N VAL C 154 -38.95 -25.55 -7.27
CA VAL C 154 -40.24 -24.87 -7.20
C VAL C 154 -40.05 -23.61 -6.38
N ASP C 155 -40.62 -22.51 -6.86
CA ASP C 155 -40.42 -21.21 -6.24
C ASP C 155 -41.77 -20.63 -5.86
N LEU C 156 -42.05 -20.57 -4.56
CA LEU C 156 -43.32 -20.04 -4.06
C LEU C 156 -43.15 -18.70 -3.37
N SER C 157 -42.05 -18.01 -3.64
CA SER C 157 -41.73 -16.79 -2.92
C SER C 157 -42.83 -15.76 -3.08
N TYR C 158 -43.02 -14.95 -2.04
CA TYR C 158 -43.84 -13.75 -2.12
C TYR C 158 -45.31 -14.08 -2.36
N ASN C 159 -45.78 -15.14 -1.72
CA ASN C 159 -47.17 -15.57 -1.79
C ASN C 159 -47.84 -15.28 -0.44
N TYR C 160 -49.07 -15.74 -0.28
CA TYR C 160 -49.85 -15.48 0.92
C TYR C 160 -49.85 -16.65 1.89
N ILE C 161 -48.88 -17.56 1.76
CA ILE C 161 -48.84 -18.72 2.63
C ILE C 161 -48.81 -18.27 4.08
N GLN C 162 -49.56 -18.96 4.91
CA GLN C 162 -49.73 -18.56 6.31
C GLN C 162 -49.36 -19.64 7.29
N THR C 163 -49.62 -20.90 6.98
CA THR C 163 -49.33 -22.00 7.88
C THR C 163 -48.94 -23.22 7.07
N ILE C 164 -48.23 -24.13 7.73
CA ILE C 164 -47.88 -25.42 7.16
C ILE C 164 -48.55 -26.49 8.00
N THR C 165 -48.99 -27.57 7.35
CA THR C 165 -49.72 -28.63 8.02
C THR C 165 -49.12 -29.98 7.64
N VAL C 166 -49.48 -30.99 8.40
CA VAL C 166 -48.89 -32.31 8.20
C VAL C 166 -49.26 -32.90 6.86
N ASN C 167 -50.47 -32.63 6.36
CA ASN C 167 -50.87 -33.21 5.08
C ASN C 167 -50.30 -32.50 3.86
N ASP C 168 -49.61 -31.38 4.06
CA ASP C 168 -48.88 -30.79 2.96
C ASP C 168 -47.58 -31.59 3.05
N LEU C 169 -46.75 -31.47 2.00
CA LEU C 169 -45.49 -32.26 1.92
C LEU C 169 -45.78 -33.75 2.18
N GLN C 170 -47.05 -34.16 2.10
CA GLN C 170 -47.38 -35.60 2.21
C GLN C 170 -46.67 -36.26 1.04
N PHE C 171 -46.89 -35.74 -0.18
CA PHE C 171 -46.22 -36.28 -1.40
C PHE C 171 -44.76 -36.62 -1.08
N LEU C 172 -44.04 -35.69 -0.46
CA LEU C 172 -42.60 -35.91 -0.16
C LEU C 172 -42.41 -37.07 0.82
N ARG C 173 -43.37 -37.33 1.73
CA ARG C 173 -43.19 -38.51 2.61
C ARG C 173 -43.33 -39.79 1.79
N GLU C 174 -44.41 -39.91 1.00
CA GLU C 174 -44.66 -41.13 0.25
C GLU C 174 -43.64 -41.34 -0.86
N ASN C 175 -42.98 -40.28 -1.30
CA ASN C 175 -41.99 -40.35 -2.38
C ASN C 175 -40.63 -39.95 -1.85
N PRO C 176 -39.88 -40.88 -1.27
CA PRO C 176 -38.56 -40.55 -0.72
C PRO C 176 -37.46 -40.43 -1.75
N GLN C 177 -37.80 -40.34 -3.04
CA GLN C 177 -36.79 -40.23 -4.09
C GLN C 177 -36.81 -38.89 -4.82
N VAL C 178 -37.87 -38.11 -4.70
CA VAL C 178 -37.94 -36.84 -5.40
C VAL C 178 -36.86 -35.90 -4.88
N ASN C 179 -36.05 -35.38 -5.79
CA ASN C 179 -34.94 -34.49 -5.44
C ASN C 179 -35.39 -33.05 -5.67
N LEU C 180 -36.24 -32.58 -4.77
CA LEU C 180 -36.89 -31.29 -4.93
C LEU C 180 -36.13 -30.21 -4.18
N SER C 181 -36.33 -28.96 -4.62
CA SER C 181 -35.69 -27.79 -4.03
C SER C 181 -36.75 -26.74 -3.79
N LEU C 182 -37.09 -26.51 -2.54
CA LEU C 182 -38.20 -25.62 -2.23
C LEU C 182 -37.70 -24.19 -2.01
N ASP C 183 -38.65 -23.27 -1.86
CA ASP C 183 -38.33 -21.86 -1.62
C ASP C 183 -39.59 -21.17 -1.17
N MET C 184 -39.55 -20.47 -0.05
CA MET C 184 -40.75 -19.84 0.50
C MET C 184 -40.46 -18.47 1.06
N SER C 185 -39.48 -17.77 0.50
CA SER C 185 -39.12 -16.47 1.03
C SER C 185 -40.31 -15.53 0.99
N LEU C 186 -40.39 -14.66 1.98
CA LEU C 186 -41.37 -13.58 2.02
C LEU C 186 -42.80 -14.06 2.19
N ASN C 187 -42.99 -15.18 2.86
CA ASN C 187 -44.33 -15.66 3.20
C ASN C 187 -44.58 -15.47 4.68
N PRO C 188 -45.69 -14.87 5.08
CA PRO C 188 -45.88 -14.54 6.49
C PRO C 188 -46.17 -15.76 7.35
N ILE C 189 -45.23 -16.69 7.40
CA ILE C 189 -45.43 -17.94 8.14
C ILE C 189 -45.47 -17.65 9.62
N ASP C 190 -46.49 -18.17 10.29
CA ASP C 190 -46.67 -17.96 11.73
C ASP C 190 -47.03 -19.22 12.49
N PHE C 191 -47.45 -20.29 11.84
CA PHE C 191 -47.84 -21.50 12.54
C PHE C 191 -47.46 -22.71 11.70
N ILE C 192 -46.39 -23.39 12.09
CA ILE C 192 -46.02 -24.67 11.50
C ILE C 192 -46.63 -25.76 12.38
N GLN C 193 -47.72 -26.34 11.93
CA GLN C 193 -48.34 -27.42 12.67
C GLN C 193 -47.29 -28.42 13.11
N ASP C 194 -47.43 -28.91 14.34
CA ASP C 194 -46.45 -29.82 14.90
C ASP C 194 -46.28 -31.05 14.01
N GLN C 195 -45.11 -31.67 14.08
CA GLN C 195 -44.79 -32.86 13.30
C GLN C 195 -44.91 -32.63 11.80
N ALA C 196 -44.94 -31.37 11.37
CA ALA C 196 -45.07 -31.09 9.94
C ALA C 196 -43.98 -31.79 9.15
N PHE C 197 -42.74 -31.44 9.39
CA PHE C 197 -41.61 -32.12 8.77
C PHE C 197 -41.22 -33.35 9.58
N GLN C 198 -41.35 -34.52 8.98
CA GLN C 198 -40.90 -35.75 9.63
C GLN C 198 -40.63 -36.80 8.57
N GLY C 199 -39.39 -37.23 8.47
CA GLY C 199 -39.04 -38.10 7.37
C GLY C 199 -39.00 -37.39 6.03
N ILE C 200 -38.96 -36.06 6.04
CA ILE C 200 -38.84 -35.26 4.83
C ILE C 200 -37.42 -34.89 4.49
N LYS C 201 -37.09 -34.92 3.20
CA LYS C 201 -35.74 -34.60 2.74
C LYS C 201 -35.74 -33.65 1.56
N LEU C 202 -35.33 -32.40 1.80
CA LEU C 202 -35.20 -31.42 0.74
C LEU C 202 -33.74 -31.26 0.36
N HIS C 203 -33.51 -30.71 -0.82
CA HIS C 203 -32.15 -30.38 -1.23
C HIS C 203 -31.79 -28.92 -0.97
N GLU C 204 -32.78 -28.06 -0.74
CA GLU C 204 -32.49 -26.71 -0.34
C GLU C 204 -33.77 -26.07 0.15
N LEU C 205 -33.64 -25.11 1.05
CA LEU C 205 -34.81 -24.47 1.64
C LEU C 205 -34.43 -23.05 2.01
N THR C 206 -34.99 -22.07 1.31
CA THR C 206 -34.77 -20.68 1.63
C THR C 206 -35.88 -20.18 2.53
N LEU C 207 -35.52 -19.40 3.56
CA LEU C 207 -36.51 -18.81 4.44
C LEU C 207 -36.19 -17.36 4.78
N ARG C 208 -35.68 -16.61 3.80
CA ARG C 208 -35.26 -15.21 4.06
C ARG C 208 -36.47 -14.27 4.10
N GLY C 209 -36.61 -13.49 5.17
CA GLY C 209 -37.66 -12.49 5.23
C GLY C 209 -39.02 -12.98 5.68
N ASN C 210 -39.09 -14.08 6.44
CA ASN C 210 -40.37 -14.63 6.84
C ASN C 210 -40.90 -13.98 8.11
N PHE C 211 -40.12 -14.02 9.18
CA PHE C 211 -40.58 -13.65 10.51
C PHE C 211 -40.19 -12.23 10.86
N ASN C 212 -40.97 -11.61 11.75
CA ASN C 212 -40.62 -10.33 12.32
C ASN C 212 -40.84 -10.30 13.84
N SER C 213 -41.02 -11.46 14.46
CA SER C 213 -41.13 -11.60 15.90
C SER C 213 -40.08 -12.59 16.36
N SER C 214 -39.49 -12.34 17.53
CA SER C 214 -38.44 -13.23 18.01
C SER C 214 -39.00 -14.57 18.45
N ASN C 215 -40.07 -14.57 19.25
CA ASN C 215 -40.61 -15.81 19.78
C ASN C 215 -41.31 -16.61 18.71
N ILE C 216 -42.04 -15.93 17.81
CA ILE C 216 -42.66 -16.62 16.69
C ILE C 216 -41.61 -17.39 15.91
N MET C 217 -40.54 -16.72 15.53
CA MET C 217 -39.46 -17.39 14.81
C MET C 217 -38.88 -18.53 15.64
N LYS C 218 -38.69 -18.29 16.94
CA LYS C 218 -38.12 -19.32 17.80
C LYS C 218 -38.94 -20.61 17.72
N THR C 219 -40.24 -20.50 18.00
CA THR C 219 -41.08 -21.69 18.06
C THR C 219 -41.25 -22.33 16.68
N CYS C 220 -41.47 -21.51 15.65
CA CYS C 220 -41.61 -22.06 14.31
C CYS C 220 -40.38 -22.85 13.92
N LEU C 221 -39.20 -22.22 14.02
CA LEU C 221 -37.96 -22.96 13.78
C LEU C 221 -37.91 -24.22 14.62
N GLN C 222 -38.35 -24.14 15.87
CA GLN C 222 -38.32 -25.32 16.73
C GLN C 222 -39.11 -26.47 16.11
N ASN C 223 -40.23 -26.17 15.51
CA ASN C 223 -41.06 -27.24 14.98
C ASN C 223 -40.46 -27.96 13.77
N LEU C 224 -39.26 -27.64 13.28
CA LEU C 224 -38.71 -28.32 12.12
C LEU C 224 -38.08 -29.66 12.44
N ALA C 225 -38.19 -30.13 13.67
CA ALA C 225 -37.54 -31.37 14.05
C ALA C 225 -37.88 -32.48 13.07
N GLY C 226 -36.85 -33.21 12.65
CA GLY C 226 -37.01 -34.33 11.76
C GLY C 226 -36.54 -34.08 10.34
N LEU C 227 -36.45 -32.81 9.93
CA LEU C 227 -36.02 -32.47 8.59
C LEU C 227 -34.61 -32.97 8.34
N HIS C 228 -34.22 -33.02 7.07
CA HIS C 228 -32.87 -33.41 6.67
C HIS C 228 -32.58 -32.63 5.38
N VAL C 229 -31.94 -31.48 5.52
CA VAL C 229 -31.77 -30.53 4.42
C VAL C 229 -30.29 -30.48 4.04
N HIS C 230 -30.03 -30.18 2.76
CA HIS C 230 -28.66 -30.09 2.26
C HIS C 230 -28.12 -28.67 2.22
N ARG C 231 -28.98 -27.67 2.23
CA ARG C 231 -28.51 -26.29 2.28
C ARG C 231 -29.63 -25.44 2.85
N LEU C 232 -29.47 -24.96 4.08
CA LEU C 232 -30.46 -24.13 4.74
C LEU C 232 -29.97 -22.69 4.70
N ILE C 233 -30.78 -21.81 4.14
CA ILE C 233 -30.42 -20.41 3.94
C ILE C 233 -31.34 -19.57 4.81
N LEU C 234 -30.77 -18.77 5.69
CA LEU C 234 -31.53 -17.88 6.54
C LEU C 234 -31.06 -16.45 6.36
N GLY C 235 -31.81 -15.52 6.90
CA GLY C 235 -31.42 -14.14 6.81
C GLY C 235 -32.62 -13.25 6.66
N GLU C 236 -32.38 -12.03 6.18
CA GLU C 236 -33.43 -11.04 6.03
C GLU C 236 -33.09 -10.20 4.81
N PHE C 237 -33.88 -9.15 4.60
CA PHE C 237 -33.65 -8.20 3.54
C PHE C 237 -33.56 -6.80 4.13
N LYS C 238 -32.81 -5.94 3.46
CA LYS C 238 -32.59 -4.60 3.99
C LYS C 238 -33.84 -3.74 3.91
N ASP C 239 -34.62 -3.89 2.84
CA ASP C 239 -35.76 -3.01 2.60
C ASP C 239 -37.08 -3.61 3.06
N GLU C 240 -37.07 -4.36 4.14
CA GLU C 240 -38.28 -4.98 4.67
C GLU C 240 -38.26 -4.90 6.19
N ARG C 241 -39.42 -5.15 6.78
CA ARG C 241 -39.49 -5.27 8.24
C ARG C 241 -38.72 -6.50 8.69
N ASN C 242 -38.10 -6.40 9.86
CA ASN C 242 -37.18 -7.45 10.28
C ASN C 242 -36.93 -7.36 11.78
N LEU C 243 -36.35 -8.42 12.31
CA LEU C 243 -36.08 -8.51 13.74
C LEU C 243 -35.13 -7.42 14.19
N GLU C 244 -35.44 -6.79 15.33
CA GLU C 244 -34.53 -5.85 15.96
C GLU C 244 -33.63 -6.48 17.02
N ILE C 245 -33.96 -7.66 17.53
CA ILE C 245 -33.12 -8.33 18.51
C ILE C 245 -32.93 -9.77 18.07
N PHE C 246 -31.68 -10.17 17.87
CA PHE C 246 -31.32 -11.52 17.44
C PHE C 246 -30.39 -12.10 18.49
N GLU C 247 -30.79 -13.21 19.09
CA GLU C 247 -30.00 -13.85 20.13
C GLU C 247 -29.83 -15.32 19.81
N PRO C 248 -28.68 -15.91 20.16
CA PRO C 248 -28.43 -17.31 19.82
C PRO C 248 -29.49 -18.28 20.32
N SER C 249 -30.32 -17.89 21.28
CA SER C 249 -31.38 -18.77 21.74
C SER C 249 -32.46 -19.00 20.70
N ILE C 250 -32.51 -18.17 19.66
CA ILE C 250 -33.48 -18.37 18.59
C ILE C 250 -33.02 -19.60 17.82
N MET C 251 -31.72 -19.77 17.67
CA MET C 251 -31.19 -20.94 16.98
C MET C 251 -31.66 -22.24 17.61
N GLU C 252 -32.26 -22.19 18.79
CA GLU C 252 -32.85 -23.39 19.36
C GLU C 252 -33.83 -24.01 18.37
N GLY C 253 -34.01 -25.32 18.49
CA GLY C 253 -34.79 -26.08 17.53
C GLY C 253 -33.94 -26.62 16.43
N LEU C 254 -33.10 -25.78 15.85
CA LEU C 254 -32.14 -26.28 14.88
C LEU C 254 -31.20 -27.30 15.47
N CYS C 255 -31.23 -27.50 16.77
CA CYS C 255 -30.28 -28.38 17.44
C CYS C 255 -30.59 -29.85 17.23
N ASP C 256 -31.63 -30.15 16.44
CA ASP C 256 -32.01 -31.55 16.14
C ASP C 256 -32.34 -31.69 14.66
N VAL C 257 -31.97 -30.69 13.85
CA VAL C 257 -32.21 -30.75 12.37
C VAL C 257 -30.89 -31.11 11.69
N THR C 258 -30.93 -32.08 10.78
CA THR C 258 -29.69 -32.54 10.07
C THR C 258 -29.32 -31.53 8.99
N ILE C 259 -28.73 -30.39 9.38
CA ILE C 259 -28.25 -29.43 8.39
C ILE C 259 -26.97 -29.98 7.84
N ASP C 260 -26.69 -29.66 6.58
CA ASP C 260 -25.49 -30.09 5.90
C ASP C 260 -24.64 -28.94 5.39
N GLU C 261 -25.23 -27.77 5.16
CA GLU C 261 -24.49 -26.56 4.80
C GLU C 261 -25.37 -25.39 5.16
N PHE C 262 -24.98 -24.65 6.18
CA PHE C 262 -25.81 -23.60 6.75
C PHE C 262 -25.30 -22.24 6.27
N ARG C 263 -26.12 -21.53 5.50
CA ARG C 263 -25.78 -20.21 5.03
C ARG C 263 -26.63 -19.17 5.73
N LEU C 264 -25.98 -18.11 6.21
CA LEU C 264 -26.64 -17.05 6.95
C LEU C 264 -26.34 -15.73 6.26
N THR C 265 -27.36 -15.13 5.68
CA THR C 265 -27.20 -13.92 4.90
C THR C 265 -27.38 -12.70 5.80
N TYR C 266 -27.56 -11.53 5.19
CA TYR C 266 -27.67 -10.28 5.93
C TYR C 266 -28.58 -10.44 7.14
N THR C 267 -28.26 -9.73 8.21
CA THR C 267 -29.07 -9.70 9.42
C THR C 267 -28.92 -8.32 10.06
N ASN C 268 -30.05 -7.72 10.44
CA ASN C 268 -30.03 -6.33 10.89
C ASN C 268 -29.14 -6.15 12.11
N ASP C 269 -29.51 -6.79 13.22
CA ASP C 269 -28.66 -6.80 14.40
C ASP C 269 -28.00 -8.16 14.53
N PHE C 270 -26.69 -8.16 14.67
CA PHE C 270 -25.91 -9.39 14.66
C PHE C 270 -24.91 -9.37 15.80
N SER C 271 -24.93 -10.40 16.64
CA SER C 271 -23.97 -10.56 17.71
C SER C 271 -23.05 -11.72 17.39
N ASP C 272 -21.74 -11.48 17.50
CA ASP C 272 -20.78 -12.51 17.16
C ASP C 272 -21.00 -13.81 17.91
N ASP C 273 -21.83 -13.81 18.94
CA ASP C 273 -22.13 -15.03 19.68
C ASP C 273 -23.00 -15.99 18.90
N ILE C 274 -23.75 -15.50 17.90
CA ILE C 274 -24.63 -16.37 17.13
C ILE C 274 -23.85 -17.55 16.58
N VAL C 275 -22.69 -17.29 15.96
CA VAL C 275 -21.95 -18.36 15.32
C VAL C 275 -21.38 -19.34 16.32
N LYS C 276 -21.19 -18.93 17.56
CA LYS C 276 -20.66 -19.83 18.59
C LYS C 276 -21.77 -20.48 19.40
N PHE C 277 -22.74 -21.10 18.72
CA PHE C 277 -23.86 -21.74 19.38
C PHE C 277 -23.67 -23.25 19.39
N HIS C 278 -23.92 -23.86 20.54
CA HIS C 278 -23.51 -25.23 20.79
C HIS C 278 -24.07 -26.24 19.79
N CYS C 279 -25.10 -25.90 19.03
CA CYS C 279 -25.69 -26.85 18.08
C CYS C 279 -25.50 -26.43 16.64
N LEU C 280 -24.33 -25.88 16.34
CA LEU C 280 -23.79 -25.83 14.99
C LEU C 280 -22.63 -26.79 14.81
N ALA C 281 -22.21 -27.44 15.89
CA ALA C 281 -21.00 -28.27 15.86
C ALA C 281 -21.03 -29.32 14.76
N ASN C 282 -22.20 -29.71 14.29
CA ASN C 282 -22.28 -30.75 13.28
C ASN C 282 -22.43 -30.20 11.87
N VAL C 283 -22.66 -28.90 11.72
CA VAL C 283 -22.71 -28.31 10.38
C VAL C 283 -21.43 -28.67 9.66
N SER C 284 -21.54 -28.87 8.35
CA SER C 284 -20.38 -29.30 7.56
C SER C 284 -19.74 -28.17 6.78
N ALA C 285 -20.47 -27.10 6.48
CA ALA C 285 -19.91 -26.01 5.67
C ALA C 285 -20.59 -24.72 6.09
N MET C 286 -19.95 -23.99 7.01
CA MET C 286 -20.48 -22.71 7.41
C MET C 286 -20.38 -21.72 6.26
N SER C 287 -21.06 -20.59 6.41
CA SER C 287 -21.03 -19.57 5.37
C SER C 287 -21.66 -18.28 5.88
N LEU C 288 -21.12 -17.15 5.47
CA LEU C 288 -21.63 -15.84 5.84
C LEU C 288 -21.45 -14.90 4.66
N ALA C 289 -22.55 -14.23 4.29
CA ALA C 289 -22.54 -13.39 3.10
C ALA C 289 -23.34 -12.13 3.40
N GLY C 290 -22.65 -11.09 3.85
CA GLY C 290 -23.28 -9.81 4.13
C GLY C 290 -23.51 -9.50 5.58
N VAL C 291 -23.32 -10.45 6.49
CA VAL C 291 -23.54 -10.19 7.90
C VAL C 291 -22.43 -9.27 8.41
N SER C 292 -22.82 -8.24 9.15
CA SER C 292 -21.89 -7.22 9.62
C SER C 292 -21.20 -7.69 10.92
N ILE C 293 -20.43 -8.75 10.79
CA ILE C 293 -19.67 -9.27 11.91
C ILE C 293 -18.47 -8.37 12.18
N LYS C 294 -17.96 -8.45 13.40
CA LYS C 294 -16.79 -7.64 13.78
C LYS C 294 -15.61 -8.50 14.20
N TYR C 295 -15.80 -9.40 15.15
CA TYR C 295 -14.72 -10.21 15.67
C TYR C 295 -15.21 -11.65 15.67
N LEU C 296 -14.45 -12.52 15.03
CA LEU C 296 -14.70 -13.96 15.09
C LEU C 296 -13.69 -14.53 16.07
N GLU C 297 -13.93 -14.26 17.35
CA GLU C 297 -12.87 -14.41 18.36
C GLU C 297 -12.38 -15.82 18.55
N ASP C 298 -13.25 -16.72 19.01
CA ASP C 298 -12.81 -18.06 19.39
C ASP C 298 -13.94 -19.07 19.41
N VAL C 299 -13.92 -19.99 18.46
CA VAL C 299 -14.93 -21.03 18.37
C VAL C 299 -14.48 -22.31 19.05
N PRO C 300 -15.38 -23.07 19.66
CA PRO C 300 -14.97 -24.33 20.29
C PRO C 300 -14.17 -25.20 19.33
N LYS C 301 -13.51 -26.21 19.90
CA LYS C 301 -12.61 -27.05 19.13
C LYS C 301 -13.22 -28.39 18.74
N HIS C 302 -14.47 -28.65 19.13
CA HIS C 302 -15.16 -29.85 18.67
C HIS C 302 -16.07 -29.56 17.49
N PHE C 303 -16.14 -28.32 17.02
CA PHE C 303 -16.87 -28.01 15.81
C PHE C 303 -16.29 -28.80 14.64
N LYS C 304 -17.16 -29.29 13.77
CA LYS C 304 -16.74 -30.13 12.66
C LYS C 304 -16.82 -29.41 11.32
N TRP C 305 -16.77 -28.09 11.33
CA TRP C 305 -16.75 -27.32 10.10
C TRP C 305 -15.65 -27.82 9.19
N GLN C 306 -16.01 -28.17 7.95
CA GLN C 306 -15.02 -28.54 6.95
C GLN C 306 -14.80 -27.43 5.95
N SER C 307 -15.43 -26.28 6.13
CA SER C 307 -15.33 -25.18 5.19
C SER C 307 -15.85 -23.94 5.87
N LEU C 308 -15.43 -22.79 5.37
CA LEU C 308 -15.83 -21.54 5.98
C LEU C 308 -15.64 -20.43 4.96
N SER C 309 -16.70 -19.66 4.74
CA SER C 309 -16.72 -18.63 3.72
C SER C 309 -17.23 -17.34 4.35
N ILE C 310 -16.55 -16.24 4.08
CA ILE C 310 -16.95 -14.92 4.57
C ILE C 310 -16.81 -13.98 3.39
N ILE C 311 -17.93 -13.56 2.83
CA ILE C 311 -17.93 -12.79 1.59
C ILE C 311 -18.70 -11.51 1.81
N ARG C 312 -18.07 -10.38 1.50
CA ARG C 312 -18.65 -9.06 1.62
C ARG C 312 -19.04 -8.72 3.05
N CYS C 313 -18.58 -9.49 4.03
CA CYS C 313 -18.83 -9.21 5.42
C CYS C 313 -17.81 -8.21 5.94
N GLN C 314 -18.28 -7.23 6.69
CA GLN C 314 -17.37 -6.29 7.33
C GLN C 314 -16.55 -7.00 8.40
N LEU C 315 -15.31 -6.55 8.55
CA LEU C 315 -14.42 -7.10 9.56
C LEU C 315 -13.48 -5.99 9.98
N LYS C 316 -13.09 -6.01 11.25
CA LYS C 316 -12.15 -5.05 11.79
C LYS C 316 -10.83 -5.68 12.19
N GLN C 317 -10.68 -6.98 12.00
CA GLN C 317 -9.49 -7.65 12.47
C GLN C 317 -9.49 -9.07 11.94
N PHE C 318 -8.32 -9.55 11.56
CA PHE C 318 -8.24 -10.91 11.06
C PHE C 318 -8.68 -11.89 12.14
N PRO C 319 -9.62 -12.78 11.85
CA PRO C 319 -10.09 -13.72 12.87
C PRO C 319 -8.97 -14.60 13.39
N THR C 320 -9.24 -15.28 14.49
CA THR C 320 -8.32 -16.22 15.11
C THR C 320 -8.98 -17.59 15.11
N LEU C 321 -8.33 -18.58 14.50
CA LEU C 321 -8.94 -19.87 14.28
C LEU C 321 -8.00 -20.99 14.70
N ASP C 322 -8.57 -22.08 15.19
CA ASP C 322 -7.81 -23.27 15.55
C ASP C 322 -8.53 -24.56 15.18
N LEU C 323 -9.51 -24.49 14.29
CA LEU C 323 -10.29 -25.66 13.95
C LEU C 323 -9.40 -26.73 13.34
N PRO C 324 -9.25 -27.89 14.00
CA PRO C 324 -8.40 -28.94 13.43
C PRO C 324 -9.02 -29.69 12.28
N PHE C 325 -10.24 -29.36 11.88
CA PHE C 325 -10.90 -30.03 10.77
C PHE C 325 -11.21 -29.12 9.60
N LEU C 326 -11.11 -27.81 9.79
CA LEU C 326 -11.44 -26.89 8.72
C LEU C 326 -10.45 -27.07 7.58
N LYS C 327 -10.96 -27.04 6.36
CA LYS C 327 -10.15 -26.92 5.16
C LYS C 327 -10.89 -25.97 4.23
N SER C 328 -10.17 -25.33 3.33
CA SER C 328 -10.79 -24.42 2.38
C SER C 328 -11.48 -23.24 3.08
N LEU C 329 -10.67 -22.42 3.74
CA LEU C 329 -11.14 -21.14 4.24
C LEU C 329 -11.16 -20.11 3.11
N THR C 330 -12.14 -19.21 3.16
CA THR C 330 -12.27 -18.19 2.14
C THR C 330 -12.77 -16.91 2.77
N LEU C 331 -12.06 -15.81 2.52
CA LEU C 331 -12.43 -14.50 3.05
C LEU C 331 -12.21 -13.50 1.92
N THR C 332 -13.30 -13.00 1.35
CA THR C 332 -13.17 -12.23 0.12
C THR C 332 -13.97 -10.92 0.20
N MET C 333 -13.54 -9.97 -0.62
CA MET C 333 -14.25 -8.71 -0.79
C MET C 333 -14.63 -8.06 0.53
N ASN C 334 -13.85 -8.30 1.57
CA ASN C 334 -14.12 -7.70 2.86
C ASN C 334 -14.26 -6.18 2.71
N LYS C 335 -14.98 -5.57 3.65
CA LYS C 335 -15.26 -4.14 3.57
C LYS C 335 -14.37 -3.31 4.49
N GLY C 336 -13.19 -3.82 4.83
CA GLY C 336 -12.25 -3.06 5.61
C GLY C 336 -10.83 -3.26 5.14
N SER C 337 -9.87 -2.68 5.86
CA SER C 337 -8.45 -2.87 5.60
C SER C 337 -7.85 -3.56 6.82
N ILE C 338 -7.59 -4.85 6.70
CA ILE C 338 -7.09 -5.65 7.80
C ILE C 338 -5.68 -6.13 7.47
N SER C 339 -4.97 -6.54 8.51
CA SER C 339 -3.62 -7.06 8.35
C SER C 339 -3.59 -8.52 8.79
N PHE C 340 -2.88 -9.37 8.05
CA PHE C 340 -2.90 -10.84 8.34
C PHE C 340 -2.39 -11.17 9.75
N LYS C 341 -3.02 -12.16 10.40
CA LYS C 341 -2.57 -12.61 11.75
C LYS C 341 -2.25 -14.11 11.69
N LYS C 342 -1.27 -14.57 12.48
CA LYS C 342 -0.84 -16.00 12.43
C LYS C 342 -1.97 -16.92 12.89
N VAL C 343 -2.15 -18.08 12.22
CA VAL C 343 -3.24 -18.98 12.52
C VAL C 343 -2.67 -20.38 12.57
N ALA C 344 -3.51 -21.33 13.02
CA ALA C 344 -3.07 -22.73 13.17
C ALA C 344 -4.18 -23.63 12.63
N LEU C 345 -4.05 -24.03 11.38
CA LEU C 345 -5.09 -24.80 10.68
C LEU C 345 -4.46 -26.05 10.09
N PRO C 346 -4.27 -27.09 10.90
CA PRO C 346 -3.51 -28.26 10.45
C PRO C 346 -4.05 -28.94 9.21
N SER C 347 -5.28 -28.66 8.78
CA SER C 347 -5.88 -29.38 7.66
C SER C 347 -6.22 -28.48 6.49
N LEU C 348 -5.82 -27.21 6.52
CA LEU C 348 -6.12 -26.31 5.42
C LEU C 348 -5.46 -26.80 4.13
N SER C 349 -6.20 -26.71 3.04
CA SER C 349 -5.64 -27.05 1.73
C SER C 349 -6.11 -26.09 0.64
N TYR C 350 -6.75 -24.98 1.00
CA TYR C 350 -7.22 -24.04 -0.01
C TYR C 350 -7.46 -22.71 0.69
N LEU C 351 -6.72 -21.69 0.32
CA LEU C 351 -6.80 -20.39 0.93
C LEU C 351 -7.09 -19.35 -0.14
N ASP C 352 -7.90 -18.35 0.20
CA ASP C 352 -8.31 -17.35 -0.77
C ASP C 352 -8.67 -16.09 -0.01
N LEU C 353 -7.86 -15.05 -0.17
CA LEU C 353 -8.03 -13.80 0.54
C LEU C 353 -8.05 -12.62 -0.42
N SER C 354 -8.56 -12.84 -1.62
CA SER C 354 -8.52 -11.85 -2.67
C SER C 354 -9.40 -10.64 -2.33
N ARG C 355 -9.25 -9.60 -3.12
CA ARG C 355 -10.13 -8.44 -3.15
C ARG C 355 -10.26 -7.72 -1.82
N ASN C 356 -9.43 -8.06 -0.84
CA ASN C 356 -9.43 -7.29 0.44
C ASN C 356 -8.27 -6.32 0.38
N ALA C 357 -7.98 -5.64 1.49
CA ALA C 357 -6.76 -4.79 1.54
C ALA C 357 -5.99 -5.57 2.60
N LEU C 358 -5.52 -6.77 2.24
CA LEU C 358 -4.85 -7.66 3.22
C LEU C 358 -3.40 -7.21 3.05
N SER C 359 -2.86 -6.50 4.05
CA SER C 359 -1.43 -6.18 4.00
C SER C 359 -0.81 -7.31 4.80
N PHE C 360 0.07 -8.06 4.16
CA PHE C 360 0.64 -9.27 4.75
C PHE C 360 2.14 -9.06 4.89
N SER C 361 2.53 -8.47 6.03
CA SER C 361 3.89 -7.99 6.22
C SER C 361 4.99 -9.04 6.26
N GLY C 362 4.85 -10.06 7.11
CA GLY C 362 5.81 -11.19 7.10
C GLY C 362 5.33 -12.03 5.94
N CYS C 363 6.07 -13.06 5.54
CA CYS C 363 5.53 -13.77 4.35
C CYS C 363 6.03 -15.20 4.19
N CYS C 364 5.30 -16.01 3.41
CA CYS C 364 5.75 -17.38 3.05
C CYS C 364 6.46 -18.10 4.17
N SER C 365 5.82 -18.23 5.33
CA SER C 365 6.42 -19.03 6.42
C SER C 365 5.38 -20.07 6.85
N TYR C 366 5.83 -21.30 7.16
CA TYR C 366 4.89 -22.33 7.69
C TYR C 366 4.37 -21.83 9.04
N SER C 367 5.17 -21.02 9.73
CA SER C 367 4.75 -20.46 11.04
C SER C 367 3.51 -19.58 10.87
N ASP C 368 3.18 -19.12 9.65
CA ASP C 368 2.03 -18.22 9.56
C ASP C 368 0.73 -19.00 9.40
N LEU C 369 0.83 -20.17 8.77
CA LEU C 369 -0.36 -21.04 8.56
C LEU C 369 0.13 -22.47 8.85
N GLY C 370 -0.24 -23.04 10.00
CA GLY C 370 0.28 -24.37 10.39
C GLY C 370 -0.38 -25.44 9.54
N THR C 371 -0.08 -25.48 8.24
CA THR C 371 -0.67 -26.48 7.31
C THR C 371 0.54 -26.90 6.48
N ASN C 372 0.80 -28.20 6.39
CA ASN C 372 1.86 -28.68 5.52
C ASN C 372 1.21 -29.14 4.22
N SER C 373 -0.06 -28.83 4.01
CA SER C 373 -0.73 -29.32 2.81
C SER C 373 -1.49 -28.27 2.01
N LEU C 374 -1.02 -27.03 1.97
CA LEU C 374 -1.67 -26.03 1.15
C LEU C 374 -1.47 -26.36 -0.32
N ARG C 375 -2.49 -26.04 -1.13
CA ARG C 375 -2.40 -26.29 -2.57
C ARG C 375 -2.90 -25.13 -3.42
N HIS C 376 -3.53 -24.12 -2.86
CA HIS C 376 -4.07 -23.04 -3.66
C HIS C 376 -4.05 -21.79 -2.80
N LEU C 377 -3.07 -20.94 -3.04
CA LEU C 377 -2.96 -19.65 -2.36
C LEU C 377 -3.36 -18.56 -3.33
N ASP C 378 -3.97 -17.51 -2.82
CA ASP C 378 -4.47 -16.44 -3.69
C ASP C 378 -4.54 -15.16 -2.87
N LEU C 379 -3.76 -14.17 -3.25
CA LEU C 379 -3.71 -12.89 -2.55
C LEU C 379 -3.90 -11.73 -3.51
N SER C 380 -4.61 -11.96 -4.61
CA SER C 380 -4.79 -10.95 -5.63
C SER C 380 -5.41 -9.69 -5.06
N PHE C 381 -5.26 -8.59 -5.79
CA PHE C 381 -5.95 -7.34 -5.54
C PHE C 381 -5.84 -6.89 -4.08
N ASN C 382 -4.81 -7.31 -3.37
CA ASN C 382 -4.64 -6.89 -1.99
C ASN C 382 -3.77 -5.65 -1.92
N GLY C 383 -3.43 -5.22 -0.72
CA GLY C 383 -2.74 -3.95 -0.54
C GLY C 383 -1.24 -3.94 -0.78
N ALA C 384 -0.48 -4.61 0.09
CA ALA C 384 0.99 -4.53 0.02
C ALA C 384 1.58 -5.76 0.69
N ILE C 385 2.00 -6.72 -0.11
CA ILE C 385 2.70 -7.88 0.42
C ILE C 385 4.17 -7.50 0.59
N ILE C 386 4.83 -8.10 1.58
CA ILE C 386 6.23 -7.83 1.86
C ILE C 386 6.93 -9.16 2.05
N MET C 387 7.74 -9.55 1.09
CA MET C 387 8.38 -10.85 1.13
C MET C 387 9.47 -10.87 2.18
N SER C 388 9.48 -11.91 3.00
CA SER C 388 10.55 -12.09 3.98
C SER C 388 10.95 -13.54 4.14
N ALA C 389 10.51 -14.43 3.25
CA ALA C 389 10.92 -15.83 3.32
C ALA C 389 10.58 -16.49 2.00
N ASN C 390 11.21 -17.65 1.75
CA ASN C 390 10.99 -18.35 0.46
C ASN C 390 10.18 -19.62 0.69
N PHE C 391 8.95 -19.51 1.20
CA PHE C 391 8.04 -20.69 1.38
C PHE C 391 8.80 -21.85 2.02
N MET C 392 9.47 -21.61 3.14
CA MET C 392 10.28 -22.66 3.81
C MET C 392 9.45 -23.93 4.02
N GLY C 393 8.15 -23.80 4.35
CA GLY C 393 7.35 -24.98 4.67
C GLY C 393 6.24 -25.26 3.67
N LEU C 394 5.86 -24.27 2.85
CA LEU C 394 4.75 -24.45 1.93
C LEU C 394 5.23 -25.06 0.61
N GLU C 395 5.78 -26.26 0.69
CA GLU C 395 6.40 -26.90 -0.45
C GLU C 395 5.44 -27.74 -1.26
N GLU C 396 4.13 -27.64 -1.01
CA GLU C 396 3.13 -28.34 -1.79
C GLU C 396 2.31 -27.42 -2.68
N LEU C 397 2.43 -26.12 -2.51
CA LEU C 397 1.66 -25.17 -3.30
C LEU C 397 1.71 -25.52 -4.77
N GLN C 398 0.57 -25.37 -5.45
CA GLN C 398 0.47 -25.60 -6.88
C GLN C 398 -0.19 -24.46 -7.61
N HIS C 399 -0.53 -23.37 -6.94
CA HIS C 399 -1.31 -22.32 -7.56
C HIS C 399 -1.09 -21.07 -6.74
N LEU C 400 -0.38 -20.10 -7.28
CA LEU C 400 -0.03 -18.88 -6.58
C LEU C 400 -0.47 -17.70 -7.42
N ASP C 401 -0.90 -16.63 -6.78
CA ASP C 401 -1.55 -15.55 -7.52
C ASP C 401 -1.42 -14.24 -6.77
N PHE C 402 -0.46 -13.42 -7.20
CA PHE C 402 -0.21 -12.10 -6.58
C PHE C 402 -0.51 -11.04 -7.64
N GLN C 403 -1.77 -10.72 -7.85
CA GLN C 403 -2.09 -9.76 -8.94
C GLN C 403 -2.48 -8.43 -8.30
N HIS C 404 -2.08 -7.29 -8.89
CA HIS C 404 -2.51 -5.96 -8.41
C HIS C 404 -2.04 -5.63 -6.99
N SER C 405 -1.41 -6.56 -6.26
CA SER C 405 -0.84 -6.18 -4.94
C SER C 405 0.44 -5.37 -5.15
N THR C 406 0.94 -4.68 -4.11
CA THR C 406 2.26 -4.01 -4.25
C THR C 406 3.29 -5.02 -3.73
N LEU C 407 3.96 -5.75 -4.63
CA LEU C 407 4.81 -6.80 -4.12
C LEU C 407 6.20 -6.22 -3.86
N LYS C 408 6.55 -6.09 -2.58
CA LYS C 408 7.77 -5.41 -2.18
C LYS C 408 8.86 -6.40 -1.81
N ARG C 409 10.13 -6.04 -2.07
CA ARG C 409 11.31 -6.85 -1.64
C ARG C 409 11.42 -8.20 -2.35
N VAL C 410 10.83 -8.36 -3.52
CA VAL C 410 10.93 -9.67 -4.15
C VAL C 410 12.16 -9.78 -5.04
N THR C 411 12.76 -8.64 -5.42
CA THR C 411 13.94 -8.66 -6.26
C THR C 411 15.23 -8.79 -5.48
N GLU C 412 15.11 -8.76 -4.13
CA GLU C 412 16.32 -8.73 -3.31
C GLU C 412 16.86 -10.10 -2.97
N PHE C 413 16.29 -11.15 -3.49
CA PHE C 413 16.78 -12.50 -3.24
C PHE C 413 15.89 -13.46 -4.00
N SER C 414 16.28 -14.74 -4.00
CA SER C 414 15.54 -15.76 -4.73
C SER C 414 14.33 -16.03 -3.85
N ALA C 415 13.25 -15.29 -4.12
CA ALA C 415 11.97 -15.68 -3.54
C ALA C 415 11.49 -16.84 -4.40
N PHE C 416 10.43 -17.52 -3.95
CA PHE C 416 9.94 -18.69 -4.65
C PHE C 416 10.99 -19.78 -4.71
N LEU C 417 12.00 -19.72 -3.85
CA LEU C 417 13.12 -20.65 -4.00
C LEU C 417 12.78 -22.06 -3.57
N SER C 418 11.69 -22.24 -2.81
CA SER C 418 11.35 -23.56 -2.30
C SER C 418 10.12 -24.16 -2.99
N LEU C 419 9.47 -23.42 -3.89
CA LEU C 419 8.26 -23.89 -4.56
C LEU C 419 8.63 -24.78 -5.74
N GLU C 420 9.25 -25.92 -5.42
CA GLU C 420 9.78 -26.78 -6.46
C GLU C 420 8.70 -27.44 -7.29
N LYS C 421 7.44 -27.45 -6.84
CA LYS C 421 6.34 -28.01 -7.62
C LYS C 421 5.21 -27.00 -7.65
N LEU C 422 5.31 -26.05 -8.57
CA LEU C 422 4.30 -25.02 -8.78
C LEU C 422 3.95 -25.01 -10.25
N LEU C 423 2.70 -24.72 -10.56
CA LEU C 423 2.24 -24.81 -11.94
C LEU C 423 1.71 -23.51 -12.51
N TYR C 424 1.26 -22.59 -11.68
CA TYR C 424 0.64 -21.37 -12.18
C TYR C 424 1.08 -20.21 -11.31
N LEU C 425 2.08 -19.48 -11.76
CA LEU C 425 2.48 -18.24 -11.14
C LEU C 425 1.85 -17.07 -11.87
N ASP C 426 1.63 -15.98 -11.16
CA ASP C 426 0.99 -14.81 -11.75
C ASP C 426 1.36 -13.61 -10.92
N ILE C 427 2.15 -12.70 -11.51
CA ILE C 427 2.64 -11.55 -10.78
C ILE C 427 2.37 -10.28 -11.57
N SER C 428 1.38 -10.34 -12.45
CA SER C 428 1.08 -9.21 -13.33
C SER C 428 0.71 -7.97 -12.52
N TYR C 429 1.02 -6.81 -13.07
CA TYR C 429 0.62 -5.51 -12.54
C TYR C 429 1.06 -5.28 -11.10
N THR C 430 2.03 -6.05 -10.62
CA THR C 430 2.74 -5.73 -9.39
C THR C 430 4.01 -4.99 -9.80
N ASN C 431 4.12 -3.72 -9.40
CA ASN C 431 5.22 -2.92 -9.92
C ASN C 431 6.54 -3.54 -9.51
N THR C 432 7.21 -4.18 -10.45
CA THR C 432 8.34 -5.06 -10.14
C THR C 432 9.45 -4.82 -11.16
N LYS C 433 10.37 -3.94 -10.81
CA LYS C 433 11.51 -3.67 -11.68
C LYS C 433 12.44 -4.86 -11.64
N ILE C 434 12.29 -5.77 -12.59
CA ILE C 434 13.12 -6.97 -12.61
C ILE C 434 14.57 -6.54 -12.85
N ASP C 435 15.39 -6.61 -11.81
CA ASP C 435 16.80 -6.28 -11.93
C ASP C 435 17.65 -7.30 -11.20
N PHE C 436 17.31 -8.58 -11.37
CA PHE C 436 18.08 -9.65 -10.75
C PHE C 436 17.75 -10.94 -11.48
N ASP C 437 18.76 -11.58 -12.05
CA ASP C 437 18.56 -12.73 -12.92
C ASP C 437 18.39 -14.03 -12.16
N GLY C 438 18.07 -13.97 -10.88
CA GLY C 438 17.81 -15.18 -10.12
C GLY C 438 16.43 -15.14 -9.51
N ILE C 439 15.61 -14.19 -9.98
CA ILE C 439 14.32 -13.96 -9.35
C ILE C 439 13.40 -15.17 -9.50
N PHE C 440 13.49 -15.87 -10.64
CA PHE C 440 12.66 -17.04 -10.88
C PHE C 440 13.42 -18.34 -10.69
N LEU C 441 14.33 -18.37 -9.73
CA LEU C 441 15.11 -19.57 -9.51
C LEU C 441 14.31 -20.54 -8.63
N GLY C 442 14.37 -21.83 -8.98
CA GLY C 442 13.70 -22.86 -8.24
C GLY C 442 12.39 -23.33 -8.84
N LEU C 443 11.76 -22.51 -9.69
CA LEU C 443 10.47 -22.85 -10.30
C LEU C 443 10.69 -23.85 -11.43
N THR C 444 11.11 -25.05 -11.06
CA THR C 444 11.43 -26.07 -12.05
C THR C 444 10.20 -26.65 -12.75
N SER C 445 8.99 -26.37 -12.29
CA SER C 445 7.80 -26.99 -12.87
C SER C 445 6.77 -25.97 -13.35
N LEU C 446 7.06 -24.68 -13.24
CA LEU C 446 6.10 -23.67 -13.67
C LEU C 446 5.63 -23.96 -15.09
N ASN C 447 4.39 -23.56 -15.38
CA ASN C 447 3.81 -23.70 -16.70
C ASN C 447 3.15 -22.44 -17.22
N THR C 448 2.94 -21.44 -16.39
CA THR C 448 2.19 -20.26 -16.82
C THR C 448 2.67 -19.04 -16.05
N LEU C 449 3.58 -18.28 -16.63
CA LEU C 449 3.91 -16.97 -16.10
C LEU C 449 2.95 -15.93 -16.65
N LYS C 450 2.75 -14.87 -15.87
CA LYS C 450 1.91 -13.77 -16.32
C LYS C 450 2.42 -12.50 -15.64
N MET C 451 3.28 -11.76 -16.34
CA MET C 451 3.72 -10.45 -15.91
C MET C 451 3.40 -9.46 -17.01
N ALA C 452 2.60 -8.45 -16.70
CA ALA C 452 2.18 -7.49 -17.72
C ALA C 452 2.68 -6.08 -17.43
N GLY C 453 2.37 -5.51 -16.28
CA GLY C 453 2.76 -4.14 -16.02
C GLY C 453 4.06 -4.02 -15.26
N ASN C 454 5.05 -4.85 -15.61
CA ASN C 454 6.32 -4.91 -14.90
C ASN C 454 7.42 -4.41 -15.81
N SER C 455 8.38 -3.69 -15.25
CA SER C 455 9.46 -3.08 -16.00
C SER C 455 10.65 -4.03 -16.06
N PHE C 456 11.77 -3.53 -16.57
CA PHE C 456 13.06 -4.16 -16.47
C PHE C 456 14.11 -3.07 -16.35
N LYS C 457 15.33 -3.45 -15.98
CA LYS C 457 16.42 -2.49 -15.95
C LYS C 457 16.93 -2.26 -17.36
N ASP C 458 17.14 -1.00 -17.71
CA ASP C 458 17.49 -0.58 -19.07
C ASP C 458 16.43 -0.84 -20.11
N ASN C 459 15.24 -1.27 -19.72
CA ASN C 459 14.23 -1.67 -20.68
C ASN C 459 14.76 -2.76 -21.60
N THR C 460 15.60 -3.62 -21.04
CA THR C 460 16.22 -4.70 -21.79
C THR C 460 15.84 -6.02 -21.16
N LEU C 461 15.27 -6.92 -21.95
CA LEU C 461 14.85 -8.21 -21.42
C LEU C 461 16.09 -9.00 -21.05
N SER C 462 16.34 -9.13 -19.76
CA SER C 462 17.49 -9.86 -19.26
C SER C 462 17.29 -11.35 -19.45
N ASN C 463 18.26 -12.14 -18.99
CA ASN C 463 18.19 -13.59 -19.13
C ASN C 463 17.68 -14.20 -17.83
N VAL C 464 16.36 -14.13 -17.65
CA VAL C 464 15.73 -14.53 -16.40
C VAL C 464 14.91 -15.80 -16.56
N PHE C 465 15.04 -16.50 -17.68
CA PHE C 465 14.21 -17.67 -17.95
C PHE C 465 15.02 -18.96 -18.03
N ALA C 466 16.21 -18.98 -17.47
CA ALA C 466 16.92 -20.24 -17.36
C ALA C 466 16.31 -21.07 -16.24
N ASN C 467 16.48 -22.39 -16.35
CA ASN C 467 15.91 -23.31 -15.36
C ASN C 467 14.40 -23.14 -15.22
N THR C 468 13.74 -22.77 -16.32
CA THR C 468 12.28 -22.74 -16.40
C THR C 468 11.84 -23.48 -17.64
N THR C 469 12.40 -24.68 -17.83
CA THR C 469 12.24 -25.40 -19.08
C THR C 469 10.77 -25.63 -19.42
N ASN C 470 9.97 -26.06 -18.44
CA ASN C 470 8.62 -26.54 -18.72
C ASN C 470 7.64 -25.42 -19.03
N LEU C 471 8.07 -24.17 -19.04
CA LEU C 471 7.17 -23.08 -19.36
C LEU C 471 6.46 -23.35 -20.66
N THR C 472 5.13 -23.23 -20.65
CA THR C 472 4.30 -23.48 -21.81
C THR C 472 3.51 -22.27 -22.27
N PHE C 473 3.22 -21.34 -21.38
CA PHE C 473 2.51 -20.12 -21.71
C PHE C 473 3.26 -18.97 -21.07
N LEU C 474 3.67 -18.02 -21.84
CA LEU C 474 4.42 -16.89 -21.31
C LEU C 474 3.93 -15.55 -21.81
N ASP C 475 3.57 -14.66 -20.90
CA ASP C 475 3.01 -13.36 -21.28
C ASP C 475 3.86 -12.20 -20.78
N LEU C 476 4.49 -11.49 -21.73
CA LEU C 476 5.33 -10.34 -21.41
C LEU C 476 4.69 -9.04 -21.86
N SER C 477 3.42 -9.06 -22.21
CA SER C 477 2.77 -7.88 -22.76
C SER C 477 2.94 -6.69 -21.85
N LYS C 478 2.73 -5.51 -22.43
CA LYS C 478 2.51 -4.29 -21.66
C LYS C 478 3.71 -3.86 -20.84
N CYS C 479 4.78 -4.65 -20.86
CA CYS C 479 6.06 -4.14 -20.39
C CYS C 479 6.52 -3.10 -21.40
N GLN C 480 7.45 -2.26 -20.98
CA GLN C 480 7.90 -1.17 -21.84
C GLN C 480 9.26 -1.50 -22.40
N LEU C 481 9.50 -2.78 -22.70
CA LEU C 481 10.75 -3.23 -23.29
C LEU C 481 11.15 -2.35 -24.46
N GLU C 482 12.45 -2.29 -24.74
CA GLU C 482 12.95 -1.61 -25.92
C GLU C 482 13.97 -2.43 -26.68
N GLN C 483 14.42 -3.56 -26.14
CA GLN C 483 15.25 -4.49 -26.88
C GLN C 483 15.29 -5.79 -26.11
N ILE C 484 15.54 -6.87 -26.83
CA ILE C 484 15.64 -8.20 -26.26
C ILE C 484 17.10 -8.62 -26.25
N SER C 485 17.65 -8.82 -25.07
CA SER C 485 19.02 -9.27 -24.97
C SER C 485 19.20 -10.54 -25.78
N TRP C 486 20.45 -10.85 -26.10
CA TRP C 486 20.77 -12.01 -26.90
C TRP C 486 20.88 -13.24 -26.01
N GLY C 487 20.27 -14.34 -26.44
CA GLY C 487 20.35 -15.61 -25.75
C GLY C 487 19.11 -15.98 -24.97
N VAL C 488 18.16 -15.05 -24.79
CA VAL C 488 16.94 -15.39 -24.10
C VAL C 488 16.16 -16.42 -24.92
N PHE C 489 15.19 -17.06 -24.26
CA PHE C 489 14.33 -18.04 -24.91
C PHE C 489 15.10 -19.24 -25.40
N ASP C 490 16.40 -19.31 -25.15
CA ASP C 490 17.22 -20.31 -25.81
C ASP C 490 17.04 -21.70 -25.23
N THR C 491 16.11 -21.91 -24.31
CA THR C 491 15.87 -23.22 -23.77
C THR C 491 14.41 -23.47 -23.43
N LEU C 492 13.49 -22.63 -23.93
CA LEU C 492 12.07 -22.82 -23.71
C LEU C 492 11.55 -23.72 -24.82
N HIS C 493 11.90 -25.00 -24.72
CA HIS C 493 11.61 -25.94 -25.79
C HIS C 493 10.14 -26.30 -25.89
N ARG C 494 9.28 -25.74 -25.04
CA ARG C 494 7.86 -26.10 -25.07
C ARG C 494 6.95 -24.89 -25.09
N LEU C 495 7.48 -23.68 -25.02
CA LEU C 495 6.62 -22.50 -25.10
C LEU C 495 5.73 -22.61 -26.32
N GLN C 496 4.44 -22.38 -26.12
CA GLN C 496 3.46 -22.44 -27.20
C GLN C 496 2.78 -21.12 -27.47
N LEU C 497 2.75 -20.19 -26.52
CA LEU C 497 2.18 -18.87 -26.74
C LEU C 497 3.14 -17.86 -26.15
N LEU C 498 3.56 -16.89 -26.95
CA LEU C 498 4.51 -15.87 -26.51
C LEU C 498 3.93 -14.49 -26.84
N ASN C 499 3.24 -13.91 -25.88
CA ASN C 499 2.64 -12.60 -26.07
C ASN C 499 3.66 -11.51 -25.78
N MET C 500 3.75 -10.53 -26.69
CA MET C 500 4.63 -9.39 -26.45
C MET C 500 4.02 -8.07 -26.90
N SER C 501 2.70 -7.98 -27.03
CA SER C 501 2.09 -6.79 -27.57
C SER C 501 2.46 -5.56 -26.75
N HIS C 502 2.16 -4.40 -27.31
CA HIS C 502 2.17 -3.11 -26.61
C HIS C 502 3.53 -2.77 -26.03
N ASN C 503 4.61 -3.38 -26.51
CA ASN C 503 5.95 -3.00 -26.13
C ASN C 503 6.38 -1.82 -27.00
N ASN C 504 7.64 -1.41 -26.88
CA ASN C 504 8.18 -0.30 -27.67
C ASN C 504 9.37 -0.75 -28.48
N LEU C 505 9.35 -2.01 -28.92
CA LEU C 505 10.44 -2.58 -29.76
C LEU C 505 10.72 -1.61 -30.92
N LEU C 506 11.96 -1.53 -31.39
CA LEU C 506 12.22 -0.67 -32.57
C LEU C 506 12.14 -1.51 -33.85
N PHE C 507 12.57 -2.77 -33.77
CA PHE C 507 12.58 -3.66 -34.95
C PHE C 507 12.26 -5.08 -34.51
N LEU C 508 12.57 -6.07 -35.34
CA LEU C 508 12.37 -7.50 -34.95
C LEU C 508 13.59 -8.30 -35.39
N ASP C 509 13.95 -9.34 -34.63
CA ASP C 509 15.00 -10.24 -35.03
C ASP C 509 14.44 -11.66 -35.15
N SER C 510 15.11 -12.46 -35.97
CA SER C 510 14.73 -13.85 -36.18
C SER C 510 15.75 -14.82 -35.62
N SER C 511 16.93 -14.34 -35.23
CA SER C 511 17.87 -15.20 -34.53
C SER C 511 17.28 -15.66 -33.21
N HIS C 512 16.53 -14.78 -32.54
CA HIS C 512 15.66 -15.21 -31.46
C HIS C 512 14.63 -16.19 -32.02
N TYR C 513 13.89 -16.83 -31.13
CA TYR C 513 12.78 -17.66 -31.57
C TYR C 513 13.27 -18.87 -32.35
N ASN C 514 14.57 -18.96 -32.57
CA ASN C 514 15.09 -20.04 -33.41
C ASN C 514 15.06 -21.39 -32.71
N GLN C 515 14.88 -21.41 -31.39
CA GLN C 515 14.84 -22.65 -30.64
C GLN C 515 13.47 -22.92 -30.03
N LEU C 516 12.43 -22.21 -30.48
CA LEU C 516 11.09 -22.33 -29.89
C LEU C 516 10.44 -23.36 -30.82
N TYR C 517 10.82 -24.62 -30.63
CA TYR C 517 10.37 -25.68 -31.52
C TYR C 517 8.86 -25.75 -31.58
N SER C 518 8.19 -25.56 -30.45
CA SER C 518 6.76 -25.80 -30.36
C SER C 518 5.92 -24.54 -30.46
N LEU C 519 6.54 -23.38 -30.61
CA LEU C 519 5.76 -22.15 -30.66
C LEU C 519 4.66 -22.26 -31.70
N SER C 520 3.51 -21.66 -31.41
CA SER C 520 2.40 -21.62 -32.35
C SER C 520 1.71 -20.27 -32.44
N THR C 521 1.96 -19.35 -31.51
CA THR C 521 1.38 -18.01 -31.59
C THR C 521 2.43 -17.03 -31.11
N LEU C 522 2.56 -15.92 -31.81
CA LEU C 522 3.64 -14.99 -31.54
C LEU C 522 3.02 -13.62 -31.75
N ASP C 523 2.09 -13.25 -30.88
CA ASP C 523 1.44 -11.95 -30.98
C ASP C 523 2.51 -10.93 -30.66
N CYS C 524 2.83 -10.10 -31.66
CA CYS C 524 3.89 -9.07 -31.50
C CYS C 524 3.41 -7.78 -32.14
N SER C 525 2.16 -7.40 -31.89
CA SER C 525 1.57 -6.20 -32.53
C SER C 525 1.72 -4.99 -31.61
N PHE C 526 1.25 -3.82 -32.07
CA PHE C 526 1.27 -2.59 -31.22
C PHE C 526 2.68 -2.30 -30.69
N ASN C 527 3.73 -2.89 -31.26
CA ASN C 527 5.04 -2.54 -30.72
C ASN C 527 5.98 -1.95 -31.76
N ARG C 528 5.44 -1.16 -32.70
CA ARG C 528 6.23 -0.22 -33.49
C ARG C 528 7.52 -0.85 -34.03
N ILE C 529 7.36 -1.87 -34.86
CA ILE C 529 8.48 -2.52 -35.54
C ILE C 529 8.70 -1.84 -36.87
N GLU C 530 9.92 -1.92 -37.38
CA GLU C 530 10.24 -1.41 -38.71
C GLU C 530 10.52 -2.53 -39.71
N THR C 531 11.19 -3.59 -39.29
CA THR C 531 11.56 -4.65 -40.19
C THR C 531 11.87 -5.90 -39.36
N SER C 532 12.44 -6.90 -40.02
CA SER C 532 12.82 -8.15 -39.36
C SER C 532 14.24 -8.48 -39.80
N LYS C 533 15.20 -8.05 -39.00
CA LYS C 533 16.59 -8.30 -39.33
C LYS C 533 16.85 -9.80 -39.29
N GLY C 534 18.07 -10.19 -39.66
CA GLY C 534 18.41 -11.59 -39.65
C GLY C 534 17.69 -12.39 -40.71
N ILE C 535 18.28 -13.52 -41.11
CA ILE C 535 17.66 -14.36 -42.10
C ILE C 535 16.25 -14.72 -41.66
N LEU C 536 15.28 -14.51 -42.55
CA LEU C 536 13.87 -14.66 -42.19
C LEU C 536 13.34 -16.07 -42.37
N GLN C 537 14.21 -17.04 -42.54
CA GLN C 537 13.79 -18.42 -42.70
C GLN C 537 14.11 -19.29 -41.48
N HIS C 538 14.52 -18.69 -40.37
CA HIS C 538 14.77 -19.44 -39.14
C HIS C 538 13.60 -19.42 -38.16
N PHE C 539 12.55 -18.66 -38.43
CA PHE C 539 11.35 -18.78 -37.63
C PHE C 539 10.94 -20.25 -37.56
N PRO C 540 10.23 -20.72 -36.49
CA PRO C 540 9.71 -22.10 -36.49
C PRO C 540 8.54 -22.13 -37.47
N LYS C 541 8.45 -23.17 -38.30
CA LYS C 541 7.33 -23.30 -39.27
C LYS C 541 6.02 -23.53 -38.51
N SER C 542 6.11 -23.95 -37.24
CA SER C 542 4.90 -24.27 -36.43
C SER C 542 4.13 -22.99 -36.08
N LEU C 543 4.67 -21.80 -36.38
CA LEU C 543 3.91 -20.59 -36.12
C LEU C 543 2.66 -20.58 -36.98
N ALA C 544 1.50 -20.46 -36.33
CA ALA C 544 0.22 -20.44 -37.08
C ALA C 544 -0.36 -19.01 -37.07
N PHE C 545 -0.02 -18.23 -36.04
CA PHE C 545 -0.58 -16.86 -35.91
C PHE C 545 0.55 -15.86 -35.65
N PHE C 546 0.49 -14.70 -36.30
CA PHE C 546 1.53 -13.65 -36.11
C PHE C 546 0.87 -12.28 -36.23
N ASN C 547 0.65 -11.61 -35.13
CA ASN C 547 0.05 -10.33 -35.29
C ASN C 547 1.16 -9.43 -35.72
N LEU C 548 0.88 -8.57 -36.70
CA LEU C 548 1.81 -7.52 -37.18
C LEU C 548 1.00 -6.23 -37.37
N THR C 549 -0.03 -6.03 -36.54
CA THR C 549 -0.93 -4.85 -36.71
C THR C 549 -0.45 -3.67 -35.86
N ASN C 550 -1.03 -2.49 -36.06
CA ASN C 550 -0.60 -1.24 -35.34
C ASN C 550 0.92 -1.16 -35.30
N ASN C 551 1.59 -1.64 -36.34
CA ASN C 551 3.05 -1.52 -36.41
C ASN C 551 3.40 -0.31 -37.25
N SER C 552 4.68 -0.17 -37.60
CA SER C 552 5.15 0.93 -38.43
C SER C 552 6.18 0.43 -39.43
N VAL C 553 5.92 -0.72 -40.05
CA VAL C 553 6.85 -1.28 -41.02
C VAL C 553 7.02 -0.30 -42.17
N ALA C 554 8.27 -0.02 -42.52
CA ALA C 554 8.59 0.91 -43.59
C ALA C 554 8.86 0.12 -44.87
N CYS C 555 8.02 0.34 -45.88
CA CYS C 555 8.11 -0.37 -47.14
C CYS C 555 8.75 0.54 -48.19
N ILE C 556 9.80 1.26 -47.79
CA ILE C 556 10.55 2.14 -48.72
C ILE C 556 11.73 1.26 -49.20
N CYS C 557 11.42 0.09 -49.76
CA CYS C 557 12.49 -0.86 -50.20
C CYS C 557 13.42 -1.19 -49.03
N GLU C 558 12.98 -0.91 -47.79
CA GLU C 558 13.79 -1.20 -46.59
C GLU C 558 13.72 -2.71 -46.35
N HIS C 559 14.83 -3.43 -46.58
CA HIS C 559 14.82 -4.92 -46.48
C HIS C 559 13.80 -5.46 -47.49
N GLN C 560 14.09 -5.33 -48.79
CA GLN C 560 13.16 -5.82 -49.84
C GLN C 560 12.82 -7.30 -49.58
N LYS C 561 13.78 -8.08 -49.08
CA LYS C 561 13.53 -9.51 -48.76
C LYS C 561 12.36 -9.62 -47.78
N PHE C 562 12.39 -8.81 -46.71
CA PHE C 562 11.31 -8.87 -45.73
C PHE C 562 10.00 -8.36 -46.32
N LEU C 563 10.05 -7.27 -47.08
CA LEU C 563 8.84 -6.74 -47.68
C LEU C 563 8.19 -7.74 -48.63
N GLN C 564 8.96 -8.73 -49.09
CA GLN C 564 8.40 -9.77 -49.99
C GLN C 564 7.88 -10.92 -49.11
N TRP C 565 8.67 -11.34 -48.13
CA TRP C 565 8.29 -12.44 -47.19
C TRP C 565 6.96 -12.11 -46.51
N VAL C 566 6.72 -10.83 -46.19
CA VAL C 566 5.50 -10.42 -45.44
C VAL C 566 4.23 -10.60 -46.28
N LYS C 567 4.32 -10.60 -47.62
CA LYS C 567 3.11 -10.66 -48.43
C LYS C 567 3.14 -12.03 -49.08
N GLU C 568 4.19 -12.82 -48.85
CA GLU C 568 4.25 -14.15 -49.43
C GLU C 568 3.77 -15.22 -48.45
N GLN C 569 4.36 -15.24 -47.25
CA GLN C 569 3.94 -16.20 -46.20
C GLN C 569 2.87 -15.52 -45.35
N LYS C 570 1.75 -15.14 -45.97
CA LYS C 570 0.69 -14.36 -45.28
C LYS C 570 -0.50 -15.24 -44.91
N GLN C 571 -0.48 -16.52 -45.29
CA GLN C 571 -1.54 -17.41 -44.82
C GLN C 571 -1.45 -17.63 -43.32
N PHE C 572 -0.44 -17.08 -42.67
CA PHE C 572 -0.27 -17.15 -41.22
C PHE C 572 -0.52 -15.81 -40.54
N LEU C 573 -0.04 -14.73 -41.13
CA LEU C 573 -0.22 -13.41 -40.54
C LEU C 573 -1.70 -13.15 -40.28
N VAL C 574 -1.97 -12.18 -39.43
CA VAL C 574 -3.32 -11.84 -39.03
C VAL C 574 -3.71 -10.53 -39.69
N ASN C 575 -4.84 -10.53 -40.39
CA ASN C 575 -5.36 -9.34 -41.05
C ASN C 575 -4.31 -8.72 -41.99
N VAL C 576 -3.72 -9.57 -42.83
CA VAL C 576 -2.80 -9.07 -43.84
C VAL C 576 -3.46 -7.96 -44.66
N GLU C 577 -4.79 -7.92 -44.63
CA GLU C 577 -5.54 -6.99 -45.48
C GLU C 577 -5.07 -5.56 -45.31
N GLN C 578 -5.25 -5.00 -44.12
CA GLN C 578 -4.98 -3.58 -43.90
C GLN C 578 -3.58 -3.34 -43.37
N MET C 579 -2.56 -3.78 -44.12
CA MET C 579 -1.17 -3.60 -43.74
C MET C 579 -0.66 -2.31 -44.37
N THR C 580 -0.89 -1.19 -43.70
CA THR C 580 -0.43 0.12 -44.22
C THR C 580 1.09 0.25 -44.08
N CYS C 581 1.73 1.07 -44.90
CA CYS C 581 3.18 1.33 -44.71
C CYS C 581 3.29 2.71 -44.03
N ALA C 582 4.47 3.06 -43.52
CA ALA C 582 4.57 4.32 -42.74
C ALA C 582 5.66 5.23 -43.31
N THR C 583 6.21 4.90 -44.49
CA THR C 583 7.17 5.82 -45.14
C THR C 583 6.57 6.31 -46.45
N PRO C 584 6.32 7.62 -46.74
CA PRO C 584 5.74 8.02 -48.04
C PRO C 584 6.34 7.27 -49.24
N VAL C 585 5.49 6.55 -49.98
CA VAL C 585 4.01 6.71 -49.92
C VAL C 585 3.39 5.66 -48.99
N GLU C 586 2.33 6.03 -48.28
CA GLU C 586 1.66 5.11 -47.32
C GLU C 586 0.50 4.41 -48.05
N MET C 587 -0.59 4.08 -47.33
CA MET C 587 -1.70 3.32 -47.98
C MET C 587 -1.35 2.23 -49.00
N ASN C 588 -0.34 1.41 -48.72
CA ASN C 588 0.08 0.36 -49.69
C ASN C 588 0.09 -1.02 -49.06
N THR C 589 0.42 -2.08 -49.81
CA THR C 589 0.55 -3.42 -49.26
C THR C 589 1.69 -4.20 -49.86
N SER C 590 1.96 -4.02 -51.16
CA SER C 590 3.00 -4.75 -51.86
C SER C 590 4.11 -3.81 -52.31
N LEU C 591 5.34 -4.36 -52.38
CA LEU C 591 6.50 -3.59 -52.88
C LEU C 591 6.77 -4.09 -54.31
N VAL C 592 7.28 -3.23 -55.20
CA VAL C 592 7.45 -3.60 -56.65
C VAL C 592 8.41 -4.78 -56.84
N LEU C 593 9.52 -4.84 -56.09
CA LEU C 593 10.54 -5.90 -56.33
C LEU C 593 10.02 -7.29 -55.93
N ASP C 594 9.98 -8.25 -56.87
CA ASP C 594 9.62 -9.60 -56.52
C ASP C 594 10.85 -10.49 -56.56
N PHE C 595 10.90 -11.48 -55.68
CA PHE C 595 11.98 -12.46 -55.67
C PHE C 595 13.36 -11.82 -55.66
N ASN D 1 55.89 20.70 1.47
CA ASN D 1 54.70 20.04 2.10
C ASN D 1 54.74 18.54 1.79
N PRO D 2 55.17 17.68 2.74
CA PRO D 2 55.18 16.23 2.52
C PRO D 2 53.77 15.65 2.68
N CYS D 3 52.77 16.51 2.50
CA CYS D 3 51.37 16.06 2.74
C CYS D 3 50.41 16.71 1.76
N ILE D 4 49.20 16.16 1.68
CA ILE D 4 48.21 16.59 0.65
C ILE D 4 47.36 17.79 1.04
N GLU D 5 47.42 18.86 0.25
CA GLU D 5 46.58 20.03 0.43
C GLU D 5 45.16 19.78 -0.05
N VAL D 6 44.19 20.22 0.72
CA VAL D 6 42.79 20.02 0.35
C VAL D 6 42.39 21.30 -0.35
N VAL D 7 42.56 22.43 0.32
CA VAL D 7 42.19 23.73 -0.23
C VAL D 7 43.45 24.57 -0.42
N PRO D 8 43.51 25.41 -1.43
CA PRO D 8 44.70 26.26 -1.61
C PRO D 8 45.00 27.10 -0.38
N ASN D 9 46.16 26.88 0.23
CA ASN D 9 46.65 27.63 1.38
C ASN D 9 45.75 27.44 2.59
N ILE D 10 44.86 26.44 2.60
CA ILE D 10 43.99 26.16 3.74
C ILE D 10 43.69 24.67 3.77
N THR D 11 43.50 24.15 4.99
CA THR D 11 43.06 22.78 5.19
C THR D 11 44.09 21.79 4.61
N TYR D 12 45.27 21.80 5.22
CA TYR D 12 46.38 20.94 4.78
C TYR D 12 46.29 19.61 5.51
N GLN D 13 45.57 18.67 4.93
CA GLN D 13 45.42 17.36 5.52
C GLN D 13 46.74 16.59 5.44
N CYS D 14 47.38 16.40 6.58
CA CYS D 14 48.68 15.73 6.61
C CYS D 14 48.66 14.47 7.44
N MET D 15 47.66 13.61 7.23
CA MET D 15 47.47 12.46 8.10
C MET D 15 48.21 11.24 7.58
N ASP D 16 48.94 10.59 8.47
CA ASP D 16 49.53 9.27 8.23
C ASP D 16 50.60 9.30 7.13
N GLN D 17 51.57 10.19 7.31
CA GLN D 17 52.86 10.09 6.65
C GLN D 17 53.92 9.94 7.72
N LYS D 18 55.00 9.22 7.41
CA LYS D 18 55.98 8.97 8.45
C LYS D 18 56.71 10.27 8.79
N LEU D 19 56.22 10.98 9.78
CA LEU D 19 56.78 12.25 10.20
C LEU D 19 57.34 12.11 11.62
N SER D 20 58.18 13.08 12.00
CA SER D 20 58.65 13.18 13.37
C SER D 20 58.70 14.61 13.86
N LYS D 21 58.05 15.53 13.15
CA LYS D 21 57.96 16.92 13.57
C LYS D 21 57.03 17.63 12.61
N VAL D 22 56.32 18.62 13.14
CA VAL D 22 55.42 19.39 12.27
C VAL D 22 56.23 19.95 11.11
N PRO D 23 55.75 19.84 9.87
CA PRO D 23 56.54 20.33 8.73
C PRO D 23 56.80 21.82 8.84
N ASP D 24 57.97 22.24 8.36
CA ASP D 24 58.34 23.64 8.38
C ASP D 24 57.81 24.41 7.17
N ASP D 25 57.55 23.73 6.06
CA ASP D 25 57.15 24.38 4.82
C ASP D 25 55.66 24.65 4.74
N ILE D 26 54.89 24.26 5.74
CA ILE D 26 53.45 24.48 5.72
C ILE D 26 53.20 25.97 5.82
N PRO D 27 52.44 26.56 4.90
CA PRO D 27 52.29 28.01 4.90
C PRO D 27 51.49 28.48 6.11
N SER D 28 51.84 29.67 6.60
CA SER D 28 50.97 30.32 7.55
C SER D 28 49.69 30.75 6.85
N SER D 29 48.79 31.37 7.61
CA SER D 29 47.45 31.67 7.11
C SER D 29 46.63 30.41 6.87
N THR D 30 47.21 29.26 7.23
CA THR D 30 46.45 27.98 7.12
C THR D 30 45.49 27.93 8.31
N LYS D 31 44.46 27.09 8.24
CA LYS D 31 43.46 27.14 9.35
C LYS D 31 43.23 25.76 9.96
N ASN D 32 43.38 24.67 9.18
CA ASN D 32 43.05 23.35 9.71
C ASN D 32 44.18 22.40 9.36
N ILE D 33 44.87 21.89 10.38
CA ILE D 33 45.99 20.91 10.17
C ILE D 33 45.61 19.60 10.86
N ASP D 34 45.94 18.45 10.24
CA ASP D 34 45.58 17.12 10.82
C ASP D 34 46.80 16.20 10.83
N LEU D 35 47.50 16.08 11.97
CA LEU D 35 48.66 15.21 12.07
C LEU D 35 48.27 14.03 12.93
N SER D 36 47.65 13.04 12.29
CA SER D 36 47.14 11.87 12.99
C SER D 36 47.92 10.64 12.57
N PHE D 37 48.27 9.81 13.54
CA PHE D 37 48.95 8.54 13.32
C PHE D 37 50.41 8.73 12.91
N ASN D 38 50.87 9.96 12.75
CA ASN D 38 52.29 10.17 12.53
C ASN D 38 53.07 9.82 13.79
N PRO D 39 54.25 9.29 13.67
CA PRO D 39 55.01 8.78 14.82
C PRO D 39 55.82 9.84 15.57
N LEU D 40 55.20 10.99 15.83
CA LEU D 40 55.82 11.93 16.75
C LEU D 40 56.04 11.26 18.09
N LYS D 41 56.96 11.78 18.88
CA LYS D 41 57.18 11.22 20.21
C LYS D 41 57.38 12.26 21.29
N ILE D 42 57.47 13.54 20.93
CA ILE D 42 57.63 14.59 21.92
C ILE D 42 57.36 15.91 21.23
N LEU D 43 56.65 16.79 21.93
CA LEU D 43 56.45 18.14 21.44
C LEU D 43 57.55 19.04 21.96
N LYS D 44 57.96 20.01 21.15
CA LYS D 44 59.10 20.84 21.46
C LYS D 44 58.72 22.32 21.41
N SER D 45 59.44 23.11 22.19
CA SER D 45 59.08 24.50 22.38
C SER D 45 58.95 25.25 21.06
N TYR D 46 57.96 26.13 20.98
CA TYR D 46 57.77 27.05 19.87
C TYR D 46 57.52 26.36 18.54
N SER D 47 57.43 25.02 18.53
CA SER D 47 57.32 24.29 17.28
C SER D 47 56.16 24.80 16.41
N PHE D 48 55.12 25.35 17.02
CA PHE D 48 53.98 25.88 16.27
C PHE D 48 54.02 27.40 16.19
N SER D 49 55.16 28.04 16.43
CA SER D 49 55.22 29.53 16.51
C SER D 49 54.53 30.26 15.35
N ASN D 50 54.88 29.97 14.09
CA ASN D 50 54.35 30.77 12.94
C ASN D 50 52.87 30.54 12.67
N PHE D 51 52.28 29.48 13.19
CA PHE D 51 50.86 29.20 12.86
C PHE D 51 49.96 30.12 13.69
N SER D 52 50.16 31.44 13.59
CA SER D 52 49.25 32.33 14.32
C SER D 52 48.04 32.62 13.47
N GLU D 53 47.48 31.57 12.86
CA GLU D 53 46.16 31.63 12.26
C GLU D 53 45.42 30.32 12.39
N LEU D 54 46.00 29.31 13.03
CA LEU D 54 45.43 27.98 13.08
C LEU D 54 44.30 27.95 14.09
N GLN D 55 43.22 27.23 13.75
CA GLN D 55 42.08 27.17 14.64
C GLN D 55 41.47 25.78 14.71
N TRP D 56 42.18 24.75 14.24
CA TRP D 56 41.70 23.39 14.40
C TRP D 56 42.88 22.46 14.23
N LEU D 57 43.36 21.89 15.34
CA LEU D 57 44.53 21.02 15.32
C LEU D 57 44.16 19.67 15.90
N ASP D 58 44.63 18.60 15.27
CA ASP D 58 44.30 17.24 15.66
C ASP D 58 45.57 16.42 15.76
N LEU D 59 45.82 15.84 16.93
CA LEU D 59 46.98 14.98 17.15
C LEU D 59 46.51 13.70 17.81
N SER D 60 46.05 12.75 17.00
CA SER D 60 45.47 11.51 17.50
C SER D 60 46.39 10.35 17.17
N ARG D 61 46.60 9.48 18.16
CA ARG D 61 47.42 8.25 17.96
C ARG D 61 48.87 8.61 17.64
N CYS D 62 49.29 9.88 17.77
CA CYS D 62 50.71 10.14 17.63
C CYS D 62 51.22 9.60 18.97
N GLU D 63 52.47 9.19 19.00
CA GLU D 63 52.97 8.51 20.18
C GLU D 63 53.64 9.60 20.99
N ILE D 64 52.99 10.74 21.19
CA ILE D 64 53.33 11.74 22.20
C ILE D 64 53.37 11.16 23.60
N GLU D 65 54.52 11.27 24.25
CA GLU D 65 54.72 10.71 25.58
C GLU D 65 55.18 11.73 26.60
N THR D 66 55.58 12.91 26.16
CA THR D 66 55.93 14.02 27.03
C THR D 66 55.65 15.32 26.29
N ILE D 67 55.75 16.43 27.00
CA ILE D 67 55.51 17.74 26.42
C ILE D 67 56.50 18.74 26.99
N GLU D 68 57.09 19.55 26.11
CA GLU D 68 57.98 20.61 26.55
C GLU D 68 57.16 21.76 27.15
N ASP D 69 57.83 22.58 27.94
CA ASP D 69 57.12 23.62 28.69
C ASP D 69 56.32 24.52 27.75
N LYS D 70 57.00 25.21 26.85
CA LYS D 70 56.33 26.14 25.95
C LYS D 70 55.93 25.45 24.64
N ALA D 71 55.23 24.33 24.75
CA ALA D 71 54.87 23.56 23.56
C ALA D 71 53.97 24.37 22.64
N TRP D 72 52.78 24.72 23.12
CA TRP D 72 51.80 25.43 22.29
C TRP D 72 51.95 26.93 22.41
N HIS D 73 53.17 27.43 22.17
CA HIS D 73 53.48 28.81 22.46
C HIS D 73 52.68 29.77 21.59
N GLY D 74 52.92 29.75 20.28
CA GLY D 74 52.39 30.78 19.43
C GLY D 74 50.94 30.64 19.02
N LEU D 75 50.21 29.68 19.56
CA LEU D 75 48.84 29.44 19.13
C LEU D 75 47.91 30.42 19.84
N HIS D 76 47.26 31.30 19.07
CA HIS D 76 46.44 32.34 19.64
C HIS D 76 44.96 32.22 19.30
N HIS D 77 44.61 31.52 18.24
CA HIS D 77 43.22 31.39 17.82
C HIS D 77 42.76 29.95 17.77
N LEU D 78 43.55 29.03 18.32
CA LEU D 78 43.20 27.61 18.32
C LEU D 78 41.95 27.39 19.16
N SER D 79 40.92 26.83 18.56
CA SER D 79 39.71 26.54 19.32
C SER D 79 39.54 25.08 19.70
N ASN D 80 39.82 24.16 18.78
CA ASN D 80 39.58 22.75 19.00
C ASN D 80 40.92 22.04 19.02
N LEU D 81 41.27 21.43 20.14
CA LEU D 81 42.48 20.64 20.26
C LEU D 81 42.12 19.24 20.68
N ILE D 82 42.48 18.25 19.87
CA ILE D 82 42.19 16.85 20.14
C ILE D 82 43.48 16.15 20.49
N LEU D 83 43.43 15.21 21.43
CA LEU D 83 44.63 14.52 21.89
C LEU D 83 44.39 13.04 22.13
N THR D 84 43.37 12.47 21.51
CA THR D 84 43.01 11.08 21.77
C THR D 84 44.19 10.14 21.51
N GLY D 85 44.36 9.16 22.38
CA GLY D 85 45.28 8.07 22.15
C GLY D 85 46.67 8.25 22.73
N ASN D 86 47.18 9.46 22.80
CA ASN D 86 48.56 9.68 23.22
C ASN D 86 48.74 9.31 24.70
N PRO D 87 49.73 8.49 25.04
CA PRO D 87 49.90 8.05 26.43
C PRO D 87 50.65 9.08 27.29
N ILE D 88 50.08 10.28 27.40
CA ILE D 88 50.62 11.31 28.26
C ILE D 88 50.15 11.04 29.68
N GLN D 89 50.92 10.27 30.45
CA GLN D 89 50.41 9.80 31.72
C GLN D 89 50.22 10.94 32.71
N SER D 90 51.22 11.78 32.89
CA SER D 90 51.20 12.86 33.87
C SER D 90 51.33 14.20 33.17
N PHE D 91 50.34 15.07 33.37
CA PHE D 91 50.37 16.42 32.82
C PHE D 91 51.01 17.33 33.85
N SER D 92 52.32 17.48 33.77
CA SER D 92 53.02 18.36 34.68
C SER D 92 52.51 19.79 34.52
N PRO D 93 52.62 20.61 35.56
CA PRO D 93 52.06 21.97 35.49
C PRO D 93 52.61 22.73 34.29
N GLY D 94 52.01 23.88 34.04
CA GLY D 94 52.44 24.76 32.97
C GLY D 94 52.21 24.26 31.56
N SER D 95 51.44 23.21 31.38
CA SER D 95 51.14 22.73 30.04
C SER D 95 49.82 23.44 29.78
N PHE D 96 49.44 23.49 28.51
CA PHE D 96 48.24 24.24 28.10
C PHE D 96 48.40 25.72 28.40
N SER D 97 49.63 26.19 28.62
CA SER D 97 49.86 27.57 29.00
C SER D 97 49.54 28.52 27.85
N GLY D 98 50.27 28.40 26.75
CA GLY D 98 50.12 29.33 25.65
C GLY D 98 48.70 29.45 25.12
N LEU D 99 47.91 28.39 25.22
CA LEU D 99 46.57 28.39 24.67
C LEU D 99 45.73 29.43 25.40
N THR D 100 45.05 30.29 24.65
CA THR D 100 44.27 31.36 25.24
C THR D 100 42.87 31.49 24.66
N SER D 101 42.47 30.62 23.74
CA SER D 101 41.09 30.67 23.27
C SER D 101 40.52 29.27 23.09
N LEU D 102 41.14 28.26 23.68
CA LEU D 102 40.67 26.88 23.52
C LEU D 102 39.23 26.75 23.98
N GLU D 103 38.40 26.15 23.14
CA GLU D 103 36.99 25.99 23.44
C GLU D 103 36.56 24.54 23.58
N ASN D 104 37.40 23.58 23.21
CA ASN D 104 36.98 22.19 23.23
C ASN D 104 38.23 21.32 23.35
N LEU D 105 38.52 20.86 24.57
CA LEU D 105 39.66 19.99 24.79
C LEU D 105 39.18 18.55 24.89
N VAL D 106 39.81 17.67 24.13
CA VAL D 106 39.49 16.25 24.11
C VAL D 106 40.71 15.47 24.54
N ALA D 107 40.62 14.78 25.66
CA ALA D 107 41.76 14.05 26.22
C ALA D 107 41.37 12.62 26.51
N VAL D 108 40.76 11.96 25.54
CA VAL D 108 40.29 10.60 25.72
C VAL D 108 41.46 9.63 25.66
N GLU D 109 41.50 8.69 26.59
CA GLU D 109 42.46 7.59 26.57
C GLU D 109 43.91 8.08 26.61
N THR D 110 44.19 9.01 27.53
CA THR D 110 45.55 9.47 27.76
C THR D 110 46.08 8.99 29.10
N LYS D 111 45.71 7.76 29.47
CA LYS D 111 46.21 7.16 30.74
C LYS D 111 46.19 8.22 31.83
N LEU D 112 45.09 8.96 31.96
CA LEU D 112 44.94 9.97 33.05
C LEU D 112 44.82 9.20 34.37
N ALA D 113 44.79 9.89 35.51
CA ALA D 113 44.58 9.16 36.76
C ALA D 113 43.60 9.90 37.65
N SER D 114 43.48 11.23 37.49
CA SER D 114 42.66 11.97 38.41
C SER D 114 42.40 13.35 37.82
N LEU D 115 41.31 13.97 38.25
CA LEU D 115 40.91 15.23 37.67
C LEU D 115 41.44 16.43 38.45
N GLU D 116 42.15 16.22 39.55
CA GLU D 116 42.75 17.31 40.30
C GLU D 116 44.13 17.67 39.78
N SER D 117 44.95 16.67 39.48
CA SER D 117 46.25 16.88 38.87
C SER D 117 46.09 17.06 37.35
N PHE D 118 45.33 18.09 36.98
CA PHE D 118 45.05 18.39 35.58
C PHE D 118 45.15 19.89 35.39
N PRO D 119 46.32 20.37 34.97
CA PRO D 119 46.56 21.82 34.99
C PRO D 119 45.78 22.59 33.95
N ILE D 120 44.47 22.70 34.13
CA ILE D 120 43.65 23.47 33.21
C ILE D 120 43.01 24.66 33.90
N GLY D 121 43.50 25.02 35.09
CA GLY D 121 42.87 26.05 35.89
C GLY D 121 42.63 27.37 35.18
N GLN D 122 43.50 27.73 34.26
CA GLN D 122 43.43 29.06 33.65
C GLN D 122 42.72 29.09 32.30
N LEU D 123 42.38 27.95 31.75
CA LEU D 123 41.69 27.94 30.47
C LEU D 123 40.26 28.42 30.66
N ILE D 124 40.06 29.74 30.63
CA ILE D 124 38.82 30.31 31.12
C ILE D 124 37.81 30.45 29.99
N THR D 125 38.04 29.76 28.88
CA THR D 125 37.10 29.78 27.78
C THR D 125 36.56 28.40 27.45
N LEU D 126 37.03 27.36 28.14
CA LEU D 126 36.74 25.98 27.79
C LEU D 126 35.25 25.72 27.90
N LYS D 127 34.61 25.36 26.78
CA LYS D 127 33.21 24.98 26.81
C LYS D 127 33.05 23.53 27.21
N LYS D 128 33.58 22.61 26.41
CA LYS D 128 33.44 21.19 26.65
C LYS D 128 34.70 20.62 27.24
N LEU D 129 34.57 19.42 27.80
CA LEU D 129 35.71 18.69 28.31
C LEU D 129 35.36 17.21 28.26
N ASN D 130 36.26 16.40 27.72
CA ASN D 130 35.99 14.99 27.49
C ASN D 130 37.17 14.18 27.99
N VAL D 131 36.97 13.40 29.05
CA VAL D 131 38.06 12.61 29.61
C VAL D 131 37.57 11.19 29.80
N ALA D 132 36.83 10.67 28.83
CA ALA D 132 36.31 9.32 28.94
C ALA D 132 37.45 8.35 28.72
N HIS D 133 37.34 7.17 29.32
CA HIS D 133 38.26 6.07 29.06
C HIS D 133 39.62 6.49 29.63
N ASN D 134 39.66 6.80 30.92
CA ASN D 134 40.81 7.52 31.45
C ASN D 134 41.14 7.13 32.89
N PHE D 135 40.86 5.91 33.30
CA PHE D 135 41.42 5.44 34.57
C PHE D 135 40.94 6.20 35.81
N ILE D 136 40.07 7.19 35.65
CA ILE D 136 39.68 8.01 36.79
C ILE D 136 38.93 7.15 37.80
N HIS D 137 38.99 7.56 39.07
CA HIS D 137 38.45 6.76 40.16
C HIS D 137 37.45 7.48 41.04
N SER D 138 37.31 8.80 40.90
CA SER D 138 36.46 9.55 41.81
C SER D 138 35.74 10.67 41.05
N CYS D 139 34.43 10.74 41.24
CA CYS D 139 33.61 11.78 40.64
C CYS D 139 33.88 13.15 41.23
N LYS D 140 34.75 13.25 42.23
CA LYS D 140 35.01 14.51 42.91
C LYS D 140 35.33 15.60 41.90
N LEU D 141 34.50 16.63 41.84
CA LEU D 141 34.81 17.78 41.02
C LEU D 141 35.84 18.64 41.73
N PRO D 142 36.90 19.07 41.07
CA PRO D 142 37.92 19.86 41.75
C PRO D 142 37.49 21.32 41.90
N ALA D 143 38.14 21.98 42.85
CA ALA D 143 37.72 23.34 43.20
C ALA D 143 37.95 24.32 42.07
N TYR D 144 39.07 24.21 41.36
CA TYR D 144 39.40 25.20 40.35
C TYR D 144 38.32 25.37 39.31
N PHE D 145 37.32 24.49 39.29
CA PHE D 145 36.19 24.68 38.38
C PHE D 145 35.56 26.05 38.57
N SER D 146 35.68 26.64 39.75
CA SER D 146 35.11 27.97 39.96
C SER D 146 35.66 28.98 38.98
N ASN D 147 36.86 28.72 38.45
CA ASN D 147 37.46 29.63 37.49
C ASN D 147 36.98 29.46 36.06
N LEU D 148 36.54 28.26 35.71
CA LEU D 148 36.21 27.89 34.33
C LEU D 148 34.74 28.26 34.20
N THR D 149 34.47 29.57 34.17
CA THR D 149 33.10 30.03 34.29
C THR D 149 32.20 29.43 33.21
N ASN D 150 32.66 29.43 31.98
CA ASN D 150 31.80 29.03 30.85
C ASN D 150 32.08 27.57 30.45
N LEU D 151 31.80 26.66 31.36
CA LEU D 151 31.93 25.22 31.12
C LEU D 151 30.56 24.60 31.25
N VAL D 152 30.09 23.93 30.20
CA VAL D 152 28.73 23.44 30.15
C VAL D 152 28.64 21.97 29.77
N HIS D 153 29.70 21.19 29.93
CA HIS D 153 29.58 19.77 29.69
C HIS D 153 30.85 19.08 30.17
N VAL D 154 30.68 17.95 30.84
CA VAL D 154 31.78 17.12 31.28
C VAL D 154 31.41 15.67 31.02
N ASP D 155 32.33 14.90 30.47
CA ASP D 155 32.06 13.53 30.07
C ASP D 155 33.04 12.62 30.77
N LEU D 156 32.54 11.82 31.72
CA LEU D 156 33.36 10.90 32.49
C LEU D 156 33.08 9.45 32.11
N SER D 157 32.48 9.21 30.96
CA SER D 157 32.03 7.88 30.60
C SER D 157 33.20 6.91 30.58
N TYR D 158 32.91 5.67 30.93
CA TYR D 158 33.83 4.56 30.71
C TYR D 158 35.09 4.69 31.57
N ASN D 159 34.91 5.15 32.80
CA ASN D 159 35.98 5.28 33.77
C ASN D 159 35.79 4.21 34.85
N TYR D 160 36.61 4.30 35.90
CA TYR D 160 36.60 3.30 36.96
C TYR D 160 35.83 3.77 38.19
N ILE D 161 34.96 4.76 38.03
CA ILE D 161 34.22 5.29 39.17
C ILE D 161 33.46 4.15 39.83
N GLN D 162 33.46 4.14 41.16
CA GLN D 162 32.88 3.06 41.92
C GLN D 162 31.81 3.50 42.90
N THR D 163 31.97 4.68 43.51
CA THR D 163 31.03 5.17 44.50
C THR D 163 30.94 6.68 44.40
N ILE D 164 29.84 7.22 44.89
CA ILE D 164 29.65 8.66 45.01
C ILE D 164 29.52 8.98 46.49
N THR D 165 30.04 10.13 46.89
CA THR D 165 30.05 10.53 48.28
C THR D 165 29.53 11.96 48.41
N VAL D 166 29.20 12.35 49.63
CA VAL D 166 28.60 13.65 49.85
C VAL D 166 29.56 14.79 49.53
N ASN D 167 30.86 14.60 49.76
CA ASN D 167 31.79 15.68 49.48
C ASN D 167 32.17 15.83 48.01
N ASP D 168 31.70 14.92 47.15
CA ASP D 168 31.85 15.14 45.73
C ASP D 168 30.62 15.99 45.47
N LEU D 169 30.57 16.60 44.27
CA LEU D 169 29.46 17.53 43.92
C LEU D 169 29.27 18.57 45.03
N GLN D 170 30.26 18.72 45.91
CA GLN D 170 30.19 19.81 46.92
C GLN D 170 30.17 21.10 46.12
N PHE D 171 31.13 21.26 45.21
CA PHE D 171 31.20 22.48 44.33
C PHE D 171 29.78 22.86 43.88
N LEU D 172 29.01 21.89 43.37
CA LEU D 172 27.65 22.18 42.86
C LEU D 172 26.73 22.66 43.99
N ARG D 173 26.93 22.22 45.24
CA ARG D 173 26.07 22.77 46.32
C ARG D 173 26.43 24.25 46.55
N GLU D 174 27.71 24.57 46.73
CA GLU D 174 28.12 25.93 47.03
C GLU D 174 27.88 26.87 45.87
N ASN D 175 27.80 26.34 44.64
CA ASN D 175 27.62 27.15 43.44
C ASN D 175 26.30 26.78 42.79
N PRO D 176 25.19 27.39 43.22
CA PRO D 176 23.88 27.07 42.65
C PRO D 176 23.61 27.71 41.29
N GLN D 177 24.63 28.24 40.63
CA GLN D 177 24.44 28.88 39.34
C GLN D 177 25.11 28.16 38.18
N VAL D 178 26.05 27.25 38.45
CA VAL D 178 26.73 26.55 37.38
C VAL D 178 25.73 25.70 36.61
N ASN D 179 25.71 25.88 35.29
CA ASN D 179 24.78 25.17 34.41
C ASN D 179 25.53 24.01 33.78
N LEU D 180 25.79 22.99 34.58
CA LEU D 180 26.64 21.88 34.17
C LEU D 180 25.81 20.73 33.64
N SER D 181 26.44 19.89 32.83
CA SER D 181 25.81 18.72 32.23
C SER D 181 26.72 17.52 32.43
N LEU D 182 26.33 16.61 33.30
CA LEU D 182 27.20 15.51 33.65
C LEU D 182 26.93 14.29 32.75
N ASP D 183 27.77 13.27 32.91
CA ASP D 183 27.64 12.05 32.14
C ASP D 183 28.52 10.99 32.78
N MET D 184 27.97 9.84 33.10
CA MET D 184 28.74 8.81 33.80
C MET D 184 28.44 7.43 33.28
N SER D 185 28.11 7.32 32.00
CA SER D 185 27.75 6.02 31.44
C SER D 185 28.90 5.05 31.60
N LEU D 186 28.56 3.79 31.83
CA LEU D 186 29.52 2.68 31.83
C LEU D 186 30.49 2.74 33.01
N ASN D 187 30.06 3.28 34.14
CA ASN D 187 30.84 3.27 35.36
C ASN D 187 30.23 2.28 36.33
N PRO D 188 31.01 1.37 36.90
CA PRO D 188 30.42 0.32 37.73
C PRO D 188 29.94 0.84 39.08
N ILE D 189 28.98 1.75 39.07
CA ILE D 189 28.50 2.36 40.30
C ILE D 189 27.74 1.32 41.12
N ASP D 190 28.08 1.22 42.40
CA ASP D 190 27.44 0.28 43.30
C ASP D 190 27.07 0.85 44.65
N PHE D 191 27.57 2.02 45.03
CA PHE D 191 27.29 2.59 46.34
C PHE D 191 27.23 4.09 46.22
N ILE D 192 26.03 4.65 46.22
CA ILE D 192 25.82 6.09 46.31
C ILE D 192 25.61 6.43 47.77
N GLN D 193 26.65 6.94 48.42
CA GLN D 193 26.52 7.34 49.81
C GLN D 193 25.24 8.13 50.02
N ASP D 194 24.56 7.87 51.13
CA ASP D 194 23.29 8.51 51.40
C ASP D 194 23.44 10.03 51.39
N GLN D 195 22.35 10.72 51.09
CA GLN D 195 22.31 12.18 51.04
C GLN D 195 23.30 12.76 50.04
N ALA D 196 23.81 11.93 49.12
CA ALA D 196 24.78 12.42 48.14
C ALA D 196 24.23 13.62 47.38
N PHE D 197 23.15 13.43 46.64
CA PHE D 197 22.48 14.52 45.97
C PHE D 197 21.48 15.19 46.89
N GLN D 198 21.71 16.45 47.21
CA GLN D 198 20.76 17.21 48.02
C GLN D 198 20.95 18.69 47.74
N GLY D 199 19.93 19.34 47.20
CA GLY D 199 20.11 20.70 46.75
C GLY D 199 20.97 20.81 45.51
N ILE D 200 21.18 19.72 44.80
CA ILE D 200 21.93 19.70 43.55
C ILE D 200 21.04 19.84 42.32
N LYS D 201 21.51 20.59 41.35
CA LYS D 201 20.75 20.82 40.12
C LYS D 201 21.59 20.65 38.87
N LEU D 202 21.36 19.56 38.13
CA LEU D 202 22.03 19.32 36.87
C LEU D 202 21.11 19.65 35.71
N HIS D 203 21.70 19.86 34.53
CA HIS D 203 20.90 20.04 33.34
C HIS D 203 20.74 18.76 32.53
N GLU D 204 21.55 17.75 32.80
CA GLU D 204 21.33 16.46 32.17
C GLU D 204 22.20 15.45 32.88
N LEU D 205 21.76 14.19 32.86
CA LEU D 205 22.48 13.14 33.57
C LEU D 205 22.23 11.83 32.85
N THR D 206 23.25 11.29 32.21
CA THR D 206 23.15 9.99 31.56
C THR D 206 23.62 8.91 32.50
N LEU D 207 22.89 7.80 32.53
CA LEU D 207 23.30 6.65 33.35
C LEU D 207 23.10 5.33 32.62
N ARG D 208 23.40 5.31 31.32
CA ARG D 208 23.17 4.09 30.50
C ARG D 208 24.28 3.06 30.72
N GLY D 209 23.93 1.83 31.08
CA GLY D 209 24.92 0.77 31.19
C GLY D 209 25.66 0.69 32.51
N ASN D 210 25.09 1.20 33.59
CA ASN D 210 25.79 1.22 34.87
C ASN D 210 25.61 -0.10 35.63
N PHE D 211 24.36 -0.47 35.89
CA PHE D 211 24.05 -1.56 36.80
C PHE D 211 23.79 -2.86 36.05
N ASN D 212 24.04 -3.97 36.74
CA ASN D 212 23.66 -5.29 36.24
C ASN D 212 22.98 -6.14 37.30
N SER D 213 22.56 -5.53 38.41
CA SER D 213 21.80 -6.20 39.45
C SER D 213 20.52 -5.42 39.67
N SER D 214 19.43 -6.14 39.93
CA SER D 214 18.14 -5.47 40.11
C SER D 214 18.09 -4.67 41.41
N ASN D 215 18.50 -5.30 42.52
CA ASN D 215 18.40 -4.65 43.83
C ASN D 215 19.44 -3.53 43.96
N ILE D 216 20.65 -3.76 43.45
CA ILE D 216 21.65 -2.71 43.45
C ILE D 216 21.12 -1.47 42.78
N MET D 217 20.60 -1.63 41.56
CA MET D 217 20.01 -0.51 40.86
C MET D 217 18.88 0.10 41.65
N LYS D 218 18.02 -0.73 42.23
CA LYS D 218 16.89 -0.23 42.99
C LYS D 218 17.36 0.73 44.08
N THR D 219 18.26 0.26 44.95
CA THR D 219 18.68 1.06 46.08
C THR D 219 19.49 2.29 45.64
N CYS D 220 20.40 2.10 44.68
CA CYS D 220 21.17 3.25 44.20
C CYS D 220 20.26 4.33 43.66
N LEU D 221 19.37 3.98 42.73
CA LEU D 221 18.37 4.93 42.26
C LEU D 221 17.63 5.56 43.43
N GLN D 222 17.28 4.75 44.43
CA GLN D 222 16.56 5.29 45.58
C GLN D 222 17.33 6.42 46.23
N ASN D 223 18.63 6.28 46.32
CA ASN D 223 19.40 7.31 47.04
C ASN D 223 19.47 8.64 46.30
N LEU D 224 18.85 8.85 45.15
CA LEU D 224 18.94 10.13 44.44
C LEU D 224 18.01 11.20 44.99
N ALA D 225 17.30 10.91 46.08
CA ALA D 225 16.35 11.87 46.61
C ALA D 225 16.97 13.24 46.75
N GLY D 226 16.25 14.26 46.29
CA GLY D 226 16.69 15.63 46.40
C GLY D 226 17.15 16.24 45.10
N LEU D 227 17.55 15.42 44.14
CA LEU D 227 18.03 15.92 42.86
C LEU D 227 16.95 16.73 42.15
N HIS D 228 17.36 17.50 41.16
CA HIS D 228 16.44 18.28 40.33
C HIS D 228 17.07 18.38 38.95
N VAL D 229 16.69 17.45 38.06
CA VAL D 229 17.35 17.27 36.78
C VAL D 229 16.40 17.70 35.67
N HIS D 230 16.95 18.17 34.55
CA HIS D 230 16.16 18.61 33.42
C HIS D 230 16.01 17.55 32.34
N ARG D 231 16.88 16.55 32.30
CA ARG D 231 16.73 15.46 31.35
C ARG D 231 17.47 14.25 31.90
N LEU D 232 16.72 13.25 32.33
CA LEU D 232 17.29 12.03 32.87
C LEU D 232 17.19 10.93 31.82
N ILE D 233 18.32 10.35 31.46
CA ILE D 233 18.40 9.36 30.42
C ILE D 233 18.80 8.04 31.05
N LEU D 234 17.98 7.01 30.85
CA LEU D 234 18.27 5.68 31.36
C LEU D 234 18.26 4.68 30.22
N GLY D 235 18.72 3.48 30.50
CA GLY D 235 18.71 2.44 29.50
C GLY D 235 19.93 1.57 29.62
N GLU D 236 20.23 0.86 28.54
CA GLU D 236 21.34 -0.07 28.52
C GLU D 236 21.92 -0.08 27.12
N PHE D 237 22.86 -0.99 26.89
CA PHE D 237 23.46 -1.17 25.58
C PHE D 237 23.31 -2.63 25.17
N LYS D 238 23.25 -2.86 23.87
CA LYS D 238 23.02 -4.21 23.37
C LYS D 238 24.21 -5.11 23.60
N ASP D 239 25.43 -4.58 23.44
CA ASP D 239 26.64 -5.38 23.47
C ASP D 239 27.33 -5.37 24.82
N GLU D 240 26.56 -5.31 25.91
CA GLU D 240 27.12 -5.30 27.25
C GLU D 240 26.25 -6.16 28.16
N ARG D 241 26.79 -6.48 29.33
CA ARG D 241 26.01 -7.15 30.35
C ARG D 241 24.91 -6.21 30.84
N ASN D 242 23.75 -6.80 31.18
CA ASN D 242 22.59 -5.99 31.47
C ASN D 242 21.56 -6.81 32.23
N LEU D 243 20.58 -6.09 32.79
CA LEU D 243 19.54 -6.71 33.60
C LEU D 243 18.73 -7.69 32.77
N GLU D 244 18.45 -8.86 33.33
CA GLU D 244 17.53 -9.80 32.72
C GLU D 244 16.09 -9.68 33.20
N ILE D 245 15.86 -9.02 34.34
CA ILE D 245 14.49 -8.82 34.83
C ILE D 245 14.33 -7.36 35.21
N PHE D 246 13.36 -6.70 34.57
CA PHE D 246 13.07 -5.29 34.81
C PHE D 246 11.63 -5.18 35.24
N GLU D 247 11.40 -4.64 36.43
CA GLU D 247 10.06 -4.51 36.97
C GLU D 247 9.83 -3.09 37.45
N PRO D 248 8.61 -2.59 37.32
CA PRO D 248 8.34 -1.19 37.69
C PRO D 248 8.73 -0.84 39.13
N SER D 249 8.91 -1.83 40.01
CA SER D 249 9.35 -1.53 41.36
C SER D 249 10.76 -0.98 41.44
N ILE D 250 11.55 -1.14 40.37
CA ILE D 250 12.90 -0.59 40.35
C ILE D 250 12.75 0.92 40.25
N MET D 251 11.75 1.38 39.50
CA MET D 251 11.50 2.81 39.38
C MET D 251 11.28 3.48 40.71
N GLU D 252 11.10 2.71 41.79
CA GLU D 252 11.03 3.30 43.12
C GLU D 252 12.26 4.15 43.37
N GLY D 253 12.10 5.15 44.24
CA GLY D 253 13.14 6.14 44.48
C GLY D 253 12.97 7.33 43.57
N LEU D 254 12.79 7.09 42.28
CA LEU D 254 12.48 8.18 41.38
C LEU D 254 11.20 8.89 41.75
N CYS D 255 10.45 8.37 42.71
CA CYS D 255 9.15 8.92 43.05
C CYS D 255 9.25 10.20 43.86
N ASP D 256 10.47 10.67 44.11
CA ASP D 256 10.68 11.93 44.88
C ASP D 256 11.78 12.76 44.19
N VAL D 257 12.13 12.42 42.94
CA VAL D 257 13.14 13.20 42.18
C VAL D 257 12.41 14.09 41.18
N THR D 258 12.77 15.38 41.13
CA THR D 258 12.10 16.35 40.23
C THR D 258 12.60 16.15 38.80
N ILE D 259 12.12 15.11 38.11
CA ILE D 259 12.48 14.91 36.72
C ILE D 259 11.66 15.90 35.93
N ASP D 260 12.21 16.34 34.80
CA ASP D 260 11.57 17.28 33.91
C ASP D 260 11.37 16.73 32.50
N GLU D 261 12.20 15.78 32.08
CA GLU D 261 12.03 15.11 30.80
C GLU D 261 12.75 13.77 30.91
N PHE D 262 11.99 12.69 30.94
CA PHE D 262 12.52 11.36 31.22
C PHE D 262 12.64 10.58 29.93
N ARG D 263 13.86 10.26 29.54
CA ARG D 263 14.10 9.46 28.35
C ARG D 263 14.58 8.07 28.72
N LEU D 264 13.97 7.07 28.11
CA LEU D 264 14.28 5.67 28.39
C LEU D 264 14.67 4.99 27.10
N THR D 265 15.92 4.60 26.99
CA THR D 265 16.47 4.04 25.76
C THR D 265 16.32 2.52 25.80
N TYR D 266 17.02 1.83 24.91
CA TYR D 266 16.92 0.39 24.79
C TYR D 266 16.93 -0.28 26.15
N THR D 267 16.19 -1.38 26.27
CA THR D 267 16.16 -2.19 27.49
C THR D 267 15.93 -3.63 27.09
N ASN D 268 16.73 -4.54 27.65
CA ASN D 268 16.71 -5.92 27.20
C ASN D 268 15.34 -6.55 27.37
N ASP D 269 14.89 -6.68 28.61
CA ASP D 269 13.54 -7.14 28.90
C ASP D 269 12.69 -5.95 29.31
N PHE D 270 11.55 -5.78 28.65
CA PHE D 270 10.71 -4.60 28.84
C PHE D 270 9.26 -5.05 28.99
N SER D 271 8.62 -4.63 30.07
CA SER D 271 7.20 -4.89 30.28
C SER D 271 6.43 -3.59 30.16
N ASP D 272 5.36 -3.61 29.37
CA ASP D 272 4.60 -2.39 29.14
C ASP D 272 4.12 -1.74 30.42
N ASP D 273 4.19 -2.45 31.55
CA ASP D 273 3.79 -1.87 32.83
C ASP D 273 4.76 -0.81 33.33
N ILE D 274 6.01 -0.84 32.86
CA ILE D 274 7.00 0.13 33.34
C ILE D 274 6.46 1.54 33.17
N VAL D 275 5.94 1.86 31.98
CA VAL D 275 5.51 3.22 31.71
C VAL D 275 4.31 3.62 32.54
N LYS D 276 3.52 2.65 33.01
CA LYS D 276 2.35 2.96 33.82
C LYS D 276 2.66 2.88 35.30
N PHE D 277 3.71 3.58 35.75
CA PHE D 277 4.11 3.55 37.14
C PHE D 277 3.68 4.84 37.83
N HIS D 278 3.12 4.70 39.02
CA HIS D 278 2.40 5.79 39.67
C HIS D 278 3.23 7.05 39.88
N CYS D 279 4.56 6.97 39.81
CA CYS D 279 5.38 8.15 40.05
C CYS D 279 6.13 8.59 38.79
N LEU D 280 5.45 8.50 37.65
CA LEU D 280 5.81 9.26 36.47
C LEU D 280 4.81 10.37 36.20
N ALA D 281 3.73 10.43 36.98
CA ALA D 281 2.63 11.35 36.71
C ALA D 281 3.08 12.79 36.58
N ASN D 282 4.22 13.16 37.16
CA ASN D 282 4.66 14.54 37.11
C ASN D 282 5.69 14.79 36.02
N VAL D 283 6.20 13.74 35.36
CA VAL D 283 7.10 13.94 34.23
C VAL D 283 6.43 14.86 33.23
N SER D 284 7.22 15.69 32.57
CA SER D 284 6.66 16.66 31.65
C SER D 284 6.80 16.26 30.19
N ALA D 285 7.76 15.39 29.85
CA ALA D 285 7.96 15.02 28.46
C ALA D 285 8.50 13.59 28.43
N MET D 286 7.61 12.63 28.27
CA MET D 286 8.04 11.26 28.15
C MET D 286 8.80 11.05 26.84
N SER D 287 9.46 9.90 26.73
CA SER D 287 10.21 9.61 25.52
C SER D 287 10.67 8.17 25.53
N LEU D 288 10.67 7.54 24.36
CA LEU D 288 11.11 6.16 24.20
C LEU D 288 11.81 6.03 22.87
N ALA D 289 13.02 5.46 22.90
CA ALA D 289 13.85 5.40 21.70
C ALA D 289 14.55 4.04 21.69
N GLY D 290 13.93 3.06 21.04
CA GLY D 290 14.51 1.75 20.90
C GLY D 290 13.93 0.68 21.79
N VAL D 291 13.09 1.04 22.76
CA VAL D 291 12.50 0.03 23.63
C VAL D 291 11.49 -0.80 22.84
N SER D 292 11.58 -2.12 22.99
CA SER D 292 10.74 -3.04 22.23
C SER D 292 9.38 -3.21 22.91
N ILE D 293 8.63 -2.11 22.94
CA ILE D 293 7.29 -2.13 23.49
C ILE D 293 6.34 -2.81 22.51
N LYS D 294 5.22 -3.30 23.02
CA LYS D 294 4.22 -3.94 22.18
C LYS D 294 2.88 -3.24 22.22
N TYR D 295 2.33 -3.01 23.41
CA TYR D 295 1.01 -2.41 23.54
C TYR D 295 1.14 -1.32 24.57
N LEU D 296 0.74 -0.11 24.20
CA LEU D 296 0.64 1.01 25.13
C LEU D 296 -0.84 1.14 25.47
N GLU D 297 -1.33 0.21 26.29
CA GLU D 297 -2.77 -0.01 26.39
C GLU D 297 -3.53 1.16 26.99
N ASP D 298 -3.26 1.51 28.24
CA ASP D 298 -4.07 2.50 28.93
C ASP D 298 -3.38 3.12 30.12
N VAL D 299 -3.01 4.39 29.98
CA VAL D 299 -2.34 5.10 31.05
C VAL D 299 -3.32 5.91 31.89
N PRO D 300 -3.09 6.06 33.18
CA PRO D 300 -4.01 6.85 34.01
C PRO D 300 -4.26 8.22 33.41
N LYS D 301 -5.29 8.88 33.92
CA LYS D 301 -5.74 10.15 33.37
C LYS D 301 -5.27 11.36 34.17
N HIS D 302 -4.54 11.14 35.26
CA HIS D 302 -3.94 12.25 35.98
C HIS D 302 -2.48 12.47 35.60
N PHE D 303 -1.94 11.66 34.71
CA PHE D 303 -0.60 11.92 34.18
C PHE D 303 -0.56 13.29 33.53
N LYS D 304 0.55 14.00 33.73
CA LYS D 304 0.69 15.35 33.23
C LYS D 304 1.65 15.44 32.05
N TRP D 305 1.84 14.34 31.33
CA TRP D 305 2.67 14.37 30.14
C TRP D 305 2.22 15.45 29.20
N GLN D 306 3.13 16.33 28.81
CA GLN D 306 2.85 17.33 27.80
C GLN D 306 3.46 16.99 26.46
N SER D 307 4.06 15.82 26.33
CA SER D 307 4.71 15.41 25.10
C SER D 307 4.98 13.92 25.18
N LEU D 308 5.14 13.31 24.02
CA LEU D 308 5.34 11.88 23.98
C LEU D 308 5.97 11.52 22.65
N SER D 309 7.08 10.81 22.70
CA SER D 309 7.86 10.48 21.52
C SER D 309 8.16 9.00 21.55
N ILE D 310 7.97 8.34 20.41
CA ILE D 310 8.24 6.92 20.25
C ILE D 310 8.98 6.77 18.94
N ILE D 311 10.28 6.52 19.00
CA ILE D 311 11.12 6.52 17.81
C ILE D 311 11.85 5.19 17.72
N ARG D 312 11.73 4.54 16.57
CA ARG D 312 12.36 3.27 16.28
C ARG D 312 11.92 2.17 17.23
N CYS D 313 10.86 2.39 17.99
CA CYS D 313 10.32 1.37 18.87
C CYS D 313 9.39 0.46 18.09
N GLN D 314 9.52 -0.84 18.32
CA GLN D 314 8.60 -1.79 17.71
C GLN D 314 7.20 -1.62 18.30
N LEU D 315 6.21 -1.83 17.45
CA LEU D 315 4.82 -1.75 17.87
C LEU D 315 4.03 -2.72 17.02
N LYS D 316 2.99 -3.29 17.62
CA LYS D 316 2.11 -4.22 16.92
C LYS D 316 0.71 -3.66 16.76
N GLN D 317 0.45 -2.44 17.22
CA GLN D 317 -0.90 -1.92 17.19
C GLN D 317 -0.86 -0.46 17.61
N PHE D 318 -1.66 0.36 16.95
CA PHE D 318 -1.69 1.76 17.30
C PHE D 318 -2.12 1.91 18.75
N PRO D 319 -1.37 2.65 19.57
CA PRO D 319 -1.75 2.81 20.98
C PRO D 319 -3.12 3.47 21.13
N THR D 320 -3.64 3.40 22.34
CA THR D 320 -4.90 4.04 22.70
C THR D 320 -4.62 5.05 23.79
N LEU D 321 -4.98 6.31 23.55
CA LEU D 321 -4.60 7.38 24.44
C LEU D 321 -5.80 8.27 24.75
N ASP D 322 -5.83 8.82 25.97
CA ASP D 322 -6.86 9.76 26.38
C ASP D 322 -6.30 10.90 27.23
N LEU D 323 -5.00 11.12 27.18
CA LEU D 323 -4.39 12.13 28.03
C LEU D 323 -4.96 13.50 27.70
N PRO D 324 -5.67 14.15 28.64
CA PRO D 324 -6.23 15.47 28.35
C PRO D 324 -5.20 16.60 28.37
N PHE D 325 -3.93 16.30 28.64
CA PHE D 325 -2.90 17.32 28.67
C PHE D 325 -1.82 17.11 27.62
N LEU D 326 -1.76 15.95 26.99
CA LEU D 326 -0.72 15.69 26.02
C LEU D 326 -0.91 16.62 24.84
N LYS D 327 0.20 17.13 24.33
CA LYS D 327 0.25 17.81 23.05
C LYS D 327 1.55 17.38 22.39
N SER D 328 1.60 17.44 21.07
CA SER D 328 2.82 17.08 20.34
C SER D 328 3.18 15.61 20.56
N LEU D 329 2.31 14.73 20.08
CA LEU D 329 2.64 13.32 20.00
C LEU D 329 3.48 13.05 18.76
N THR D 330 4.40 12.09 18.88
CA THR D 330 5.28 11.75 17.77
C THR D 330 5.54 10.26 17.78
N LEU D 331 5.33 9.61 16.64
CA LEU D 331 5.57 8.18 16.50
C LEU D 331 6.21 7.98 15.14
N THR D 332 7.51 7.68 15.12
CA THR D 332 8.26 7.70 13.87
C THR D 332 9.07 6.43 13.69
N MET D 333 9.37 6.14 12.43
CA MET D 333 10.27 5.05 12.05
C MET D 333 9.96 3.75 12.78
N ASN D 334 8.68 3.54 13.11
CA ASN D 334 8.27 2.31 13.77
C ASN D 334 8.75 1.11 12.97
N LYS D 335 8.91 -0.02 13.65
CA LYS D 335 9.44 -1.22 13.01
C LYS D 335 8.36 -2.22 12.64
N GLY D 336 7.13 -1.77 12.45
CA GLY D 336 6.06 -2.64 12.03
C GLY D 336 5.15 -1.98 11.02
N SER D 337 4.09 -2.66 10.63
CA SER D 337 3.06 -2.10 9.75
C SER D 337 1.77 -2.06 10.54
N ILE D 338 1.38 -0.87 10.99
CA ILE D 338 0.21 -0.70 11.83
C ILE D 338 -0.83 0.13 11.07
N SER D 339 -2.06 0.07 11.53
CA SER D 339 -3.15 0.82 10.94
C SER D 339 -3.69 1.80 11.96
N PHE D 340 -4.00 3.04 11.54
CA PHE D 340 -4.41 4.10 12.50
C PHE D 340 -5.68 3.72 13.28
N LYS D 341 -5.73 4.09 14.56
CA LYS D 341 -6.94 3.83 15.40
C LYS D 341 -7.44 5.17 15.96
N LYS D 342 -8.76 5.33 16.15
CA LYS D 342 -9.34 6.62 16.62
C LYS D 342 -8.86 6.94 18.04
N VAL D 343 -8.55 8.21 18.32
CA VAL D 343 -8.01 8.61 19.61
C VAL D 343 -8.75 9.86 20.07
N ALA D 344 -8.51 10.26 21.32
CA ALA D 344 -9.20 11.41 21.89
C ALA D 344 -8.17 12.25 22.65
N LEU D 345 -7.63 13.27 21.99
CA LEU D 345 -6.55 14.08 22.54
C LEU D 345 -6.94 15.54 22.47
N PRO D 346 -7.75 16.02 23.43
CA PRO D 346 -8.32 17.36 23.32
C PRO D 346 -7.30 18.49 23.20
N SER D 347 -6.02 18.24 23.47
CA SER D 347 -5.04 19.32 23.49
C SER D 347 -3.93 19.14 22.46
N LEU D 348 -4.05 18.13 21.59
CA LEU D 348 -3.01 17.91 20.60
C LEU D 348 -2.90 19.11 19.67
N SER D 349 -1.66 19.48 19.35
CA SER D 349 -1.43 20.54 18.38
C SER D 349 -0.25 20.24 17.45
N TYR D 350 0.26 19.02 17.45
CA TYR D 350 1.38 18.66 16.59
C TYR D 350 1.42 17.16 16.48
N LEU D 351 1.22 16.64 15.29
CA LEU D 351 1.19 15.21 15.04
C LEU D 351 2.21 14.86 13.98
N ASP D 352 2.84 13.70 14.14
CA ASP D 352 3.92 13.32 13.23
C ASP D 352 3.99 11.79 13.25
N LEU D 353 3.63 11.17 12.14
CA LEU D 353 3.59 9.71 12.04
C LEU D 353 4.37 9.24 10.83
N SER D 354 5.43 9.95 10.47
CA SER D 354 6.17 9.69 9.25
C SER D 354 6.90 8.35 9.34
N ARG D 355 7.42 7.92 8.20
CA ARG D 355 8.37 6.81 8.08
C ARG D 355 7.84 5.50 8.62
N ASN D 356 6.55 5.42 8.96
CA ASN D 356 5.98 4.11 9.36
C ASN D 356 5.24 3.53 8.15
N ALA D 357 4.51 2.43 8.33
CA ALA D 357 3.66 1.93 7.22
C ALA D 357 2.29 2.17 7.86
N LEU D 358 1.91 3.44 8.00
CA LEU D 358 0.65 3.80 8.70
C LEU D 358 -0.34 3.77 7.54
N SER D 359 -1.21 2.75 7.49
CA SER D 359 -2.26 2.77 6.48
C SER D 359 -3.43 3.40 7.21
N PHE D 360 -3.91 4.52 6.71
CA PHE D 360 -4.91 5.32 7.39
C PHE D 360 -6.17 5.34 6.52
N SER D 361 -7.02 4.33 6.70
CA SER D 361 -8.13 4.07 5.79
C SER D 361 -9.22 5.13 5.75
N GLY D 362 -9.78 5.51 6.90
CA GLY D 362 -10.75 6.63 6.94
C GLY D 362 -9.86 7.84 6.93
N CYS D 363 -10.41 9.05 6.79
CA CYS D 363 -9.44 10.17 6.72
C CYS D 363 -10.02 11.53 7.07
N CYS D 364 -9.13 12.48 7.42
CA CYS D 364 -9.53 13.89 7.67
C CYS D 364 -10.88 14.03 8.34
N SER D 365 -11.04 13.41 9.51
CA SER D 365 -12.29 13.62 10.28
C SER D 365 -11.90 14.06 11.69
N TYR D 366 -12.66 15.00 12.28
CA TYR D 366 -12.39 15.41 13.68
C TYR D 366 -12.65 14.20 14.57
N SER D 367 -13.54 13.31 14.13
CA SER D 367 -13.84 12.08 14.90
C SER D 367 -12.58 11.20 15.03
N ASP D 368 -11.54 11.42 14.22
CA ASP D 368 -10.42 10.49 14.35
C ASP D 368 -9.42 10.99 15.39
N LEU D 369 -9.36 12.30 15.55
CA LEU D 369 -8.45 12.94 16.55
C LEU D 369 -9.27 14.05 17.20
N GLY D 370 -9.72 13.85 18.44
CA GLY D 370 -10.61 14.86 19.09
C GLY D 370 -9.79 16.07 19.48
N THR D 371 -9.30 16.85 18.50
CA THR D 371 -8.48 18.06 18.78
C THR D 371 -9.06 19.06 17.79
N ASN D 372 -9.45 20.23 18.27
CA ASN D 372 -9.90 21.28 17.36
C ASN D 372 -8.72 22.22 17.15
N SER D 373 -7.53 21.85 17.58
CA SER D 373 -6.39 22.76 17.46
C SER D 373 -5.14 22.17 16.83
N LEU D 374 -5.27 21.25 15.89
CA LEU D 374 -4.10 20.73 15.20
C LEU D 374 -3.47 21.81 14.34
N ARG D 375 -2.15 21.78 14.23
CA ARG D 375 -1.44 22.76 13.41
C ARG D 375 -0.35 22.16 12.55
N HIS D 376 0.03 20.90 12.74
CA HIS D 376 1.12 20.34 11.97
C HIS D 376 0.84 18.84 11.84
N LEU D 377 0.35 18.43 10.69
CA LEU D 377 0.11 17.04 10.39
C LEU D 377 1.18 16.56 9.42
N ASP D 378 1.57 15.30 9.54
CA ASP D 378 2.66 14.78 8.72
C ASP D 378 2.48 13.28 8.60
N LEU D 379 2.26 12.79 7.40
CA LEU D 379 2.06 11.37 7.15
C LEU D 379 2.97 10.87 6.03
N SER D 380 4.12 11.51 5.86
CA SER D 380 5.03 11.18 4.79
C SER D 380 5.44 9.71 4.84
N PHE D 381 5.94 9.23 3.72
CA PHE D 381 6.57 7.91 3.62
C PHE D 381 5.74 6.79 4.23
N ASN D 382 4.43 6.96 4.32
CA ASN D 382 3.58 5.92 4.89
C ASN D 382 3.07 5.01 3.77
N GLY D 383 2.20 4.08 4.12
CA GLY D 383 1.78 3.07 3.17
C GLY D 383 0.70 3.45 2.17
N ALA D 384 -0.53 3.69 2.64
CA ALA D 384 -1.63 3.92 1.71
C ALA D 384 -2.72 4.71 2.45
N ILE D 385 -2.78 6.00 2.20
CA ILE D 385 -3.86 6.82 2.74
C ILE D 385 -5.06 6.68 1.83
N ILE D 386 -6.26 6.78 2.39
CA ILE D 386 -7.50 6.66 1.63
C ILE D 386 -8.40 7.80 2.05
N MET D 387 -8.58 8.77 1.17
CA MET D 387 -9.36 9.95 1.51
C MET D 387 -10.84 9.62 1.57
N SER D 388 -11.50 10.04 2.64
CA SER D 388 -12.94 9.87 2.74
C SER D 388 -13.62 11.08 3.38
N ALA D 389 -12.92 12.20 3.52
CA ALA D 389 -13.55 13.39 4.07
C ALA D 389 -12.66 14.59 3.77
N ASN D 390 -13.22 15.79 3.87
CA ASN D 390 -12.43 17.00 3.54
C ASN D 390 -12.16 17.79 4.82
N PHE D 391 -11.44 17.21 5.79
CA PHE D 391 -11.03 17.92 7.03
C PHE D 391 -12.21 18.70 7.62
N MET D 392 -13.34 18.03 7.81
CA MET D 392 -14.57 18.70 8.33
C MET D 392 -14.25 19.50 9.60
N GLY D 393 -13.37 18.97 10.47
CA GLY D 393 -13.13 19.66 11.76
C GLY D 393 -11.73 20.21 11.91
N LEU D 394 -10.77 19.74 11.09
CA LEU D 394 -9.39 20.18 11.22
C LEU D 394 -9.15 21.45 10.43
N GLU D 395 -9.85 22.52 10.81
CA GLU D 395 -9.82 23.76 10.06
C GLU D 395 -8.72 24.72 10.54
N GLU D 396 -7.81 24.26 11.39
CA GLU D 396 -6.69 25.06 11.83
C GLU D 396 -5.36 24.63 11.25
N LEU D 397 -5.32 23.46 10.61
CA LEU D 397 -4.08 22.94 10.05
C LEU D 397 -3.34 24.02 9.28
N GLN D 398 -2.02 24.05 9.41
CA GLN D 398 -1.16 24.97 8.69
C GLN D 398 0.00 24.29 8.00
N HIS D 399 0.07 22.97 8.04
CA HIS D 399 1.25 22.27 7.55
C HIS D 399 0.83 20.85 7.29
N LEU D 400 0.76 20.46 6.03
CA LEU D 400 0.31 19.13 5.65
C LEU D 400 1.34 18.52 4.74
N ASP D 401 1.52 17.21 4.84
CA ASP D 401 2.66 16.59 4.17
C ASP D 401 2.37 15.12 3.88
N PHE D 402 2.00 14.84 2.62
CA PHE D 402 1.69 13.46 2.19
C PHE D 402 2.72 13.09 1.13
N GLN D 403 3.93 12.70 1.54
CA GLN D 403 4.97 12.41 0.54
C GLN D 403 5.16 10.90 0.46
N HIS D 404 5.39 10.35 -0.73
CA HIS D 404 5.70 8.90 -0.89
C HIS D 404 4.57 7.96 -0.42
N SER D 405 3.48 8.48 0.17
CA SER D 405 2.34 7.57 0.47
C SER D 405 1.58 7.23 -0.81
N THR D 406 0.72 6.21 -0.80
CA THR D 406 -0.13 5.96 -1.98
C THR D 406 -1.43 6.71 -1.72
N LEU D 407 -1.60 7.91 -2.28
CA LEU D 407 -2.77 8.69 -1.89
C LEU D 407 -3.92 8.31 -2.82
N LYS D 408 -4.91 7.60 -2.29
CA LYS D 408 -5.99 7.05 -3.08
C LYS D 408 -7.26 7.87 -2.95
N ARG D 409 -8.05 7.94 -4.02
CA ARG D 409 -9.39 8.61 -4.00
C ARG D 409 -9.33 10.12 -3.80
N VAL D 410 -8.22 10.76 -4.13
CA VAL D 410 -8.17 12.20 -3.89
C VAL D 410 -8.67 12.98 -5.10
N THR D 411 -8.73 12.35 -6.27
CA THR D 411 -9.20 13.02 -7.47
C THR D 411 -10.71 12.95 -7.64
N GLU D 412 -11.40 12.18 -6.76
CA GLU D 412 -12.81 11.95 -6.95
C GLU D 412 -13.69 13.02 -6.31
N PHE D 413 -13.12 14.06 -5.75
CA PHE D 413 -13.90 15.13 -5.16
C PHE D 413 -12.94 16.17 -4.62
N SER D 414 -13.49 17.30 -4.19
CA SER D 414 -12.66 18.40 -3.69
C SER D 414 -12.23 17.95 -2.30
N ALA D 415 -11.09 17.28 -2.25
CA ALA D 415 -10.46 17.06 -0.95
C ALA D 415 -9.81 18.40 -0.60
N PHE D 416 -9.33 18.52 0.63
CA PHE D 416 -8.75 19.78 1.07
C PHE D 416 -9.77 20.91 1.02
N LEU D 417 -11.05 20.59 0.97
CA LEU D 417 -12.03 21.64 0.71
C LEU D 417 -12.26 22.53 1.92
N SER D 418 -11.86 22.09 3.11
CA SER D 418 -12.11 22.85 4.32
C SER D 418 -10.85 23.49 4.90
N LEU D 419 -9.68 23.23 4.32
CA LEU D 419 -8.41 23.75 4.82
C LEU D 419 -8.21 25.19 4.34
N GLU D 420 -9.10 26.06 4.78
CA GLU D 420 -9.09 27.43 4.27
C GLU D 420 -7.86 28.22 4.70
N LYS D 421 -7.12 27.76 5.71
CA LYS D 421 -5.90 28.43 6.14
C LYS D 421 -4.79 27.40 6.23
N LEU D 422 -4.16 27.11 5.10
CA LEU D 422 -3.05 26.19 5.00
C LEU D 422 -1.93 26.89 4.26
N LEU D 423 -0.69 26.57 4.62
CA LEU D 423 0.44 27.29 4.06
C LEU D 423 1.42 26.41 3.32
N TYR D 424 1.49 25.13 3.62
CA TYR D 424 2.49 24.26 3.01
C TYR D 424 1.85 22.92 2.71
N LEU D 425 1.46 22.73 1.47
CA LEU D 425 1.00 21.45 0.98
C LEU D 425 2.14 20.75 0.26
N ASP D 426 2.10 19.43 0.27
CA ASP D 426 3.17 18.65 -0.34
C ASP D 426 2.62 17.29 -0.68
N ILE D 427 2.49 16.98 -1.96
CA ILE D 427 1.89 15.73 -2.38
C ILE D 427 2.79 15.04 -3.39
N SER D 428 4.08 15.37 -3.37
CA SER D 428 5.02 14.84 -4.33
C SER D 428 5.08 13.33 -4.26
N TYR D 429 5.36 12.70 -5.39
CA TYR D 429 5.62 11.27 -5.52
C TYR D 429 4.50 10.41 -4.98
N THR D 430 3.30 10.97 -4.81
CA THR D 430 2.09 10.18 -4.62
C THR D 430 1.45 10.01 -5.98
N ASN D 431 1.36 8.77 -6.46
CA ASN D 431 0.92 8.57 -7.84
C ASN D 431 -0.48 9.11 -8.00
N THR D 432 -0.61 10.27 -8.64
CA THR D 432 -1.85 11.04 -8.62
C THR D 432 -2.11 11.58 -10.03
N LYS D 433 -2.89 10.83 -10.80
CA LYS D 433 -3.26 11.26 -12.14
C LYS D 433 -4.25 12.41 -12.03
N ILE D 434 -3.75 13.63 -12.07
CA ILE D 434 -4.63 14.79 -11.92
C ILE D 434 -5.57 14.82 -13.11
N ASP D 435 -6.84 14.49 -12.89
CA ASP D 435 -7.84 14.54 -13.94
C ASP D 435 -9.12 15.15 -13.42
N PHE D 436 -8.99 16.24 -12.67
CA PHE D 436 -10.16 16.95 -12.16
C PHE D 436 -9.71 18.34 -11.75
N ASP D 437 -10.31 19.36 -12.36
CA ASP D 437 -9.86 20.73 -12.18
C ASP D 437 -10.40 21.39 -10.92
N GLY D 438 -10.86 20.60 -9.96
CA GLY D 438 -11.31 21.16 -8.70
C GLY D 438 -10.54 20.56 -7.55
N ILE D 439 -9.45 19.87 -7.87
CA ILE D 439 -8.72 19.11 -6.86
C ILE D 439 -8.12 20.03 -5.81
N PHE D 440 -7.68 21.22 -6.21
CA PHE D 440 -7.08 22.17 -5.28
C PHE D 440 -8.05 23.28 -4.90
N LEU D 441 -9.33 22.98 -4.80
CA LEU D 441 -10.30 24.01 -4.46
C LEU D 441 -10.34 24.20 -2.95
N GLY D 442 -10.42 25.46 -2.54
CA GLY D 442 -10.50 25.82 -1.14
C GLY D 442 -9.18 26.28 -0.53
N LEU D 443 -8.05 25.94 -1.14
CA LEU D 443 -6.74 26.30 -0.61
C LEU D 443 -6.44 27.76 -0.94
N THR D 444 -7.20 28.65 -0.31
CA THR D 444 -7.09 30.07 -0.57
C THR D 444 -5.82 30.70 -0.02
N SER D 445 -5.06 30.01 0.81
CA SER D 445 -3.89 30.60 1.44
C SER D 445 -2.60 29.82 1.19
N LEU D 446 -2.66 28.74 0.42
CA LEU D 446 -1.46 27.96 0.17
C LEU D 446 -0.33 28.85 -0.31
N ASN D 447 0.89 28.45 0.01
CA ASN D 447 2.09 29.16 -0.44
C ASN D 447 3.15 28.26 -1.04
N THR D 448 3.03 26.94 -0.92
CA THR D 448 4.09 26.07 -1.38
C THR D 448 3.49 24.73 -1.81
N LEU D 449 3.23 24.57 -3.09
CA LEU D 449 2.90 23.26 -3.64
C LEU D 449 4.18 22.50 -3.97
N LYS D 450 4.08 21.18 -3.93
CA LYS D 450 5.22 20.35 -4.32
C LYS D 450 4.67 19.03 -4.83
N MET D 451 4.51 18.94 -6.16
CA MET D 451 4.14 17.70 -6.82
C MET D 451 5.22 17.40 -7.85
N ALA D 452 5.87 16.25 -7.73
CA ALA D 452 6.95 15.91 -8.65
C ALA D 452 6.65 14.68 -9.49
N GLY D 453 6.35 13.55 -8.88
CA GLY D 453 6.13 12.34 -9.66
C GLY D 453 4.68 12.08 -9.99
N ASN D 454 3.94 13.14 -10.32
CA ASN D 454 2.51 13.04 -10.58
C ASN D 454 2.24 13.31 -12.04
N SER D 455 1.27 12.58 -12.60
CA SER D 455 0.94 12.67 -14.02
C SER D 455 -0.15 13.71 -14.24
N PHE D 456 -0.66 13.76 -15.45
CA PHE D 456 -1.87 14.47 -15.80
C PHE D 456 -2.59 13.68 -16.89
N LYS D 457 -3.83 14.04 -17.16
CA LYS D 457 -4.55 13.41 -18.24
C LYS D 457 -4.12 14.06 -19.56
N ASP D 458 -3.86 13.23 -20.56
CA ASP D 458 -3.29 13.66 -21.84
C ASP D 458 -1.89 14.23 -21.76
N ASN D 459 -1.24 14.17 -20.61
CA ASN D 459 0.06 14.82 -20.43
C ASN D 459 -0.06 16.31 -20.75
N THR D 460 -1.21 16.89 -20.42
CA THR D 460 -1.48 18.28 -20.69
C THR D 460 -1.78 18.98 -19.37
N LEU D 461 -1.03 20.04 -19.08
CA LEU D 461 -1.22 20.77 -17.83
C LEU D 461 -2.58 21.46 -17.89
N SER D 462 -3.54 20.92 -17.14
CA SER D 462 -4.88 21.48 -17.10
C SER D 462 -4.88 22.79 -16.32
N ASN D 463 -6.07 23.36 -16.16
CA ASN D 463 -6.20 24.64 -15.45
C ASN D 463 -6.64 24.36 -14.02
N VAL D 464 -5.66 23.98 -13.20
CA VAL D 464 -5.94 23.54 -11.84
C VAL D 464 -5.43 24.53 -10.80
N PHE D 465 -5.03 25.73 -11.22
CA PHE D 465 -4.43 26.69 -10.30
C PHE D 465 -5.26 27.95 -10.14
N ALA D 466 -6.55 27.89 -10.45
CA ALA D 466 -7.42 29.01 -10.12
C ALA D 466 -7.71 29.01 -8.63
N ASN D 467 -8.03 30.19 -8.10
CA ASN D 467 -8.30 30.32 -6.67
C ASN D 467 -7.14 29.84 -5.82
N THR D 468 -5.92 29.99 -6.32
CA THR D 468 -4.70 29.74 -5.57
C THR D 468 -3.76 30.93 -5.72
N THR D 469 -4.33 32.12 -5.52
CA THR D 469 -3.62 33.35 -5.84
C THR D 469 -2.29 33.46 -5.10
N ASN D 470 -2.29 33.16 -3.81
CA ASN D 470 -1.14 33.45 -2.96
C ASN D 470 0.03 32.51 -3.19
N LEU D 471 -0.08 31.55 -4.10
CA LEU D 471 1.02 30.65 -4.35
C LEU D 471 2.29 31.43 -4.63
N THR D 472 3.37 31.07 -3.93
CA THR D 472 4.65 31.75 -4.06
C THR D 472 5.77 30.83 -4.53
N PHE D 473 5.66 29.54 -4.30
CA PHE D 473 6.65 28.57 -4.74
C PHE D 473 5.89 27.41 -5.36
N LEU D 474 6.17 27.10 -6.59
CA LEU D 474 5.48 26.02 -7.27
C LEU D 474 6.40 25.08 -8.02
N ASP D 475 6.33 23.80 -7.71
CA ASP D 475 7.23 22.81 -8.29
C ASP D 475 6.49 21.74 -9.07
N LEU D 476 6.65 21.76 -10.40
CA LEU D 476 6.01 20.79 -11.27
C LEU D 476 7.01 19.83 -11.89
N SER D 477 8.23 19.80 -11.38
CA SER D 477 9.27 19.00 -11.98
C SER D 477 8.85 17.55 -12.11
N LYS D 478 9.55 16.83 -12.97
CA LYS D 478 9.52 15.38 -13.01
C LYS D 478 8.17 14.81 -13.41
N CYS D 479 7.18 15.67 -13.62
CA CYS D 479 5.98 15.23 -14.30
C CYS D 479 6.38 14.98 -15.75
N GLN D 480 5.54 14.24 -16.46
CA GLN D 480 5.87 13.85 -17.83
C GLN D 480 5.03 14.68 -18.79
N LEU D 481 4.78 15.94 -18.44
CA LEU D 481 4.03 16.85 -19.29
C LEU D 481 4.54 16.81 -20.72
N GLU D 482 3.67 17.14 -21.66
CA GLU D 482 4.06 17.29 -23.05
C GLU D 482 3.52 18.56 -23.68
N GLN D 483 2.66 19.28 -23.01
CA GLN D 483 2.24 20.60 -23.46
C GLN D 483 1.53 21.29 -22.32
N ILE D 484 1.53 22.61 -22.35
CA ILE D 484 0.89 23.43 -21.34
C ILE D 484 -0.36 24.05 -21.96
N SER D 485 -1.51 23.69 -21.41
CA SER D 485 -2.76 24.27 -21.90
C SER D 485 -2.67 25.78 -21.84
N TRP D 486 -3.55 26.42 -22.59
CA TRP D 486 -3.56 27.88 -22.67
C TRP D 486 -4.37 28.44 -21.52
N GLY D 487 -3.85 29.48 -20.88
CA GLY D 487 -4.53 30.18 -19.82
C GLY D 487 -4.05 29.85 -18.42
N VAL D 488 -3.22 28.82 -18.26
CA VAL D 488 -2.69 28.52 -16.94
C VAL D 488 -1.80 29.66 -16.47
N PHE D 489 -1.51 29.67 -15.18
CA PHE D 489 -0.63 30.66 -14.59
C PHE D 489 -1.19 32.07 -14.70
N ASP D 490 -2.39 32.22 -15.25
CA ASP D 490 -2.85 33.55 -15.61
C ASP D 490 -3.29 34.38 -14.41
N THR D 491 -3.12 33.88 -13.19
CA THR D 491 -3.46 34.67 -12.02
C THR D 491 -2.53 34.42 -10.85
N LEU D 492 -1.36 33.83 -11.08
CA LEU D 492 -0.38 33.60 -10.03
C LEU D 492 0.51 34.85 -9.97
N HIS D 493 -0.07 35.91 -9.43
CA HIS D 493 0.59 37.21 -9.46
C HIS D 493 1.76 37.30 -8.49
N ARG D 494 2.08 36.23 -7.75
CA ARG D 494 3.16 36.27 -6.78
C ARG D 494 4.12 35.11 -6.90
N LEU D 495 3.88 34.17 -7.80
CA LEU D 495 4.84 33.08 -7.98
C LEU D 495 6.23 33.64 -8.18
N GLN D 496 7.19 33.11 -7.44
CA GLN D 496 8.58 33.55 -7.55
C GLN D 496 9.52 32.47 -8.03
N LEU D 497 9.17 31.20 -7.88
CA LEU D 497 9.99 30.11 -8.39
C LEU D 497 9.07 29.14 -9.10
N LEU D 498 9.36 28.82 -10.34
CA LEU D 498 8.56 27.91 -11.14
C LEU D 498 9.45 26.84 -11.75
N ASN D 499 9.57 25.72 -11.05
CA ASN D 499 10.40 24.63 -11.51
C ASN D 499 9.62 23.76 -12.48
N MET D 500 10.24 23.44 -13.63
CA MET D 500 9.61 22.52 -14.58
C MET D 500 10.59 21.55 -15.21
N SER D 501 11.73 21.29 -14.59
CA SER D 501 12.76 20.48 -15.21
C SER D 501 12.23 19.09 -15.54
N HIS D 502 13.00 18.37 -16.33
CA HIS D 502 12.81 16.94 -16.56
C HIS D 502 11.45 16.60 -17.16
N ASN D 503 10.77 17.56 -17.75
CA ASN D 503 9.54 17.27 -18.47
C ASN D 503 9.90 16.83 -19.89
N ASN D 504 8.90 16.66 -20.75
CA ASN D 504 9.12 16.24 -22.13
C ASN D 504 8.55 17.27 -23.09
N LEU D 505 8.58 18.54 -22.69
CA LEU D 505 8.08 19.65 -23.56
C LEU D 505 8.70 19.51 -24.94
N LEU D 506 7.98 19.91 -26.00
CA LEU D 506 8.61 19.86 -27.35
C LEU D 506 9.24 21.22 -27.66
N PHE D 507 8.62 22.31 -27.20
CA PHE D 507 9.12 23.66 -27.50
C PHE D 507 8.86 24.56 -26.27
N LEU D 508 8.90 25.88 -26.47
CA LEU D 508 8.58 26.81 -25.36
C LEU D 508 7.71 27.94 -25.89
N ASP D 509 6.80 28.47 -25.07
CA ASP D 509 6.01 29.63 -25.47
C ASP D 509 6.27 30.76 -24.48
N SER D 510 6.06 31.98 -24.95
CA SER D 510 6.23 33.17 -24.15
C SER D 510 4.91 33.87 -23.87
N SER D 511 3.84 33.49 -24.55
CA SER D 511 2.53 34.01 -24.18
C SER D 511 2.17 33.59 -22.77
N HIS D 512 2.54 32.37 -22.38
CA HIS D 512 2.55 32.00 -20.98
C HIS D 512 3.50 32.91 -20.23
N TYR D 513 3.48 32.84 -18.91
CA TYR D 513 4.46 33.57 -18.12
C TYR D 513 4.29 35.07 -18.25
N ASN D 514 3.36 35.50 -19.10
CA ASN D 514 3.23 36.93 -19.35
C ASN D 514 2.61 37.68 -18.19
N GLN D 515 1.99 36.97 -17.25
CA GLN D 515 1.38 37.60 -16.09
C GLN D 515 2.07 37.25 -14.78
N LEU D 516 3.29 36.72 -14.84
CA LEU D 516 4.00 36.27 -13.65
C LEU D 516 4.88 37.49 -13.33
N TYR D 517 4.23 38.50 -12.76
CA TYR D 517 4.91 39.77 -12.52
C TYR D 517 6.14 39.59 -11.65
N SER D 518 6.06 38.71 -10.66
CA SER D 518 7.11 38.60 -9.66
C SER D 518 8.07 37.46 -9.91
N LEU D 519 7.88 36.67 -10.96
CA LEU D 519 8.75 35.54 -11.19
C LEU D 519 10.21 35.99 -11.18
N SER D 520 11.08 35.12 -10.65
CA SER D 520 12.50 35.38 -10.63
C SER D 520 13.36 34.18 -11.00
N THR D 521 12.81 32.97 -11.04
CA THR D 521 13.56 31.80 -11.46
C THR D 521 12.62 30.92 -12.26
N LEU D 522 13.12 30.38 -13.36
CA LEU D 522 12.27 29.67 -14.30
C LEU D 522 13.13 28.52 -14.81
N ASP D 523 13.46 27.59 -13.91
CA ASP D 523 14.27 26.45 -14.28
C ASP D 523 13.42 25.62 -15.23
N CYS D 524 13.88 25.52 -16.48
CA CYS D 524 13.12 24.77 -17.53
C CYS D 524 14.13 23.95 -18.33
N SER D 525 15.05 23.27 -17.65
CA SER D 525 16.10 22.51 -18.35
C SER D 525 15.68 21.04 -18.49
N PHE D 526 16.53 20.23 -19.12
CA PHE D 526 16.26 18.77 -19.25
C PHE D 526 14.88 18.49 -19.87
N ASN D 527 14.26 19.48 -20.51
CA ASN D 527 12.97 19.14 -21.10
C ASN D 527 12.91 19.36 -22.61
N ARG D 528 14.01 19.11 -23.31
CA ARG D 528 14.01 18.88 -24.76
C ARG D 528 13.17 19.92 -25.51
N ILE D 529 13.59 21.17 -25.40
CA ILE D 529 12.95 22.27 -26.12
C ILE D 529 13.66 22.45 -27.45
N GLU D 530 12.95 23.01 -28.43
CA GLU D 530 13.55 23.35 -29.71
C GLU D 530 13.69 24.84 -29.92
N THR D 531 12.71 25.63 -29.48
CA THR D 531 12.74 27.06 -29.70
C THR D 531 11.79 27.72 -28.70
N SER D 532 11.52 29.00 -28.92
CA SER D 532 10.62 29.77 -28.05
C SER D 532 9.66 30.52 -28.97
N LYS D 533 8.51 29.90 -29.25
CA LYS D 533 7.54 30.55 -30.12
C LYS D 533 7.04 31.83 -29.45
N GLY D 534 6.20 32.56 -30.17
CA GLY D 534 5.66 33.78 -29.62
C GLY D 534 6.69 34.87 -29.46
N ILE D 535 6.25 36.13 -29.46
CA ILE D 535 7.16 37.25 -29.29
C ILE D 535 7.97 37.05 -28.03
N LEU D 536 9.29 37.17 -28.14
CA LEU D 536 10.19 36.84 -27.05
C LEU D 536 10.45 38.01 -26.11
N GLN D 537 9.67 39.08 -26.21
CA GLN D 537 9.85 40.22 -25.33
C GLN D 537 8.74 40.37 -24.30
N HIS D 538 7.90 39.36 -24.14
CA HIS D 538 6.86 39.38 -23.11
C HIS D 538 7.23 38.64 -21.85
N PHE D 539 8.37 37.96 -21.81
CA PHE D 539 8.86 37.42 -20.55
C PHE D 539 8.87 38.53 -19.51
N PRO D 540 8.74 38.24 -18.17
CA PRO D 540 8.90 39.28 -17.16
C PRO D 540 10.40 39.60 -17.11
N LYS D 541 10.76 40.90 -17.03
CA LYS D 541 12.19 41.30 -16.94
C LYS D 541 12.75 40.86 -15.59
N SER D 542 11.88 40.56 -14.62
CA SER D 542 12.33 40.18 -13.25
C SER D 542 12.99 38.80 -13.26
N LEU D 543 12.94 38.07 -14.39
CA LEU D 543 13.63 36.78 -14.41
C LEU D 543 15.12 37.00 -14.25
N ALA D 544 15.71 36.34 -13.25
CA ALA D 544 17.17 36.48 -13.01
C ALA D 544 17.88 35.19 -13.41
N PHE D 545 17.17 34.06 -13.36
CA PHE D 545 17.80 32.75 -13.68
C PHE D 545 16.93 31.98 -14.68
N PHE D 546 17.56 31.35 -15.67
CA PHE D 546 16.80 30.58 -16.70
C PHE D 546 17.66 29.37 -17.11
N ASN D 547 17.32 28.19 -16.64
CA ASN D 547 18.12 27.12 -17.07
C ASN D 547 17.64 26.78 -18.46
N LEU D 548 18.60 26.53 -19.36
CA LEU D 548 18.32 26.08 -20.75
C LEU D 548 19.31 24.96 -21.07
N THR D 549 19.70 24.17 -20.07
CA THR D 549 20.73 23.12 -20.29
C THR D 549 20.08 21.78 -20.64
N ASN D 550 20.88 20.79 -21.06
CA ASN D 550 20.36 19.47 -21.50
C ASN D 550 19.13 19.64 -22.38
N ASN D 551 19.09 20.72 -23.17
CA ASN D 551 17.98 20.92 -24.10
C ASN D 551 18.40 20.40 -25.48
N SER D 552 17.60 20.71 -26.50
CA SER D 552 17.89 20.32 -27.87
C SER D 552 17.54 21.45 -28.83
N VAL D 553 17.90 22.68 -28.46
CA VAL D 553 17.60 23.82 -29.32
C VAL D 553 18.30 23.65 -30.66
N ALA D 554 17.55 23.82 -31.74
CA ALA D 554 18.07 23.68 -33.09
C ALA D 554 18.44 25.05 -33.64
N CYS D 555 19.73 25.24 -33.92
CA CYS D 555 20.25 26.52 -34.39
C CYS D 555 20.50 26.41 -35.89
N ILE D 556 19.55 25.80 -36.61
CA ILE D 556 19.65 25.70 -38.10
C ILE D 556 18.80 26.89 -38.60
N CYS D 557 19.15 28.11 -38.17
CA CYS D 557 18.38 29.33 -38.56
C CYS D 557 16.91 29.15 -38.17
N GLU D 558 16.61 28.19 -37.29
CA GLU D 558 15.22 27.94 -36.83
C GLU D 558 14.86 29.06 -35.85
N HIS D 559 13.98 29.98 -36.25
CA HIS D 559 13.66 31.17 -35.40
C HIS D 559 14.94 31.96 -35.17
N GLN D 560 15.47 32.59 -36.23
CA GLN D 560 16.73 33.38 -36.11
C GLN D 560 16.58 34.41 -34.97
N LYS D 561 15.37 34.97 -34.80
CA LYS D 561 15.14 35.95 -33.72
C LYS D 561 15.51 35.30 -32.37
N PHE D 562 15.03 34.08 -32.13
CA PHE D 562 15.31 33.41 -30.86
C PHE D 562 16.79 33.07 -30.76
N LEU D 563 17.39 32.57 -31.84
CA LEU D 563 18.79 32.22 -31.81
C LEU D 563 19.67 33.43 -31.51
N GLN D 564 19.13 34.64 -31.72
CA GLN D 564 19.90 35.88 -31.43
C GLN D 564 19.61 36.28 -29.98
N TRP D 565 18.34 36.26 -29.58
CA TRP D 565 17.92 36.61 -28.19
C TRP D 565 18.65 35.73 -27.18
N VAL D 566 18.90 34.46 -27.52
CA VAL D 566 19.52 33.50 -26.55
C VAL D 566 20.99 33.86 -26.26
N LYS D 567 21.67 34.57 -27.17
CA LYS D 567 23.09 34.83 -26.96
C LYS D 567 23.19 36.32 -26.67
N GLU D 568 22.07 37.05 -26.71
CA GLU D 568 22.10 38.47 -26.41
C GLU D 568 21.74 38.75 -24.96
N GLN D 569 20.58 38.25 -24.53
CA GLN D 569 20.14 38.42 -23.11
C GLN D 569 20.63 37.21 -22.33
N LYS D 570 21.97 37.02 -22.28
CA LYS D 570 22.57 35.82 -21.65
C LYS D 570 23.15 36.14 -20.28
N GLN D 571 23.11 37.40 -19.85
CA GLN D 571 23.53 37.71 -18.50
C GLN D 571 22.57 37.12 -17.48
N PHE D 572 21.48 36.51 -17.92
CA PHE D 572 20.52 35.83 -17.07
C PHE D 572 20.57 34.32 -17.21
N LEU D 573 20.72 33.81 -18.42
CA LEU D 573 20.78 32.37 -18.62
C LEU D 573 21.87 31.76 -17.76
N VAL D 574 21.77 30.45 -17.58
CA VAL D 574 22.69 29.71 -16.74
C VAL D 574 23.61 28.89 -17.63
N ASN D 575 24.92 29.07 -17.42
CA ASN D 575 25.92 28.32 -18.17
C ASN D 575 25.74 28.49 -19.67
N VAL D 576 25.58 29.75 -20.10
CA VAL D 576 25.51 30.03 -21.53
C VAL D 576 26.71 29.42 -22.24
N GLU D 577 27.78 29.12 -21.50
CA GLU D 577 29.03 28.66 -22.09
C GLU D 577 28.81 27.46 -23.01
N GLN D 578 28.38 26.34 -22.44
CA GLN D 578 28.31 25.09 -23.20
C GLN D 578 26.92 24.88 -23.79
N MET D 579 26.46 25.82 -24.60
CA MET D 579 25.16 25.72 -25.26
C MET D 579 25.35 25.07 -26.62
N THR D 580 25.34 23.74 -26.66
CA THR D 580 25.51 23.02 -27.94
C THR D 580 24.24 23.12 -28.77
N CYS D 581 24.34 22.97 -30.09
CA CYS D 581 23.12 22.92 -30.94
C CYS D 581 22.90 21.45 -31.29
N ALA D 582 21.73 21.10 -31.82
CA ALA D 582 21.43 19.66 -32.06
C ALA D 582 21.05 19.40 -33.51
N THR D 583 21.23 20.39 -34.39
CA THR D 583 20.99 20.13 -35.83
C THR D 583 22.32 20.32 -36.57
N PRO D 584 22.91 19.33 -37.31
CA PRO D 584 24.19 19.57 -38.01
C PRO D 584 24.26 20.94 -38.72
N VAL D 585 25.23 21.78 -38.33
CA VAL D 585 26.41 21.33 -37.53
C VAL D 585 26.18 21.60 -36.04
N GLU D 586 26.70 20.72 -35.18
CA GLU D 586 26.53 20.88 -33.70
C GLU D 586 27.74 21.63 -33.14
N MET D 587 28.14 21.33 -31.89
CA MET D 587 29.26 22.10 -31.27
C MET D 587 29.35 23.61 -31.55
N ASN D 588 28.24 24.32 -31.51
CA ASN D 588 28.27 25.78 -31.82
C ASN D 588 27.64 26.60 -30.69
N THR D 589 27.62 27.94 -30.81
CA THR D 589 26.95 28.78 -29.82
C THR D 589 26.22 29.96 -30.45
N SER D 590 26.79 30.54 -31.52
CA SER D 590 26.21 31.71 -32.18
C SER D 590 25.76 31.36 -33.58
N LEU D 591 24.71 32.06 -34.03
CA LEU D 591 24.20 31.91 -35.43
C LEU D 591 24.71 33.12 -36.22
N VAL D 592 24.98 32.96 -37.52
CA VAL D 592 25.58 34.06 -38.34
C VAL D 592 24.70 35.32 -38.39
N LEU D 593 23.38 35.19 -38.51
CA LEU D 593 22.50 36.37 -38.69
C LEU D 593 22.44 37.23 -37.41
N ASP D 594 22.83 38.51 -37.50
CA ASP D 594 22.68 39.38 -36.34
C ASP D 594 21.54 40.37 -36.61
N PHE D 595 20.83 40.74 -35.56
CA PHE D 595 19.77 41.74 -35.66
C PHE D 595 18.79 41.46 -36.77
#